data_1RNL
# 
_entry.id   1RNL 
# 
_audit_conform.dict_name       mmcif_pdbx.dic 
_audit_conform.dict_version    5.386 
_audit_conform.dict_location   http://mmcif.pdb.org/dictionaries/ascii/mmcif_pdbx.dic 
# 
loop_
_database_2.database_id 
_database_2.database_code 
_database_2.pdbx_database_accession 
_database_2.pdbx_DOI 
PDB   1RNL         pdb_00001rnl 10.2210/pdb1rnl/pdb 
WWPDB D_1000176139 ?            ?                   
# 
loop_
_pdbx_audit_revision_history.ordinal 
_pdbx_audit_revision_history.data_content_type 
_pdbx_audit_revision_history.major_revision 
_pdbx_audit_revision_history.minor_revision 
_pdbx_audit_revision_history.revision_date 
1 'Structure model' 1 0 1996-11-08 
2 'Structure model' 1 1 2008-03-24 
3 'Structure model' 1 2 2011-07-13 
4 'Structure model' 1 3 2024-02-14 
# 
_pdbx_audit_revision_details.ordinal             1 
_pdbx_audit_revision_details.revision_ordinal    1 
_pdbx_audit_revision_details.data_content_type   'Structure model' 
_pdbx_audit_revision_details.provider            repository 
_pdbx_audit_revision_details.type                'Initial release' 
_pdbx_audit_revision_details.description         ? 
_pdbx_audit_revision_details.details             ? 
# 
loop_
_pdbx_audit_revision_group.ordinal 
_pdbx_audit_revision_group.revision_ordinal 
_pdbx_audit_revision_group.data_content_type 
_pdbx_audit_revision_group.group 
1 2 'Structure model' 'Version format compliance' 
2 3 'Structure model' 'Derived calculations'      
3 3 'Structure model' 'Source and taxonomy'       
4 3 'Structure model' 'Version format compliance' 
5 4 'Structure model' 'Data collection'           
6 4 'Structure model' 'Database references'       
7 4 'Structure model' 'Derived calculations'      
8 4 'Structure model' Other                       
# 
loop_
_pdbx_audit_revision_category.ordinal 
_pdbx_audit_revision_category.revision_ordinal 
_pdbx_audit_revision_category.data_content_type 
_pdbx_audit_revision_category.category 
1 4 'Structure model' chem_comp_atom         
2 4 'Structure model' chem_comp_bond         
3 4 'Structure model' database_2             
4 4 'Structure model' pdbx_database_status   
5 4 'Structure model' pdbx_struct_conn_angle 
6 4 'Structure model' struct_conn            
7 4 'Structure model' struct_site            
# 
loop_
_pdbx_audit_revision_item.ordinal 
_pdbx_audit_revision_item.revision_ordinal 
_pdbx_audit_revision_item.data_content_type 
_pdbx_audit_revision_item.item 
1  4 'Structure model' '_database_2.pdbx_DOI'                        
2  4 'Structure model' '_database_2.pdbx_database_accession'         
3  4 'Structure model' '_pdbx_database_status.process_site'          
4  4 'Structure model' '_pdbx_struct_conn_angle.ptnr1_auth_comp_id'  
5  4 'Structure model' '_pdbx_struct_conn_angle.ptnr1_auth_seq_id'   
6  4 'Structure model' '_pdbx_struct_conn_angle.ptnr1_label_asym_id' 
7  4 'Structure model' '_pdbx_struct_conn_angle.ptnr1_label_atom_id' 
8  4 'Structure model' '_pdbx_struct_conn_angle.ptnr1_label_comp_id' 
9  4 'Structure model' '_pdbx_struct_conn_angle.ptnr1_label_seq_id'  
10 4 'Structure model' '_pdbx_struct_conn_angle.ptnr3_auth_comp_id'  
11 4 'Structure model' '_pdbx_struct_conn_angle.ptnr3_auth_seq_id'   
12 4 'Structure model' '_pdbx_struct_conn_angle.ptnr3_label_asym_id' 
13 4 'Structure model' '_pdbx_struct_conn_angle.ptnr3_label_atom_id' 
14 4 'Structure model' '_pdbx_struct_conn_angle.ptnr3_label_comp_id' 
15 4 'Structure model' '_pdbx_struct_conn_angle.ptnr3_label_seq_id'  
16 4 'Structure model' '_pdbx_struct_conn_angle.value'               
17 4 'Structure model' '_struct_conn.pdbx_dist_value'                
18 4 'Structure model' '_struct_conn.ptnr1_auth_comp_id'             
19 4 'Structure model' '_struct_conn.ptnr1_auth_seq_id'              
20 4 'Structure model' '_struct_conn.ptnr1_label_asym_id'            
21 4 'Structure model' '_struct_conn.ptnr1_label_atom_id'            
22 4 'Structure model' '_struct_conn.ptnr1_label_comp_id'            
23 4 'Structure model' '_struct_conn.ptnr1_label_seq_id'             
24 4 'Structure model' '_struct_conn.ptnr2_auth_comp_id'             
25 4 'Structure model' '_struct_conn.ptnr2_auth_seq_id'              
26 4 'Structure model' '_struct_conn.ptnr2_label_asym_id'            
27 4 'Structure model' '_struct_conn.ptnr2_label_atom_id'            
28 4 'Structure model' '_struct_conn.ptnr2_label_comp_id'            
29 4 'Structure model' '_struct_conn.ptnr2_label_seq_id'             
30 4 'Structure model' '_struct_conn.ptnr2_symmetry'                 
31 4 'Structure model' '_struct_site.pdbx_auth_asym_id'              
32 4 'Structure model' '_struct_site.pdbx_auth_comp_id'              
33 4 'Structure model' '_struct_site.pdbx_auth_seq_id'               
# 
_pdbx_database_status.status_code                     REL 
_pdbx_database_status.entry_id                        1RNL 
_pdbx_database_status.recvd_initial_deposition_date   1996-04-17 
_pdbx_database_status.deposit_site                    ? 
_pdbx_database_status.process_site                    BNL 
_pdbx_database_status.status_code_sf                  REL 
_pdbx_database_status.status_code_mr                  ? 
_pdbx_database_status.SG_entry                        ? 
_pdbx_database_status.pdb_format_compatible           Y 
_pdbx_database_status.status_code_cs                  ? 
_pdbx_database_status.status_code_nmr_data            ? 
_pdbx_database_status.methods_development_category    ? 
# 
loop_
_audit_author.name 
_audit_author.pdbx_ordinal 
'Baikalov, I.'           1 
'Schroder, I.'           2 
'Kaczor-Grzeskowiak, M.' 3 
'Grzeskowiak, K.'        4 
'Gunsalus, R.P.'         5 
'Dickerson, R.E.'        6 
# 
_citation.id                        primary 
_citation.title                     'Structure of the Escherichia coli response regulator NarL.' 
_citation.journal_abbrev            Biochemistry 
_citation.journal_volume            35 
_citation.page_first                11053 
_citation.page_last                 11061 
_citation.year                      1996 
_citation.journal_id_ASTM           BICHAW 
_citation.country                   US 
_citation.journal_id_ISSN           0006-2960 
_citation.journal_id_CSD            0033 
_citation.book_publisher            ? 
_citation.pdbx_database_id_PubMed   8780507 
_citation.pdbx_database_id_DOI      10.1021/bi960919o 
# 
loop_
_citation_author.citation_id 
_citation_author.name 
_citation_author.ordinal 
_citation_author.identifier_ORCID 
primary 'Baikalov, I.'           1 ? 
primary 'Schroder, I.'           2 ? 
primary 'Kaczor-Grzeskowiak, M.' 3 ? 
primary 'Grzeskowiak, K.'        4 ? 
primary 'Gunsalus, R.P.'         5 ? 
primary 'Dickerson, R.E.'        6 ? 
# 
loop_
_entity.id 
_entity.type 
_entity.src_method 
_entity.pdbx_description 
_entity.formula_weight 
_entity.pdbx_number_of_molecules 
_entity.pdbx_ec 
_entity.pdbx_mutation 
_entity.pdbx_fragment 
_entity.details 
1 polymer     man 'NITRATE/NITRITE RESPONSE REGULATOR PROTEIN NARL' 23828.623 1  ? ? 'RESIDUES 2 - 216 OF THE WILD TYPE NARL' ? 
2 non-polymer syn 'PLATINUM (II) ION'                               195.078   6  ? ? ?                                        ? 
3 non-polymer syn GLYCEROL                                          92.094    3  ? ? ?                                        ? 
4 water       nat water                                             18.015    70 ? ? ?                                        ? 
# 
_entity_poly.entity_id                      1 
_entity_poly.type                           'polypeptide(L)' 
_entity_poly.nstd_linkage                   no 
_entity_poly.nstd_monomer                   no 
_entity_poly.pdbx_seq_one_letter_code       
;SNQEPATILLIDDHPMLRTGVKQLISMAPDITVVGEASNGEQGIELAESLDPDLILLDLNMPGMNGLETLDKLREKSLSG
RIVVFSVSNHEEDVVTALKRGADGYLLKDMEPEDLLKALHQAAAGEMVLSEALTPVLAASLRANRATTERDVNQLTPRER
DILKLIAQGLPNKMIARRLDITESTVKVHVKHMLKKMKLKSRVEAAVWVHQERIF
;
_entity_poly.pdbx_seq_one_letter_code_can   
;SNQEPATILLIDDHPMLRTGVKQLISMAPDITVVGEASNGEQGIELAESLDPDLILLDLNMPGMNGLETLDKLREKSLSG
RIVVFSVSNHEEDVVTALKRGADGYLLKDMEPEDLLKALHQAAAGEMVLSEALTPVLAASLRANRATTERDVNQLTPRER
DILKLIAQGLPNKMIARRLDITESTVKVHVKHMLKKMKLKSRVEAAVWVHQERIF
;
_entity_poly.pdbx_strand_id                 A 
_entity_poly.pdbx_target_identifier         ? 
# 
loop_
_pdbx_entity_nonpoly.entity_id 
_pdbx_entity_nonpoly.name 
_pdbx_entity_nonpoly.comp_id 
2 'PLATINUM (II) ION' PT  
3 GLYCEROL            GOL 
4 water               HOH 
# 
loop_
_entity_poly_seq.entity_id 
_entity_poly_seq.num 
_entity_poly_seq.mon_id 
_entity_poly_seq.hetero 
1 1   SER n 
1 2   ASN n 
1 3   GLN n 
1 4   GLU n 
1 5   PRO n 
1 6   ALA n 
1 7   THR n 
1 8   ILE n 
1 9   LEU n 
1 10  LEU n 
1 11  ILE n 
1 12  ASP n 
1 13  ASP n 
1 14  HIS n 
1 15  PRO n 
1 16  MET n 
1 17  LEU n 
1 18  ARG n 
1 19  THR n 
1 20  GLY n 
1 21  VAL n 
1 22  LYS n 
1 23  GLN n 
1 24  LEU n 
1 25  ILE n 
1 26  SER n 
1 27  MET n 
1 28  ALA n 
1 29  PRO n 
1 30  ASP n 
1 31  ILE n 
1 32  THR n 
1 33  VAL n 
1 34  VAL n 
1 35  GLY n 
1 36  GLU n 
1 37  ALA n 
1 38  SER n 
1 39  ASN n 
1 40  GLY n 
1 41  GLU n 
1 42  GLN n 
1 43  GLY n 
1 44  ILE n 
1 45  GLU n 
1 46  LEU n 
1 47  ALA n 
1 48  GLU n 
1 49  SER n 
1 50  LEU n 
1 51  ASP n 
1 52  PRO n 
1 53  ASP n 
1 54  LEU n 
1 55  ILE n 
1 56  LEU n 
1 57  LEU n 
1 58  ASP n 
1 59  LEU n 
1 60  ASN n 
1 61  MET n 
1 62  PRO n 
1 63  GLY n 
1 64  MET n 
1 65  ASN n 
1 66  GLY n 
1 67  LEU n 
1 68  GLU n 
1 69  THR n 
1 70  LEU n 
1 71  ASP n 
1 72  LYS n 
1 73  LEU n 
1 74  ARG n 
1 75  GLU n 
1 76  LYS n 
1 77  SER n 
1 78  LEU n 
1 79  SER n 
1 80  GLY n 
1 81  ARG n 
1 82  ILE n 
1 83  VAL n 
1 84  VAL n 
1 85  PHE n 
1 86  SER n 
1 87  VAL n 
1 88  SER n 
1 89  ASN n 
1 90  HIS n 
1 91  GLU n 
1 92  GLU n 
1 93  ASP n 
1 94  VAL n 
1 95  VAL n 
1 96  THR n 
1 97  ALA n 
1 98  LEU n 
1 99  LYS n 
1 100 ARG n 
1 101 GLY n 
1 102 ALA n 
1 103 ASP n 
1 104 GLY n 
1 105 TYR n 
1 106 LEU n 
1 107 LEU n 
1 108 LYS n 
1 109 ASP n 
1 110 MET n 
1 111 GLU n 
1 112 PRO n 
1 113 GLU n 
1 114 ASP n 
1 115 LEU n 
1 116 LEU n 
1 117 LYS n 
1 118 ALA n 
1 119 LEU n 
1 120 HIS n 
1 121 GLN n 
1 122 ALA n 
1 123 ALA n 
1 124 ALA n 
1 125 GLY n 
1 126 GLU n 
1 127 MET n 
1 128 VAL n 
1 129 LEU n 
1 130 SER n 
1 131 GLU n 
1 132 ALA n 
1 133 LEU n 
1 134 THR n 
1 135 PRO n 
1 136 VAL n 
1 137 LEU n 
1 138 ALA n 
1 139 ALA n 
1 140 SER n 
1 141 LEU n 
1 142 ARG n 
1 143 ALA n 
1 144 ASN n 
1 145 ARG n 
1 146 ALA n 
1 147 THR n 
1 148 THR n 
1 149 GLU n 
1 150 ARG n 
1 151 ASP n 
1 152 VAL n 
1 153 ASN n 
1 154 GLN n 
1 155 LEU n 
1 156 THR n 
1 157 PRO n 
1 158 ARG n 
1 159 GLU n 
1 160 ARG n 
1 161 ASP n 
1 162 ILE n 
1 163 LEU n 
1 164 LYS n 
1 165 LEU n 
1 166 ILE n 
1 167 ALA n 
1 168 GLN n 
1 169 GLY n 
1 170 LEU n 
1 171 PRO n 
1 172 ASN n 
1 173 LYS n 
1 174 MET n 
1 175 ILE n 
1 176 ALA n 
1 177 ARG n 
1 178 ARG n 
1 179 LEU n 
1 180 ASP n 
1 181 ILE n 
1 182 THR n 
1 183 GLU n 
1 184 SER n 
1 185 THR n 
1 186 VAL n 
1 187 LYS n 
1 188 VAL n 
1 189 HIS n 
1 190 VAL n 
1 191 LYS n 
1 192 HIS n 
1 193 MET n 
1 194 LEU n 
1 195 LYS n 
1 196 LYS n 
1 197 MET n 
1 198 LYS n 
1 199 LEU n 
1 200 LYS n 
1 201 SER n 
1 202 ARG n 
1 203 VAL n 
1 204 GLU n 
1 205 ALA n 
1 206 ALA n 
1 207 VAL n 
1 208 TRP n 
1 209 VAL n 
1 210 HIS n 
1 211 GLN n 
1 212 GLU n 
1 213 ARG n 
1 214 ILE n 
1 215 PHE n 
# 
_entity_src_gen.entity_id                          1 
_entity_src_gen.pdbx_src_id                        1 
_entity_src_gen.pdbx_alt_source_flag               sample 
_entity_src_gen.pdbx_seq_type                      ? 
_entity_src_gen.pdbx_beg_seq_num                   ? 
_entity_src_gen.pdbx_end_seq_num                   ? 
_entity_src_gen.gene_src_common_name               ? 
_entity_src_gen.gene_src_genus                     Escherichia 
_entity_src_gen.pdbx_gene_src_gene                 ? 
_entity_src_gen.gene_src_species                   'Escherichia coli' 
_entity_src_gen.gene_src_strain                    W3110 
_entity_src_gen.gene_src_tissue                    ? 
_entity_src_gen.gene_src_tissue_fraction           ? 
_entity_src_gen.gene_src_details                   ? 
_entity_src_gen.pdbx_gene_src_fragment             ? 
_entity_src_gen.pdbx_gene_src_scientific_name      'Escherichia coli str. K12 substr.' 
_entity_src_gen.pdbx_gene_src_ncbi_taxonomy_id     316407 
_entity_src_gen.pdbx_gene_src_variant              ? 
_entity_src_gen.pdbx_gene_src_cell_line            ? 
_entity_src_gen.pdbx_gene_src_atcc                 ? 
_entity_src_gen.pdbx_gene_src_organ                ? 
_entity_src_gen.pdbx_gene_src_organelle            ? 
_entity_src_gen.pdbx_gene_src_cell                 ? 
_entity_src_gen.pdbx_gene_src_cellular_location    ? 
_entity_src_gen.host_org_common_name               ? 
_entity_src_gen.pdbx_host_org_scientific_name      'Escherichia coli' 
_entity_src_gen.pdbx_host_org_ncbi_taxonomy_id     562 
_entity_src_gen.host_org_genus                     Escherichia 
_entity_src_gen.pdbx_host_org_gene                 ? 
_entity_src_gen.pdbx_host_org_organ                ? 
_entity_src_gen.host_org_species                   ? 
_entity_src_gen.pdbx_host_org_tissue               ? 
_entity_src_gen.pdbx_host_org_tissue_fraction      ? 
_entity_src_gen.pdbx_host_org_strain               JM109 
_entity_src_gen.pdbx_host_org_variant              ? 
_entity_src_gen.pdbx_host_org_cell_line            ? 
_entity_src_gen.pdbx_host_org_atcc                 ? 
_entity_src_gen.pdbx_host_org_culture_collection   ? 
_entity_src_gen.pdbx_host_org_cell                 ? 
_entity_src_gen.pdbx_host_org_organelle            ? 
_entity_src_gen.pdbx_host_org_cellular_location    ? 
_entity_src_gen.pdbx_host_org_vector_type          ? 
_entity_src_gen.pdbx_host_org_vector               ? 
_entity_src_gen.host_org_details                   ? 
_entity_src_gen.expression_system_id               ? 
_entity_src_gen.plasmid_name                       PHXL-1 
_entity_src_gen.plasmid_details                    ? 
_entity_src_gen.pdbx_description                   'T7 PROMOTER' 
# 
loop_
_chem_comp.id 
_chem_comp.type 
_chem_comp.mon_nstd_flag 
_chem_comp.name 
_chem_comp.pdbx_synonyms 
_chem_comp.formula 
_chem_comp.formula_weight 
ALA 'L-peptide linking' y ALANINE             ?                               'C3 H7 N O2'     89.093  
ARG 'L-peptide linking' y ARGININE            ?                               'C6 H15 N4 O2 1' 175.209 
ASN 'L-peptide linking' y ASPARAGINE          ?                               'C4 H8 N2 O3'    132.118 
ASP 'L-peptide linking' y 'ASPARTIC ACID'     ?                               'C4 H7 N O4'     133.103 
GLN 'L-peptide linking' y GLUTAMINE           ?                               'C5 H10 N2 O3'   146.144 
GLU 'L-peptide linking' y 'GLUTAMIC ACID'     ?                               'C5 H9 N O4'     147.129 
GLY 'peptide linking'   y GLYCINE             ?                               'C2 H5 N O2'     75.067  
GOL non-polymer         . GLYCEROL            'GLYCERIN; PROPANE-1,2,3-TRIOL' 'C3 H8 O3'       92.094  
HIS 'L-peptide linking' y HISTIDINE           ?                               'C6 H10 N3 O2 1' 156.162 
HOH non-polymer         . WATER               ?                               'H2 O'           18.015  
ILE 'L-peptide linking' y ISOLEUCINE          ?                               'C6 H13 N O2'    131.173 
LEU 'L-peptide linking' y LEUCINE             ?                               'C6 H13 N O2'    131.173 
LYS 'L-peptide linking' y LYSINE              ?                               'C6 H15 N2 O2 1' 147.195 
MET 'L-peptide linking' y METHIONINE          ?                               'C5 H11 N O2 S'  149.211 
PHE 'L-peptide linking' y PHENYLALANINE       ?                               'C9 H11 N O2'    165.189 
PRO 'L-peptide linking' y PROLINE             ?                               'C5 H9 N O2'     115.130 
PT  non-polymer         . 'PLATINUM (II) ION' ?                               'Pt 2'           195.078 
SER 'L-peptide linking' y SERINE              ?                               'C3 H7 N O3'     105.093 
THR 'L-peptide linking' y THREONINE           ?                               'C4 H9 N O3'     119.119 
TRP 'L-peptide linking' y TRYPTOPHAN          ?                               'C11 H12 N2 O2'  204.225 
TYR 'L-peptide linking' y TYROSINE            ?                               'C9 H11 N O3'    181.189 
VAL 'L-peptide linking' y VALINE              ?                               'C5 H11 N O2'    117.146 
# 
loop_
_pdbx_poly_seq_scheme.asym_id 
_pdbx_poly_seq_scheme.entity_id 
_pdbx_poly_seq_scheme.seq_id 
_pdbx_poly_seq_scheme.mon_id 
_pdbx_poly_seq_scheme.ndb_seq_num 
_pdbx_poly_seq_scheme.pdb_seq_num 
_pdbx_poly_seq_scheme.auth_seq_num 
_pdbx_poly_seq_scheme.pdb_mon_id 
_pdbx_poly_seq_scheme.auth_mon_id 
_pdbx_poly_seq_scheme.pdb_strand_id 
_pdbx_poly_seq_scheme.pdb_ins_code 
_pdbx_poly_seq_scheme.hetero 
A 1 1   SER 1   2   ?   ?   ?   A . n 
A 1 2   ASN 2   3   ?   ?   ?   A . n 
A 1 3   GLN 3   4   ?   ?   ?   A . n 
A 1 4   GLU 4   5   5   GLU GLU A . n 
A 1 5   PRO 5   6   6   PRO PRO A . n 
A 1 6   ALA 6   7   7   ALA ALA A . n 
A 1 7   THR 7   8   8   THR THR A . n 
A 1 8   ILE 8   9   9   ILE ILE A . n 
A 1 9   LEU 9   10  10  LEU LEU A . n 
A 1 10  LEU 10  11  11  LEU LEU A . n 
A 1 11  ILE 11  12  12  ILE ILE A . n 
A 1 12  ASP 12  13  13  ASP ASP A . n 
A 1 13  ASP 13  14  14  ASP ASP A . n 
A 1 14  HIS 14  15  15  HIS HIS A . n 
A 1 15  PRO 15  16  16  PRO PRO A . n 
A 1 16  MET 16  17  17  MET MET A . n 
A 1 17  LEU 17  18  18  LEU LEU A . n 
A 1 18  ARG 18  19  19  ARG ARG A . n 
A 1 19  THR 19  20  20  THR THR A . n 
A 1 20  GLY 20  21  21  GLY GLY A . n 
A 1 21  VAL 21  22  22  VAL VAL A . n 
A 1 22  LYS 22  23  23  LYS LYS A . n 
A 1 23  GLN 23  24  24  GLN GLN A . n 
A 1 24  LEU 24  25  25  LEU LEU A . n 
A 1 25  ILE 25  26  26  ILE ILE A . n 
A 1 26  SER 26  27  27  SER SER A . n 
A 1 27  MET 27  28  28  MET MET A . n 
A 1 28  ALA 28  29  29  ALA ALA A . n 
A 1 29  PRO 29  30  30  PRO PRO A . n 
A 1 30  ASP 30  31  31  ASP ASP A . n 
A 1 31  ILE 31  32  32  ILE ILE A . n 
A 1 32  THR 32  33  33  THR THR A . n 
A 1 33  VAL 33  34  34  VAL VAL A . n 
A 1 34  VAL 34  35  35  VAL VAL A . n 
A 1 35  GLY 35  36  36  GLY GLY A . n 
A 1 36  GLU 36  37  37  GLU GLU A . n 
A 1 37  ALA 37  38  38  ALA ALA A . n 
A 1 38  SER 38  39  39  SER SER A . n 
A 1 39  ASN 39  40  40  ASN ASN A . n 
A 1 40  GLY 40  41  41  GLY GLY A . n 
A 1 41  GLU 41  42  42  GLU GLU A . n 
A 1 42  GLN 42  43  43  GLN GLN A . n 
A 1 43  GLY 43  44  44  GLY GLY A . n 
A 1 44  ILE 44  45  45  ILE ILE A . n 
A 1 45  GLU 45  46  46  GLU GLU A . n 
A 1 46  LEU 46  47  47  LEU LEU A . n 
A 1 47  ALA 47  48  48  ALA ALA A . n 
A 1 48  GLU 48  49  49  GLU GLU A . n 
A 1 49  SER 49  50  50  SER SER A . n 
A 1 50  LEU 50  51  51  LEU LEU A . n 
A 1 51  ASP 51  52  52  ASP ASP A . n 
A 1 52  PRO 52  53  53  PRO PRO A . n 
A 1 53  ASP 53  54  54  ASP ASP A . n 
A 1 54  LEU 54  55  55  LEU LEU A . n 
A 1 55  ILE 55  56  56  ILE ILE A . n 
A 1 56  LEU 56  57  57  LEU LEU A . n 
A 1 57  LEU 57  58  58  LEU LEU A . n 
A 1 58  ASP 58  59  59  ASP ASP A . n 
A 1 59  LEU 59  60  60  LEU LEU A . n 
A 1 60  ASN 60  61  61  ASN ASN A . n 
A 1 61  MET 61  62  62  MET MET A . n 
A 1 62  PRO 62  63  63  PRO PRO A . n 
A 1 63  GLY 63  64  64  GLY GLY A . n 
A 1 64  MET 64  65  65  MET MET A . n 
A 1 65  ASN 65  66  66  ASN ASN A . n 
A 1 66  GLY 66  67  67  GLY GLY A . n 
A 1 67  LEU 67  68  68  LEU LEU A . n 
A 1 68  GLU 68  69  69  GLU GLU A . n 
A 1 69  THR 69  70  70  THR THR A . n 
A 1 70  LEU 70  71  71  LEU LEU A . n 
A 1 71  ASP 71  72  72  ASP ASP A . n 
A 1 72  LYS 72  73  73  LYS LYS A . n 
A 1 73  LEU 73  74  74  LEU LEU A . n 
A 1 74  ARG 74  75  75  ARG ARG A . n 
A 1 75  GLU 75  76  76  GLU GLU A . n 
A 1 76  LYS 76  77  77  LYS LYS A . n 
A 1 77  SER 77  78  78  SER SER A . n 
A 1 78  LEU 78  79  79  LEU LEU A . n 
A 1 79  SER 79  80  80  SER SER A . n 
A 1 80  GLY 80  81  81  GLY GLY A . n 
A 1 81  ARG 81  82  82  ARG ARG A . n 
A 1 82  ILE 82  83  83  ILE ILE A . n 
A 1 83  VAL 83  84  84  VAL VAL A . n 
A 1 84  VAL 84  85  85  VAL VAL A . n 
A 1 85  PHE 85  86  86  PHE PHE A . n 
A 1 86  SER 86  87  87  SER SER A . n 
A 1 87  VAL 87  88  88  VAL VAL A . n 
A 1 88  SER 88  89  89  SER SER A . n 
A 1 89  ASN 89  90  90  ASN ASN A . n 
A 1 90  HIS 90  91  91  HIS HIS A . n 
A 1 91  GLU 91  92  92  GLU GLU A . n 
A 1 92  GLU 92  93  93  GLU GLU A . n 
A 1 93  ASP 93  94  94  ASP ASP A . n 
A 1 94  VAL 94  95  95  VAL VAL A . n 
A 1 95  VAL 95  96  96  VAL VAL A . n 
A 1 96  THR 96  97  97  THR THR A . n 
A 1 97  ALA 97  98  98  ALA ALA A . n 
A 1 98  LEU 98  99  99  LEU LEU A . n 
A 1 99  LYS 99  100 100 LYS LYS A . n 
A 1 100 ARG 100 101 101 ARG ARG A . n 
A 1 101 GLY 101 102 102 GLY GLY A . n 
A 1 102 ALA 102 103 103 ALA ALA A . n 
A 1 103 ASP 103 104 104 ASP ASP A . n 
A 1 104 GLY 104 105 105 GLY GLY A . n 
A 1 105 TYR 105 106 106 TYR TYR A . n 
A 1 106 LEU 106 107 107 LEU LEU A . n 
A 1 107 LEU 107 108 108 LEU LEU A . n 
A 1 108 LYS 108 109 109 LYS LYS A . n 
A 1 109 ASP 109 110 110 ASP ASP A . n 
A 1 110 MET 110 111 111 MET MET A . n 
A 1 111 GLU 111 112 112 GLU GLU A . n 
A 1 112 PRO 112 113 113 PRO PRO A . n 
A 1 113 GLU 113 114 114 GLU GLU A . n 
A 1 114 ASP 114 115 115 ASP ASP A . n 
A 1 115 LEU 115 116 116 LEU LEU A . n 
A 1 116 LEU 116 117 117 LEU LEU A . n 
A 1 117 LYS 117 118 118 LYS LYS A . n 
A 1 118 ALA 118 119 119 ALA ALA A . n 
A 1 119 LEU 119 120 120 LEU LEU A . n 
A 1 120 HIS 120 121 121 HIS HIS A . n 
A 1 121 GLN 121 122 122 GLN GLN A . n 
A 1 122 ALA 122 123 123 ALA ALA A . n 
A 1 123 ALA 123 124 124 ALA ALA A . n 
A 1 124 ALA 124 125 125 ALA ALA A . n 
A 1 125 GLY 125 126 126 GLY GLY A . n 
A 1 126 GLU 126 127 127 GLU GLU A . n 
A 1 127 MET 127 128 128 MET MET A . n 
A 1 128 VAL 128 129 129 VAL VAL A . n 
A 1 129 LEU 129 130 130 LEU LEU A . n 
A 1 130 SER 130 131 131 SER SER A . n 
A 1 131 GLU 131 132 132 GLU GLU A . n 
A 1 132 ALA 132 133 133 ALA ALA A . n 
A 1 133 LEU 133 134 134 LEU LEU A . n 
A 1 134 THR 134 135 135 THR THR A . n 
A 1 135 PRO 135 136 136 PRO PRO A . n 
A 1 136 VAL 136 137 137 VAL VAL A . n 
A 1 137 LEU 137 138 138 LEU LEU A . n 
A 1 138 ALA 138 139 139 ALA ALA A . n 
A 1 139 ALA 139 140 140 ALA ALA A . n 
A 1 140 SER 140 141 141 SER SER A . n 
A 1 141 LEU 141 142 142 LEU LEU A . n 
A 1 142 ARG 142 143 ?   ?   ?   A . n 
A 1 143 ALA 143 144 ?   ?   ?   A . n 
A 1 144 ASN 144 145 ?   ?   ?   A . n 
A 1 145 ARG 145 146 ?   ?   ?   A . n 
A 1 146 ALA 146 147 ?   ?   ?   A . n 
A 1 147 THR 147 148 ?   ?   ?   A . n 
A 1 148 THR 148 149 ?   ?   ?   A . n 
A 1 149 GLU 149 150 ?   ?   ?   A . n 
A 1 150 ARG 150 151 ?   ?   ?   A . n 
A 1 151 ASP 151 152 ?   ?   ?   A . n 
A 1 152 VAL 152 153 ?   ?   ?   A . n 
A 1 153 ASN 153 154 ?   ?   ?   A . n 
A 1 154 GLN 154 155 155 GLN GLN A . n 
A 1 155 LEU 155 156 156 LEU LEU A . n 
A 1 156 THR 156 157 157 THR THR A . n 
A 1 157 PRO 157 158 158 PRO PRO A . n 
A 1 158 ARG 158 159 159 ARG ARG A . n 
A 1 159 GLU 159 160 160 GLU GLU A . n 
A 1 160 ARG 160 161 161 ARG ARG A . n 
A 1 161 ASP 161 162 162 ASP ASP A . n 
A 1 162 ILE 162 163 163 ILE ILE A . n 
A 1 163 LEU 163 164 164 LEU LEU A . n 
A 1 164 LYS 164 165 165 LYS LYS A . n 
A 1 165 LEU 165 166 166 LEU LEU A . n 
A 1 166 ILE 166 167 167 ILE ILE A . n 
A 1 167 ALA 167 168 168 ALA ALA A . n 
A 1 168 GLN 168 169 169 GLN GLN A . n 
A 1 169 GLY 169 170 170 GLY GLY A . n 
A 1 170 LEU 170 171 171 LEU LEU A . n 
A 1 171 PRO 171 172 172 PRO PRO A . n 
A 1 172 ASN 172 173 173 ASN ASN A . n 
A 1 173 LYS 173 174 174 LYS LYS A . n 
A 1 174 MET 174 175 175 MET MET A . n 
A 1 175 ILE 175 176 176 ILE ILE A . n 
A 1 176 ALA 176 177 177 ALA ALA A . n 
A 1 177 ARG 177 178 178 ARG ARG A . n 
A 1 178 ARG 178 179 179 ARG ARG A . n 
A 1 179 LEU 179 180 180 LEU LEU A . n 
A 1 180 ASP 180 181 181 ASP ASP A . n 
A 1 181 ILE 181 182 182 ILE ILE A . n 
A 1 182 THR 182 183 183 THR THR A . n 
A 1 183 GLU 183 184 184 GLU GLU A . n 
A 1 184 SER 184 185 185 SER SER A . n 
A 1 185 THR 185 186 186 THR THR A . n 
A 1 186 VAL 186 187 187 VAL VAL A . n 
A 1 187 LYS 187 188 188 LYS LYS A . n 
A 1 188 VAL 188 189 189 VAL VAL A . n 
A 1 189 HIS 189 190 190 HIS HIS A . n 
A 1 190 VAL 190 191 191 VAL VAL A . n 
A 1 191 LYS 191 192 192 LYS LYS A . n 
A 1 192 HIS 192 193 193 HIS HIS A . n 
A 1 193 MET 193 194 194 MET MET A . n 
A 1 194 LEU 194 195 195 LEU LEU A . n 
A 1 195 LYS 195 196 196 LYS LYS A . n 
A 1 196 LYS 196 197 197 LYS LYS A . n 
A 1 197 MET 197 198 198 MET MET A . n 
A 1 198 LYS 198 199 199 LYS LYS A . n 
A 1 199 LEU 199 200 200 LEU LEU A . n 
A 1 200 LYS 200 201 201 LYS LYS A . n 
A 1 201 SER 201 202 202 SER SER A . n 
A 1 202 ARG 202 203 203 ARG ARG A . n 
A 1 203 VAL 203 204 204 VAL VAL A . n 
A 1 204 GLU 204 205 205 GLU GLU A . n 
A 1 205 ALA 205 206 206 ALA ALA A . n 
A 1 206 ALA 206 207 207 ALA ALA A . n 
A 1 207 VAL 207 208 208 VAL VAL A . n 
A 1 208 TRP 208 209 209 TRP TRP A . n 
A 1 209 VAL 209 210 210 VAL VAL A . n 
A 1 210 HIS 210 211 211 HIS HIS A . n 
A 1 211 GLN 211 212 212 GLN GLN A . n 
A 1 212 GLU 212 213 213 GLU GLU A . n 
A 1 213 ARG 213 214 214 ARG ARG A . n 
A 1 214 ILE 214 215 215 ILE ILE A . n 
A 1 215 PHE 215 216 216 PHE PHE A . n 
# 
loop_
_pdbx_nonpoly_scheme.asym_id 
_pdbx_nonpoly_scheme.entity_id 
_pdbx_nonpoly_scheme.mon_id 
_pdbx_nonpoly_scheme.ndb_seq_num 
_pdbx_nonpoly_scheme.pdb_seq_num 
_pdbx_nonpoly_scheme.auth_seq_num 
_pdbx_nonpoly_scheme.pdb_mon_id 
_pdbx_nonpoly_scheme.auth_mon_id 
_pdbx_nonpoly_scheme.pdb_strand_id 
_pdbx_nonpoly_scheme.pdb_ins_code 
B 2 PT  1  301 301 PT  PT  A . 
C 2 PT  1  302 302 PT  PT  A . 
D 2 PT  1  303 303 PT  PT  A . 
E 2 PT  1  304 304 PT  PT  A . 
F 2 PT  1  305 305 PT  PT  A . 
G 2 PT  1  306 306 PT  PT  A . 
H 3 GOL 1  307 307 GOL GOL A . 
I 3 GOL 1  308 308 GOL GOL A . 
J 3 GOL 1  309 309 GOL GOL A . 
K 4 HOH 1  310 310 HOH HOH A . 
K 4 HOH 2  311 311 HOH HOH A . 
K 4 HOH 3  312 312 HOH HOH A . 
K 4 HOH 4  313 313 HOH HOH A . 
K 4 HOH 5  314 314 HOH HOH A . 
K 4 HOH 6  315 315 HOH HOH A . 
K 4 HOH 7  316 316 HOH HOH A . 
K 4 HOH 8  317 317 HOH HOH A . 
K 4 HOH 9  318 318 HOH HOH A . 
K 4 HOH 10 319 319 HOH HOH A . 
K 4 HOH 11 320 320 HOH HOH A . 
K 4 HOH 12 321 321 HOH HOH A . 
K 4 HOH 13 322 322 HOH HOH A . 
K 4 HOH 14 323 323 HOH HOH A . 
K 4 HOH 15 324 324 HOH HOH A . 
K 4 HOH 16 325 325 HOH HOH A . 
K 4 HOH 17 326 326 HOH HOH A . 
K 4 HOH 18 327 327 HOH HOH A . 
K 4 HOH 19 328 328 HOH HOH A . 
K 4 HOH 20 329 329 HOH HOH A . 
K 4 HOH 21 330 330 HOH HOH A . 
K 4 HOH 22 331 331 HOH HOH A . 
K 4 HOH 23 332 332 HOH HOH A . 
K 4 HOH 24 333 333 HOH HOH A . 
K 4 HOH 25 334 334 HOH HOH A . 
K 4 HOH 26 335 335 HOH HOH A . 
K 4 HOH 27 336 336 HOH HOH A . 
K 4 HOH 28 337 337 HOH HOH A . 
K 4 HOH 29 338 338 HOH HOH A . 
K 4 HOH 30 339 339 HOH HOH A . 
K 4 HOH 31 340 340 HOH HOH A . 
K 4 HOH 32 341 341 HOH HOH A . 
K 4 HOH 33 342 342 HOH HOH A . 
K 4 HOH 34 343 343 HOH HOH A . 
K 4 HOH 35 344 344 HOH HOH A . 
K 4 HOH 36 345 345 HOH HOH A . 
K 4 HOH 37 346 346 HOH HOH A . 
K 4 HOH 38 347 347 HOH HOH A . 
K 4 HOH 39 348 348 HOH HOH A . 
K 4 HOH 40 349 349 HOH HOH A . 
K 4 HOH 41 350 350 HOH HOH A . 
K 4 HOH 42 351 351 HOH HOH A . 
K 4 HOH 43 352 352 HOH HOH A . 
K 4 HOH 44 353 353 HOH HOH A . 
K 4 HOH 45 354 354 HOH HOH A . 
K 4 HOH 46 355 355 HOH HOH A . 
K 4 HOH 47 356 356 HOH HOH A . 
K 4 HOH 48 357 357 HOH HOH A . 
K 4 HOH 49 358 358 HOH HOH A . 
K 4 HOH 50 359 359 HOH HOH A . 
K 4 HOH 51 360 360 HOH HOH A . 
K 4 HOH 52 361 361 HOH HOH A . 
K 4 HOH 53 362 362 HOH HOH A . 
K 4 HOH 54 363 363 HOH HOH A . 
K 4 HOH 55 364 364 HOH HOH A . 
K 4 HOH 56 365 365 HOH HOH A . 
K 4 HOH 57 366 366 HOH HOH A . 
K 4 HOH 58 367 367 HOH HOH A . 
K 4 HOH 59 368 368 HOH HOH A . 
K 4 HOH 60 369 369 HOH HOH A . 
K 4 HOH 61 370 370 HOH HOH A . 
K 4 HOH 62 371 371 HOH HOH A . 
K 4 HOH 63 372 372 HOH HOH A . 
K 4 HOH 64 373 373 HOH HOH A . 
K 4 HOH 65 374 374 HOH HOH A . 
K 4 HOH 66 375 375 HOH HOH A . 
K 4 HOH 67 376 376 HOH HOH A . 
K 4 HOH 68 377 377 HOH HOH A . 
K 4 HOH 69 378 378 HOH HOH A . 
K 4 HOH 70 379 379 HOH HOH A . 
# 
loop_
_software.name 
_software.classification 
_software.version 
_software.citation_id 
_software.pdbx_ordinal 
X-PLOR    'model building' 3.1 ? 1 
X-PLOR    refinement       3.1 ? 2 
DENZO     'data reduction' .   ? 3 
SCALEPACK 'data scaling'   .   ? 4 
X-PLOR    phasing          3.1 ? 5 
# 
_cell.entry_id           1RNL 
_cell.length_a           61.037 
_cell.length_b           78.321 
_cell.length_c           115.720 
_cell.angle_alpha        90.00 
_cell.angle_beta         90.00 
_cell.angle_gamma        90.00 
_cell.Z_PDB              8 
_cell.pdbx_unique_axis   ? 
# 
_symmetry.entry_id                         1RNL 
_symmetry.space_group_name_H-M             'I 2 2 2' 
_symmetry.pdbx_full_space_group_name_H-M   ? 
_symmetry.cell_setting                     ? 
_symmetry.Int_Tables_number                23 
# 
_exptl.entry_id          1RNL 
_exptl.method            'X-RAY DIFFRACTION' 
_exptl.crystals_number   4 
# 
_exptl_crystal.id                    1 
_exptl_crystal.density_meas          ? 
_exptl_crystal.density_Matthews      2.88 
_exptl_crystal.density_percent_sol   55. 
_exptl_crystal.description           ? 
# 
_diffrn.id                     1 
_diffrn.ambient_temp           277 
_diffrn.ambient_temp_details   ? 
_diffrn.crystal_id             1 
# 
_diffrn_detector.diffrn_id              1 
_diffrn_detector.detector               'IMAGE PLATE' 
_diffrn_detector.type                   RIGAKU 
_diffrn_detector.pdbx_collection_date   1995-02-08 
_diffrn_detector.details                ? 
# 
_diffrn_radiation.diffrn_id                        1 
_diffrn_radiation.wavelength_id                    1 
_diffrn_radiation.pdbx_monochromatic_or_laue_m_l   M 
_diffrn_radiation.monochromator                    ? 
_diffrn_radiation.pdbx_diffrn_protocol             ? 
_diffrn_radiation.pdbx_scattering_type             x-ray 
# 
_diffrn_radiation_wavelength.id           1 
_diffrn_radiation_wavelength.wavelength   1.5418 
_diffrn_radiation_wavelength.wt           1.0 
# 
_diffrn_source.diffrn_id                   1 
_diffrn_source.source                      ? 
_diffrn_source.type                        ? 
_diffrn_source.pdbx_synchrotron_site       ? 
_diffrn_source.pdbx_synchrotron_beamline   ? 
_diffrn_source.pdbx_wavelength             1.5418 
_diffrn_source.pdbx_wavelength_list        ? 
# 
_reflns.entry_id                     1RNL 
_reflns.observed_criterion_sigma_I   0. 
_reflns.observed_criterion_sigma_F   ? 
_reflns.d_resolution_low             65. 
_reflns.d_resolution_high            2.40 
_reflns.number_obs                   11188 
_reflns.number_all                   ? 
_reflns.percent_possible_obs         99.87 
_reflns.pdbx_Rmerge_I_obs            0.0710000 
_reflns.pdbx_Rsym_value              ? 
_reflns.pdbx_netI_over_sigmaI        9.8 
_reflns.B_iso_Wilson_estimate        ? 
_reflns.pdbx_redundancy              5.4 
_reflns.pdbx_ordinal                 1 
_reflns.pdbx_diffrn_id               1 
# 
_reflns_shell.d_res_high             2.40 
_reflns_shell.d_res_low              2.44 
_reflns_shell.percent_possible_all   99.3 
_reflns_shell.Rmerge_I_obs           ? 
_reflns_shell.pdbx_Rsym_value        ? 
_reflns_shell.meanI_over_sigI_obs    ? 
_reflns_shell.pdbx_redundancy        ? 
_reflns_shell.pdbx_ordinal           1 
_reflns_shell.pdbx_diffrn_id         1 
# 
_refine.entry_id                                 1RNL 
_refine.ls_number_reflns_obs                     10844 
_refine.ls_number_reflns_all                     ? 
_refine.pdbx_ls_sigma_I                          ? 
_refine.pdbx_ls_sigma_F                          0.0 
_refine.pdbx_data_cutoff_high_absF               ? 
_refine.pdbx_data_cutoff_low_absF                ? 
_refine.pdbx_data_cutoff_high_rms_absF           ? 
_refine.ls_d_res_low                             8.0 
_refine.ls_d_res_high                            2.4 
_refine.ls_percent_reflns_obs                    99. 
_refine.ls_R_factor_obs                          0.2070000 
_refine.ls_R_factor_all                          ? 
_refine.ls_R_factor_R_work                       0.2070000 
_refine.ls_R_factor_R_free                       0.2510000 
_refine.ls_R_factor_R_free_error                 ? 
_refine.ls_R_factor_R_free_error_details         ? 
_refine.ls_percent_reflns_R_free                 10. 
_refine.ls_number_reflns_R_free                  ? 
_refine.ls_number_parameters                     ? 
_refine.ls_number_restraints                     ? 
_refine.occupancy_min                            ? 
_refine.occupancy_max                            ? 
_refine.B_iso_mean                               42.7 
_refine.aniso_B[1][1]                            ? 
_refine.aniso_B[2][2]                            ? 
_refine.aniso_B[3][3]                            ? 
_refine.aniso_B[1][2]                            ? 
_refine.aniso_B[1][3]                            ? 
_refine.aniso_B[2][3]                            ? 
_refine.solvent_model_details                    ? 
_refine.solvent_model_param_ksol                 ? 
_refine.solvent_model_param_bsol                 ? 
_refine.pdbx_ls_cross_valid_method               ? 
_refine.details                                  ? 
_refine.pdbx_starting_model                      ? 
_refine.pdbx_method_to_determine_struct          MIR 
_refine.pdbx_isotropic_thermal_model             ? 
_refine.pdbx_stereochemistry_target_values       ? 
_refine.pdbx_stereochem_target_val_spec_case     ? 
_refine.pdbx_R_Free_selection_details            ? 
_refine.pdbx_overall_ESU_R                       ? 
_refine.pdbx_overall_ESU_R_Free                  ? 
_refine.overall_SU_ML                            ? 
_refine.overall_SU_B                             ? 
_refine.pdbx_refine_id                           'X-RAY DIFFRACTION' 
_refine.pdbx_diffrn_id                           1 
_refine.pdbx_TLS_residual_ADP_flag               ? 
_refine.correlation_coeff_Fo_to_Fc               ? 
_refine.correlation_coeff_Fo_to_Fc_free          ? 
_refine.pdbx_solvent_vdw_probe_radii             ? 
_refine.pdbx_solvent_ion_probe_radii             ? 
_refine.pdbx_solvent_shrinkage_radii             ? 
_refine.pdbx_overall_phase_error                 ? 
_refine.overall_SU_R_Cruickshank_DPI             ? 
_refine.pdbx_overall_SU_R_free_Cruickshank_DPI   ? 
_refine.pdbx_overall_SU_R_Blow_DPI               ? 
_refine.pdbx_overall_SU_R_free_Blow_DPI          ? 
# 
_refine_hist.pdbx_refine_id                   'X-RAY DIFFRACTION' 
_refine_hist.cycle_id                         LAST 
_refine_hist.pdbx_number_atoms_protein        1544 
_refine_hist.pdbx_number_atoms_nucleic_acid   0 
_refine_hist.pdbx_number_atoms_ligand         24 
_refine_hist.number_atoms_solvent             70 
_refine_hist.number_atoms_total               1638 
_refine_hist.d_res_high                       2.4 
_refine_hist.d_res_low                        8.0 
# 
loop_
_refine_ls_restr.type 
_refine_ls_restr.dev_ideal 
_refine_ls_restr.dev_ideal_target 
_refine_ls_restr.weight 
_refine_ls_restr.number 
_refine_ls_restr.pdbx_refine_id 
_refine_ls_restr.pdbx_restraint_function 
x_bond_d                0.005 ? ? ? 'X-RAY DIFFRACTION' ? 
x_bond_d_na             ?     ? ? ? 'X-RAY DIFFRACTION' ? 
x_bond_d_prot           ?     ? ? ? 'X-RAY DIFFRACTION' ? 
x_angle_d               ?     ? ? ? 'X-RAY DIFFRACTION' ? 
x_angle_d_na            ?     ? ? ? 'X-RAY DIFFRACTION' ? 
x_angle_d_prot          ?     ? ? ? 'X-RAY DIFFRACTION' ? 
x_angle_deg             1.17  ? ? ? 'X-RAY DIFFRACTION' ? 
x_angle_deg_na          ?     ? ? ? 'X-RAY DIFFRACTION' ? 
x_angle_deg_prot        ?     ? ? ? 'X-RAY DIFFRACTION' ? 
x_dihedral_angle_d      ?     ? ? ? 'X-RAY DIFFRACTION' ? 
x_dihedral_angle_d_na   ?     ? ? ? 'X-RAY DIFFRACTION' ? 
x_dihedral_angle_d_prot ?     ? ? ? 'X-RAY DIFFRACTION' ? 
x_improper_angle_d      ?     ? ? ? 'X-RAY DIFFRACTION' ? 
x_improper_angle_d_na   ?     ? ? ? 'X-RAY DIFFRACTION' ? 
x_improper_angle_d_prot ?     ? ? ? 'X-RAY DIFFRACTION' ? 
x_mcbond_it             ?     ? ? ? 'X-RAY DIFFRACTION' ? 
x_mcangle_it            ?     ? ? ? 'X-RAY DIFFRACTION' ? 
x_scbond_it             ?     ? ? ? 'X-RAY DIFFRACTION' ? 
x_scangle_it            ?     ? ? ? 'X-RAY DIFFRACTION' ? 
# 
_struct.entry_id                  1RNL 
_struct.title                     'THE NITRATE/NITRITE RESPONSE REGULATOR PROTEIN NARL FROM NARL' 
_struct.pdbx_model_details        ? 
_struct.pdbx_CASP_flag            ? 
_struct.pdbx_model_type_details   ? 
# 
_struct_keywords.entry_id        1RNL 
_struct_keywords.pdbx_keywords   'SIGNAL TRANSDUCTION PROTEIN' 
_struct_keywords.text            'RESPONSE REGULATORS, TWO-COMPONENT SYSTEMS, SIGNAL TRANSDUCTION PROTEIN' 
# 
loop_
_struct_asym.id 
_struct_asym.pdbx_blank_PDB_chainid_flag 
_struct_asym.pdbx_modified 
_struct_asym.entity_id 
_struct_asym.details 
A N N 1 ? 
B N N 2 ? 
C N N 2 ? 
D N N 2 ? 
E N N 2 ? 
F N N 2 ? 
G N N 2 ? 
H N N 3 ? 
I N N 3 ? 
J N N 3 ? 
K N N 4 ? 
# 
_struct_ref.id                         1 
_struct_ref.db_name                    UNP 
_struct_ref.db_code                    NARL_ECOLI 
_struct_ref.entity_id                  1 
_struct_ref.pdbx_db_accession          P10957 
_struct_ref.pdbx_align_begin           1 
_struct_ref.pdbx_seq_one_letter_code   
;MSNQEPATILLIDDHPMLRTGVKQLISMAPDITVVGEASNGEQGIELAESLDPDLILLDLNMPGMNGLETLDKLREKSLS
GRIVVFSVSNHEEDVVTALKRGADGYLLKDMEPEDLLKALHQAAAGEMVLSEALTPVLAASLRANRATTERDVNQLTPRE
RDILKLIAQGLPNKMIARRLDITESTVKVHVKHMLKKMKLKSRVEAAVWVHQERIF
;
_struct_ref.pdbx_db_isoform            ? 
# 
_struct_ref_seq.align_id                      1 
_struct_ref_seq.ref_id                        1 
_struct_ref_seq.pdbx_PDB_id_code              1RNL 
_struct_ref_seq.pdbx_strand_id                A 
_struct_ref_seq.seq_align_beg                 1 
_struct_ref_seq.pdbx_seq_align_beg_ins_code   ? 
_struct_ref_seq.seq_align_end                 215 
_struct_ref_seq.pdbx_seq_align_end_ins_code   ? 
_struct_ref_seq.pdbx_db_accession             P10957 
_struct_ref_seq.db_align_beg                  2 
_struct_ref_seq.pdbx_db_align_beg_ins_code    ? 
_struct_ref_seq.db_align_end                  216 
_struct_ref_seq.pdbx_db_align_end_ins_code    ? 
_struct_ref_seq.pdbx_auth_seq_align_beg       2 
_struct_ref_seq.pdbx_auth_seq_align_end       216 
# 
loop_
_pdbx_struct_assembly.id 
_pdbx_struct_assembly.details 
_pdbx_struct_assembly.method_details 
_pdbx_struct_assembly.oligomeric_details 
_pdbx_struct_assembly.oligomeric_count 
1 author_defined_assembly   ?    monomeric  1 
2 software_defined_assembly PISA tetrameric 4 
3 software_defined_assembly PQS  dimeric    2 
# 
loop_
_pdbx_struct_assembly_prop.biol_id 
_pdbx_struct_assembly_prop.type 
_pdbx_struct_assembly_prop.value 
_pdbx_struct_assembly_prop.details 
2 'ABSA (A^2)' 10450 ? 
2 MORE         -636  ? 
2 'SSA (A^2)'  34080 ? 
# 
loop_
_pdbx_struct_assembly_gen.assembly_id 
_pdbx_struct_assembly_gen.oper_expression 
_pdbx_struct_assembly_gen.asym_id_list 
1 1       A,B,C,D,E,F,G,H,I,J,K 
2 1,2,3,4 A,B,C,D,E,F,G,H,I,J,K 
3 1,2     A,B,C,D,E,F,G,H,I,J,K 
# 
loop_
_pdbx_struct_oper_list.id 
_pdbx_struct_oper_list.type 
_pdbx_struct_oper_list.name 
_pdbx_struct_oper_list.symmetry_operation 
_pdbx_struct_oper_list.matrix[1][1] 
_pdbx_struct_oper_list.matrix[1][2] 
_pdbx_struct_oper_list.matrix[1][3] 
_pdbx_struct_oper_list.vector[1] 
_pdbx_struct_oper_list.matrix[2][1] 
_pdbx_struct_oper_list.matrix[2][2] 
_pdbx_struct_oper_list.matrix[2][3] 
_pdbx_struct_oper_list.vector[2] 
_pdbx_struct_oper_list.matrix[3][1] 
_pdbx_struct_oper_list.matrix[3][2] 
_pdbx_struct_oper_list.matrix[3][3] 
_pdbx_struct_oper_list.vector[3] 
1 'identity operation'         1_555 x,y,z       1.0000000000  0.0000000000  0.0000000000  0.0000000000   0.0000000000  1.0000000000  0.0000000000  0.0000000000  0.0000000000  0.0000000000  1.0000000000  0.0000000000   
2 'crystal symmetry operation' 2_665 -x+1,-y+1,z -0.9847769487 -0.0800102201 -0.1543137258 5.5145778882   -0.0800102201 -0.5794775170 0.8110512758  39.5191547204 -0.1543137258 0.8110512758  0.5642544658  -19.9462980456 
3 'crystal symmetry operation' 3_656 -x+1,y,-z+1 -0.3072706960 0.8710232219  -0.3832796189 -20.3672683739 0.8710232219  0.0952062353  -0.4819277121 26.1132982340 -0.3832796189 -0.4819277121 -0.7879355393 22.5325978512  
4 'crystal symmetry operation' 4_566 x,-y+1,-z+1 0.2920476447  -0.7910130018 0.5375933447  20.0053744257  -0.7910130018 -0.5157287182 -0.3291235637 44.2917673574 0.5375933447  -0.3291235637 -0.7763189265 17.0899938303 
# 
_struct_biol.id   1 
# 
loop_
_struct_conf.conf_type_id 
_struct_conf.id 
_struct_conf.pdbx_PDB_helix_id 
_struct_conf.beg_label_comp_id 
_struct_conf.beg_label_asym_id 
_struct_conf.beg_label_seq_id 
_struct_conf.pdbx_beg_PDB_ins_code 
_struct_conf.end_label_comp_id 
_struct_conf.end_label_asym_id 
_struct_conf.end_label_seq_id 
_struct_conf.pdbx_end_PDB_ins_code 
_struct_conf.beg_auth_comp_id 
_struct_conf.beg_auth_asym_id 
_struct_conf.beg_auth_seq_id 
_struct_conf.end_auth_comp_id 
_struct_conf.end_auth_asym_id 
_struct_conf.end_auth_seq_id 
_struct_conf.pdbx_PDB_helix_class 
_struct_conf.details 
_struct_conf.pdbx_PDB_helix_length 
HELX_P HELX_P1  1  PRO A 15  ? MET A 27  ? PRO A 16  MET A 28  1 ? 13 
HELX_P HELX_P2  2  GLY A 40  ? LEU A 50  ? GLY A 41  LEU A 51  1 ? 11 
HELX_P HELX_P3  3  GLY A 66  ? LEU A 73  ? GLY A 67  LEU A 74  1 ? 8  
HELX_P HELX_P4  4  GLU A 91  ? LYS A 99  ? GLU A 92  LYS A 100 1 ? 9  
HELX_P HELX_P5  5  PRO A 112 ? ALA A 124 ? PRO A 113 ALA A 125 1 ? 13 
HELX_P HELX_P6  6  GLU A 131 ? SER A 140 ? GLU A 132 SER A 141 1 ? 10 
HELX_P HELX_P7  7  PRO A 157 ? ALA A 167 ? PRO A 158 ALA A 168 1 ? 11 
HELX_P HELX_P8  8  ASN A 172 ? LEU A 179 ? ASN A 173 LEU A 180 1 ? 8  
HELX_P HELX_P9  9  GLU A 183 ? LYS A 196 ? GLU A 184 LYS A 197 1 ? 14 
HELX_P HELX_P10 10 ARG A 202 ? GLU A 212 ? ARG A 203 GLU A 213 1 ? 11 
# 
_struct_conf_type.id          HELX_P 
_struct_conf_type.criteria    ? 
_struct_conf_type.reference   ? 
# 
loop_
_struct_conn.id 
_struct_conn.conn_type_id 
_struct_conn.pdbx_leaving_atom_flag 
_struct_conn.pdbx_PDB_id 
_struct_conn.ptnr1_label_asym_id 
_struct_conn.ptnr1_label_comp_id 
_struct_conn.ptnr1_label_seq_id 
_struct_conn.ptnr1_label_atom_id 
_struct_conn.pdbx_ptnr1_label_alt_id 
_struct_conn.pdbx_ptnr1_PDB_ins_code 
_struct_conn.pdbx_ptnr1_standard_comp_id 
_struct_conn.ptnr1_symmetry 
_struct_conn.ptnr2_label_asym_id 
_struct_conn.ptnr2_label_comp_id 
_struct_conn.ptnr2_label_seq_id 
_struct_conn.ptnr2_label_atom_id 
_struct_conn.pdbx_ptnr2_label_alt_id 
_struct_conn.pdbx_ptnr2_PDB_ins_code 
_struct_conn.ptnr1_auth_asym_id 
_struct_conn.ptnr1_auth_comp_id 
_struct_conn.ptnr1_auth_seq_id 
_struct_conn.ptnr2_auth_asym_id 
_struct_conn.ptnr2_auth_comp_id 
_struct_conn.ptnr2_auth_seq_id 
_struct_conn.ptnr2_symmetry 
_struct_conn.pdbx_ptnr3_label_atom_id 
_struct_conn.pdbx_ptnr3_label_seq_id 
_struct_conn.pdbx_ptnr3_label_comp_id 
_struct_conn.pdbx_ptnr3_label_asym_id 
_struct_conn.pdbx_ptnr3_label_alt_id 
_struct_conn.pdbx_ptnr3_PDB_ins_code 
_struct_conn.details 
_struct_conn.pdbx_dist_value 
_struct_conn.pdbx_value_order 
_struct_conn.pdbx_role 
metalc1  metalc ? ? A MET 27  SD  ? ? ? 1_555 B PT  . PT ? ? A MET 28  A PT  301 1_555 ? ? ? ? ? ? ? 1.903 ? ? 
metalc2  metalc ? ? A MET 27  SD  ? ? ? 1_555 C PT  . PT ? ? A MET 28  A PT  302 1_555 ? ? ? ? ? ? ? 2.079 ? ? 
metalc3  metalc ? ? A MET 27  SD  ? ? ? 1_555 D PT  . PT ? ? A MET 28  A PT  303 1_555 ? ? ? ? ? ? ? 1.794 ? ? 
metalc4  metalc ? ? A GLU 126 OE1 ? ? ? 1_555 E PT  . PT ? ? A GLU 127 A PT  304 1_555 ? ? ? ? ? ? ? 3.110 ? ? 
metalc5  metalc ? ? A MET 174 SD  ? ? ? 1_555 E PT  . PT ? ? A MET 175 A PT  304 1_555 ? ? ? ? ? ? ? 1.922 ? ? 
metalc6  metalc ? ? A MET 174 SD  ? ? ? 1_555 F PT  . PT ? ? A MET 175 A PT  305 1_555 ? ? ? ? ? ? ? 1.576 ? ? 
metalc7  metalc ? ? A MET 174 SD  ? ? ? 1_555 G PT  . PT ? ? A MET 175 A PT  306 1_555 ? ? ? ? ? ? ? 2.804 ? ? 
metalc8  metalc ? ? B PT  .   PT  ? ? ? 1_555 C PT  . PT ? ? A PT  301 A PT  302 1_555 ? ? ? ? ? ? ? 1.954 ? ? 
metalc9  metalc ? ? B PT  .   PT  ? ? ? 1_555 D PT  . PT ? ? A PT  301 A PT  303 1_555 ? ? ? ? ? ? ? 3.226 ? ? 
metalc10 metalc ? ? D PT  .   PT  ? ? ? 1_555 K HOH . O  ? ? A PT  303 A HOH 348 2_665 ? ? ? ? ? ? ? 2.831 ? ? 
metalc11 metalc ? ? E PT  .   PT  ? ? ? 1_555 F PT  . PT ? ? A PT  304 A PT  305 1_555 ? ? ? ? ? ? ? 2.545 ? ? 
metalc12 metalc ? ? E PT  .   PT  ? ? ? 1_555 G PT  . PT ? ? A PT  304 A PT  306 1_555 ? ? ? ? ? ? ? 2.232 ? ? 
metalc13 metalc ? ? F PT  .   PT  ? ? ? 1_555 G PT  . PT ? ? A PT  305 A PT  306 1_555 ? ? ? ? ? ? ? 2.477 ? ? 
# 
_struct_conn_type.id          metalc 
_struct_conn_type.criteria    ? 
_struct_conn_type.reference   ? 
# 
loop_
_pdbx_struct_conn_angle.id 
_pdbx_struct_conn_angle.ptnr1_label_atom_id 
_pdbx_struct_conn_angle.ptnr1_label_alt_id 
_pdbx_struct_conn_angle.ptnr1_label_asym_id 
_pdbx_struct_conn_angle.ptnr1_label_comp_id 
_pdbx_struct_conn_angle.ptnr1_label_seq_id 
_pdbx_struct_conn_angle.ptnr1_auth_atom_id 
_pdbx_struct_conn_angle.ptnr1_auth_asym_id 
_pdbx_struct_conn_angle.ptnr1_auth_comp_id 
_pdbx_struct_conn_angle.ptnr1_auth_seq_id 
_pdbx_struct_conn_angle.ptnr1_PDB_ins_code 
_pdbx_struct_conn_angle.ptnr1_symmetry 
_pdbx_struct_conn_angle.ptnr2_label_atom_id 
_pdbx_struct_conn_angle.ptnr2_label_alt_id 
_pdbx_struct_conn_angle.ptnr2_label_asym_id 
_pdbx_struct_conn_angle.ptnr2_label_comp_id 
_pdbx_struct_conn_angle.ptnr2_label_seq_id 
_pdbx_struct_conn_angle.ptnr2_auth_atom_id 
_pdbx_struct_conn_angle.ptnr2_auth_asym_id 
_pdbx_struct_conn_angle.ptnr2_auth_comp_id 
_pdbx_struct_conn_angle.ptnr2_auth_seq_id 
_pdbx_struct_conn_angle.ptnr2_PDB_ins_code 
_pdbx_struct_conn_angle.ptnr2_symmetry 
_pdbx_struct_conn_angle.ptnr3_label_atom_id 
_pdbx_struct_conn_angle.ptnr3_label_alt_id 
_pdbx_struct_conn_angle.ptnr3_label_asym_id 
_pdbx_struct_conn_angle.ptnr3_label_comp_id 
_pdbx_struct_conn_angle.ptnr3_label_seq_id 
_pdbx_struct_conn_angle.ptnr3_auth_atom_id 
_pdbx_struct_conn_angle.ptnr3_auth_asym_id 
_pdbx_struct_conn_angle.ptnr3_auth_comp_id 
_pdbx_struct_conn_angle.ptnr3_auth_seq_id 
_pdbx_struct_conn_angle.ptnr3_PDB_ins_code 
_pdbx_struct_conn_angle.ptnr3_symmetry 
_pdbx_struct_conn_angle.value 
_pdbx_struct_conn_angle.value_esd 
1  SD  ? A MET 27  ? A MET 28  ? 1_555 PT ? B PT . ? A PT 301 ? 1_555 PT ? C PT  .   ? A PT  302 ? 1_555 65.2  ? 
2  SD  ? A MET 27  ? A MET 28  ? 1_555 PT ? B PT . ? A PT 301 ? 1_555 PT ? D PT  .   ? A PT  303 ? 1_555 28.3  ? 
3  PT  ? C PT  .   ? A PT  302 ? 1_555 PT ? B PT . ? A PT 301 ? 1_555 PT ? D PT  .   ? A PT  303 ? 1_555 90.2  ? 
4  SD  ? A MET 27  ? A MET 28  ? 1_555 PT ? D PT . ? A PT 303 ? 1_555 O  ? K HOH .   ? A HOH 348 ? 2_665 140.2 ? 
5  OE1 ? A GLU 126 ? A GLU 127 ? 1_555 PT ? E PT . ? A PT 304 ? 1_555 SD ? A MET 174 ? A MET 175 ? 1_555 101.6 ? 
6  OE1 ? A GLU 126 ? A GLU 127 ? 1_555 PT ? E PT . ? A PT 304 ? 1_555 PT ? F PT  .   ? A PT  305 ? 1_555 126.7 ? 
7  SD  ? A MET 174 ? A MET 175 ? 1_555 PT ? E PT . ? A PT 304 ? 1_555 PT ? F PT  .   ? A PT  305 ? 1_555 38.2  ? 
8  OE1 ? A GLU 126 ? A GLU 127 ? 1_555 PT ? E PT . ? A PT 304 ? 1_555 PT ? G PT  .   ? A PT  306 ? 1_555 170.9 ? 
9  SD  ? A MET 174 ? A MET 175 ? 1_555 PT ? E PT . ? A PT 304 ? 1_555 PT ? G PT  .   ? A PT  306 ? 1_555 84.6  ? 
10 PT  ? F PT  .   ? A PT  305 ? 1_555 PT ? E PT . ? A PT 304 ? 1_555 PT ? G PT  .   ? A PT  306 ? 1_555 62.1  ? 
11 SD  ? A MET 174 ? A MET 175 ? 1_555 PT ? F PT . ? A PT 305 ? 1_555 PT ? G PT  .   ? A PT  306 ? 1_555 84.4  ? 
# 
_struct_sheet.id               A 
_struct_sheet.type             ? 
_struct_sheet.number_strands   5 
_struct_sheet.details          ? 
# 
loop_
_struct_sheet_order.sheet_id 
_struct_sheet_order.range_id_1 
_struct_sheet_order.range_id_2 
_struct_sheet_order.offset 
_struct_sheet_order.sense 
A 1 2 ? parallel 
A 2 3 ? parallel 
A 3 4 ? parallel 
A 4 5 ? parallel 
# 
loop_
_struct_sheet_range.sheet_id 
_struct_sheet_range.id 
_struct_sheet_range.beg_label_comp_id 
_struct_sheet_range.beg_label_asym_id 
_struct_sheet_range.beg_label_seq_id 
_struct_sheet_range.pdbx_beg_PDB_ins_code 
_struct_sheet_range.end_label_comp_id 
_struct_sheet_range.end_label_asym_id 
_struct_sheet_range.end_label_seq_id 
_struct_sheet_range.pdbx_end_PDB_ins_code 
_struct_sheet_range.beg_auth_comp_id 
_struct_sheet_range.beg_auth_asym_id 
_struct_sheet_range.beg_auth_seq_id 
_struct_sheet_range.end_auth_comp_id 
_struct_sheet_range.end_auth_asym_id 
_struct_sheet_range.end_auth_seq_id 
A 1 GLY A 104 ? LEU A 106 ? GLY A 105 LEU A 107 
A 2 ARG A 81  ? PHE A 85  ? ARG A 82  PHE A 86  
A 3 LEU A 54  ? ASP A 58  ? LEU A 55  ASP A 59  
A 4 ALA A 6   ? ILE A 11  ? ALA A 7   ILE A 12  
A 5 ILE A 31  ? ALA A 37  ? ILE A 32  ALA A 38  
# 
loop_
_pdbx_struct_sheet_hbond.sheet_id 
_pdbx_struct_sheet_hbond.range_id_1 
_pdbx_struct_sheet_hbond.range_id_2 
_pdbx_struct_sheet_hbond.range_1_label_atom_id 
_pdbx_struct_sheet_hbond.range_1_label_comp_id 
_pdbx_struct_sheet_hbond.range_1_label_asym_id 
_pdbx_struct_sheet_hbond.range_1_label_seq_id 
_pdbx_struct_sheet_hbond.range_1_PDB_ins_code 
_pdbx_struct_sheet_hbond.range_1_auth_atom_id 
_pdbx_struct_sheet_hbond.range_1_auth_comp_id 
_pdbx_struct_sheet_hbond.range_1_auth_asym_id 
_pdbx_struct_sheet_hbond.range_1_auth_seq_id 
_pdbx_struct_sheet_hbond.range_2_label_atom_id 
_pdbx_struct_sheet_hbond.range_2_label_comp_id 
_pdbx_struct_sheet_hbond.range_2_label_asym_id 
_pdbx_struct_sheet_hbond.range_2_label_seq_id 
_pdbx_struct_sheet_hbond.range_2_PDB_ins_code 
_pdbx_struct_sheet_hbond.range_2_auth_atom_id 
_pdbx_struct_sheet_hbond.range_2_auth_comp_id 
_pdbx_struct_sheet_hbond.range_2_auth_asym_id 
_pdbx_struct_sheet_hbond.range_2_auth_seq_id 
A 1 2 O GLY A 104 ? O GLY A 105 N VAL A 84 ? N VAL A 85 
A 2 3 O ARG A 81  ? O ARG A 82  N ILE A 55 ? N ILE A 56 
A 3 4 O LEU A 54  ? O LEU A 55  N LEU A 9  ? N LEU A 10 
A 4 5 O ALA A 6   ? O ALA A 7   N THR A 32 ? N THR A 33 
# 
loop_
_struct_site.id 
_struct_site.pdbx_evidence_code 
_struct_site.pdbx_auth_asym_id 
_struct_site.pdbx_auth_comp_id 
_struct_site.pdbx_auth_seq_id 
_struct_site.pdbx_auth_ins_code 
_struct_site.pdbx_num_residues 
_struct_site.details 
1   Unknown  ? ?   ?   ? 4 'PHOSPHORYLATION SITE.'              
AC1 Software A PT  301 ? 3 'BINDING SITE FOR RESIDUE PT A 301'  
AC2 Software A PT  302 ? 2 'BINDING SITE FOR RESIDUE PT A 302'  
AC3 Software A PT  303 ? 3 'BINDING SITE FOR RESIDUE PT A 303'  
AC4 Software A PT  304 ? 4 'BINDING SITE FOR RESIDUE PT A 304'  
AC5 Software A PT  305 ? 3 'BINDING SITE FOR RESIDUE PT A 305'  
AC6 Software A PT  306 ? 3 'BINDING SITE FOR RESIDUE PT A 306'  
AC7 Software A GOL 307 ? 5 'BINDING SITE FOR RESIDUE GOL A 307' 
AC8 Software A GOL 308 ? 9 'BINDING SITE FOR RESIDUE GOL A 308' 
AC9 Software A GOL 309 ? 7 'BINDING SITE FOR RESIDUE GOL A 309' 
# 
loop_
_struct_site_gen.id 
_struct_site_gen.site_id 
_struct_site_gen.pdbx_num_res 
_struct_site_gen.label_comp_id 
_struct_site_gen.label_asym_id 
_struct_site_gen.label_seq_id 
_struct_site_gen.pdbx_auth_ins_code 
_struct_site_gen.auth_comp_id 
_struct_site_gen.auth_asym_id 
_struct_site_gen.auth_seq_id 
_struct_site_gen.label_atom_id 
_struct_site_gen.label_alt_id 
_struct_site_gen.symmetry 
_struct_site_gen.details 
1  1   4 ASP A 58  ? ASP A 59  . ? 1_555 ? 
2  1   4 ASP A 12  ? ASP A 13  . ? 1_555 ? 
3  1   4 ASP A 13  ? ASP A 14  . ? 1_555 ? 
4  1   4 LYS A 108 ? LYS A 109 . ? 1_555 ? 
5  AC1 3 MET A 27  ? MET A 28  . ? 1_555 ? 
6  AC1 3 PT  C .   ? PT  A 302 . ? 1_555 ? 
7  AC1 3 PT  D .   ? PT  A 303 . ? 1_555 ? 
8  AC2 2 MET A 27  ? MET A 28  . ? 1_555 ? 
9  AC2 2 PT  B .   ? PT  A 301 . ? 1_555 ? 
10 AC3 3 MET A 27  ? MET A 28  . ? 1_555 ? 
11 AC3 3 PT  B .   ? PT  A 301 . ? 1_555 ? 
12 AC3 3 HOH K .   ? HOH A 348 . ? 2_665 ? 
13 AC4 4 GLU A 126 ? GLU A 127 . ? 1_555 ? 
14 AC4 4 MET A 174 ? MET A 175 . ? 1_555 ? 
15 AC4 4 PT  F .   ? PT  A 305 . ? 1_555 ? 
16 AC4 4 PT  G .   ? PT  A 306 . ? 1_555 ? 
17 AC5 3 MET A 174 ? MET A 175 . ? 1_555 ? 
18 AC5 3 PT  E .   ? PT  A 304 . ? 1_555 ? 
19 AC5 3 PT  G .   ? PT  A 306 . ? 1_555 ? 
20 AC6 3 MET A 174 ? MET A 175 . ? 1_555 ? 
21 AC6 3 PT  E .   ? PT  A 304 . ? 1_555 ? 
22 AC6 3 PT  F .   ? PT  A 305 . ? 1_555 ? 
23 AC7 5 LEU A 59  ? LEU A 60  . ? 3_656 ? 
24 AC7 5 ASN A 60  ? ASN A 61  . ? 3_656 ? 
25 AC7 5 VAL A 87  ? VAL A 88  . ? 1_555 ? 
26 AC7 5 VAL A 87  ? VAL A 88  . ? 3_656 ? 
27 AC7 5 HOH K .   ? HOH A 369 . ? 1_555 ? 
28 AC8 9 LYS A 22  ? LYS A 23  . ? 1_555 ? 
29 AC8 9 VAL A 33  ? VAL A 34  . ? 1_555 ? 
30 AC8 9 GLU A 36  ? GLU A 37  . ? 1_555 ? 
31 AC8 9 ARG A 158 ? ARG A 159 . ? 8_455 ? 
32 AC8 9 ASP A 161 ? ASP A 162 . ? 8_455 ? 
33 AC8 9 LYS A 164 ? LYS A 165 . ? 8_455 ? 
34 AC8 9 LEU A 179 ? LEU A 180 . ? 8_455 ? 
35 AC8 9 GOL J .   ? GOL A 309 . ? 1_555 ? 
36 AC8 9 HOH K .   ? HOH A 374 . ? 8_455 ? 
37 AC9 7 LYS A 22  ? LYS A 23  . ? 1_555 ? 
38 AC9 7 ILE A 25  ? ILE A 26  . ? 1_555 ? 
39 AC9 7 SER A 26  ? SER A 27  . ? 1_555 ? 
40 AC9 7 THR A 32  ? THR A 33  . ? 1_555 ? 
41 AC9 7 VAL A 33  ? VAL A 34  . ? 1_555 ? 
42 AC9 7 GOL I .   ? GOL A 308 . ? 1_555 ? 
43 AC9 7 HOH K .   ? HOH A 336 . ? 1_555 ? 
# 
_pdbx_validate_close_contact.id               1 
_pdbx_validate_close_contact.PDB_model_num    1 
_pdbx_validate_close_contact.auth_atom_id_1   CE 
_pdbx_validate_close_contact.auth_asym_id_1   A 
_pdbx_validate_close_contact.auth_comp_id_1   MET 
_pdbx_validate_close_contact.auth_seq_id_1    175 
_pdbx_validate_close_contact.PDB_ins_code_1   ? 
_pdbx_validate_close_contact.label_alt_id_1   ? 
_pdbx_validate_close_contact.auth_atom_id_2   PT 
_pdbx_validate_close_contact.auth_asym_id_2   A 
_pdbx_validate_close_contact.auth_comp_id_2   PT 
_pdbx_validate_close_contact.auth_seq_id_2    305 
_pdbx_validate_close_contact.PDB_ins_code_2   ? 
_pdbx_validate_close_contact.label_alt_id_2   ? 
_pdbx_validate_close_contact.dist             1.54 
# 
_pdbx_validate_rmsd_angle.id                         1 
_pdbx_validate_rmsd_angle.PDB_model_num              1 
_pdbx_validate_rmsd_angle.auth_atom_id_1             C 
_pdbx_validate_rmsd_angle.auth_asym_id_1             A 
_pdbx_validate_rmsd_angle.auth_comp_id_1             HIS 
_pdbx_validate_rmsd_angle.auth_seq_id_1              15 
_pdbx_validate_rmsd_angle.PDB_ins_code_1             ? 
_pdbx_validate_rmsd_angle.label_alt_id_1             ? 
_pdbx_validate_rmsd_angle.auth_atom_id_2             N 
_pdbx_validate_rmsd_angle.auth_asym_id_2             A 
_pdbx_validate_rmsd_angle.auth_comp_id_2             PRO 
_pdbx_validate_rmsd_angle.auth_seq_id_2              16 
_pdbx_validate_rmsd_angle.PDB_ins_code_2             ? 
_pdbx_validate_rmsd_angle.label_alt_id_2             ? 
_pdbx_validate_rmsd_angle.auth_atom_id_3             CA 
_pdbx_validate_rmsd_angle.auth_asym_id_3             A 
_pdbx_validate_rmsd_angle.auth_comp_id_3             PRO 
_pdbx_validate_rmsd_angle.auth_seq_id_3              16 
_pdbx_validate_rmsd_angle.PDB_ins_code_3             ? 
_pdbx_validate_rmsd_angle.label_alt_id_3             ? 
_pdbx_validate_rmsd_angle.angle_value                128.51 
_pdbx_validate_rmsd_angle.angle_target_value         119.30 
_pdbx_validate_rmsd_angle.angle_deviation            9.21 
_pdbx_validate_rmsd_angle.angle_standard_deviation   1.50 
_pdbx_validate_rmsd_angle.linker_flag                Y 
# 
_pdbx_validate_torsion.id              1 
_pdbx_validate_torsion.PDB_model_num   1 
_pdbx_validate_torsion.auth_comp_id    ASP 
_pdbx_validate_torsion.auth_asym_id    A 
_pdbx_validate_torsion.auth_seq_id     14 
_pdbx_validate_torsion.PDB_ins_code    ? 
_pdbx_validate_torsion.label_alt_id    ? 
_pdbx_validate_torsion.phi             -143.08 
_pdbx_validate_torsion.psi             59.83 
# 
loop_
_pdbx_unobs_or_zero_occ_residues.id 
_pdbx_unobs_or_zero_occ_residues.PDB_model_num 
_pdbx_unobs_or_zero_occ_residues.polymer_flag 
_pdbx_unobs_or_zero_occ_residues.occupancy_flag 
_pdbx_unobs_or_zero_occ_residues.auth_asym_id 
_pdbx_unobs_or_zero_occ_residues.auth_comp_id 
_pdbx_unobs_or_zero_occ_residues.auth_seq_id 
_pdbx_unobs_or_zero_occ_residues.PDB_ins_code 
_pdbx_unobs_or_zero_occ_residues.label_asym_id 
_pdbx_unobs_or_zero_occ_residues.label_comp_id 
_pdbx_unobs_or_zero_occ_residues.label_seq_id 
1  1 Y 1 A SER 2   ? A SER 1   
2  1 Y 1 A ASN 3   ? A ASN 2   
3  1 Y 1 A GLN 4   ? A GLN 3   
4  1 Y 1 A ARG 143 ? A ARG 142 
5  1 Y 1 A ALA 144 ? A ALA 143 
6  1 Y 1 A ASN 145 ? A ASN 144 
7  1 Y 1 A ARG 146 ? A ARG 145 
8  1 Y 1 A ALA 147 ? A ALA 146 
9  1 Y 1 A THR 148 ? A THR 147 
10 1 Y 1 A THR 149 ? A THR 148 
11 1 Y 1 A GLU 150 ? A GLU 149 
12 1 Y 1 A ARG 151 ? A ARG 150 
13 1 Y 1 A ASP 152 ? A ASP 151 
14 1 Y 1 A VAL 153 ? A VAL 152 
15 1 Y 1 A ASN 154 ? A ASN 153 
# 
loop_
_chem_comp_atom.comp_id 
_chem_comp_atom.atom_id 
_chem_comp_atom.type_symbol 
_chem_comp_atom.pdbx_aromatic_flag 
_chem_comp_atom.pdbx_stereo_config 
_chem_comp_atom.pdbx_ordinal 
ALA N    N  N N 1   
ALA CA   C  N S 2   
ALA C    C  N N 3   
ALA O    O  N N 4   
ALA CB   C  N N 5   
ALA OXT  O  N N 6   
ALA H    H  N N 7   
ALA H2   H  N N 8   
ALA HA   H  N N 9   
ALA HB1  H  N N 10  
ALA HB2  H  N N 11  
ALA HB3  H  N N 12  
ALA HXT  H  N N 13  
ARG N    N  N N 14  
ARG CA   C  N S 15  
ARG C    C  N N 16  
ARG O    O  N N 17  
ARG CB   C  N N 18  
ARG CG   C  N N 19  
ARG CD   C  N N 20  
ARG NE   N  N N 21  
ARG CZ   C  N N 22  
ARG NH1  N  N N 23  
ARG NH2  N  N N 24  
ARG OXT  O  N N 25  
ARG H    H  N N 26  
ARG H2   H  N N 27  
ARG HA   H  N N 28  
ARG HB2  H  N N 29  
ARG HB3  H  N N 30  
ARG HG2  H  N N 31  
ARG HG3  H  N N 32  
ARG HD2  H  N N 33  
ARG HD3  H  N N 34  
ARG HE   H  N N 35  
ARG HH11 H  N N 36  
ARG HH12 H  N N 37  
ARG HH21 H  N N 38  
ARG HH22 H  N N 39  
ARG HXT  H  N N 40  
ASN N    N  N N 41  
ASN CA   C  N S 42  
ASN C    C  N N 43  
ASN O    O  N N 44  
ASN CB   C  N N 45  
ASN CG   C  N N 46  
ASN OD1  O  N N 47  
ASN ND2  N  N N 48  
ASN OXT  O  N N 49  
ASN H    H  N N 50  
ASN H2   H  N N 51  
ASN HA   H  N N 52  
ASN HB2  H  N N 53  
ASN HB3  H  N N 54  
ASN HD21 H  N N 55  
ASN HD22 H  N N 56  
ASN HXT  H  N N 57  
ASP N    N  N N 58  
ASP CA   C  N S 59  
ASP C    C  N N 60  
ASP O    O  N N 61  
ASP CB   C  N N 62  
ASP CG   C  N N 63  
ASP OD1  O  N N 64  
ASP OD2  O  N N 65  
ASP OXT  O  N N 66  
ASP H    H  N N 67  
ASP H2   H  N N 68  
ASP HA   H  N N 69  
ASP HB2  H  N N 70  
ASP HB3  H  N N 71  
ASP HD2  H  N N 72  
ASP HXT  H  N N 73  
GLN N    N  N N 74  
GLN CA   C  N S 75  
GLN C    C  N N 76  
GLN O    O  N N 77  
GLN CB   C  N N 78  
GLN CG   C  N N 79  
GLN CD   C  N N 80  
GLN OE1  O  N N 81  
GLN NE2  N  N N 82  
GLN OXT  O  N N 83  
GLN H    H  N N 84  
GLN H2   H  N N 85  
GLN HA   H  N N 86  
GLN HB2  H  N N 87  
GLN HB3  H  N N 88  
GLN HG2  H  N N 89  
GLN HG3  H  N N 90  
GLN HE21 H  N N 91  
GLN HE22 H  N N 92  
GLN HXT  H  N N 93  
GLU N    N  N N 94  
GLU CA   C  N S 95  
GLU C    C  N N 96  
GLU O    O  N N 97  
GLU CB   C  N N 98  
GLU CG   C  N N 99  
GLU CD   C  N N 100 
GLU OE1  O  N N 101 
GLU OE2  O  N N 102 
GLU OXT  O  N N 103 
GLU H    H  N N 104 
GLU H2   H  N N 105 
GLU HA   H  N N 106 
GLU HB2  H  N N 107 
GLU HB3  H  N N 108 
GLU HG2  H  N N 109 
GLU HG3  H  N N 110 
GLU HE2  H  N N 111 
GLU HXT  H  N N 112 
GLY N    N  N N 113 
GLY CA   C  N N 114 
GLY C    C  N N 115 
GLY O    O  N N 116 
GLY OXT  O  N N 117 
GLY H    H  N N 118 
GLY H2   H  N N 119 
GLY HA2  H  N N 120 
GLY HA3  H  N N 121 
GLY HXT  H  N N 122 
GOL C1   C  N N 123 
GOL O1   O  N N 124 
GOL C2   C  N N 125 
GOL O2   O  N N 126 
GOL C3   C  N N 127 
GOL O3   O  N N 128 
GOL H11  H  N N 129 
GOL H12  H  N N 130 
GOL HO1  H  N N 131 
GOL H2   H  N N 132 
GOL HO2  H  N N 133 
GOL H31  H  N N 134 
GOL H32  H  N N 135 
GOL HO3  H  N N 136 
HIS N    N  N N 137 
HIS CA   C  N S 138 
HIS C    C  N N 139 
HIS O    O  N N 140 
HIS CB   C  N N 141 
HIS CG   C  Y N 142 
HIS ND1  N  Y N 143 
HIS CD2  C  Y N 144 
HIS CE1  C  Y N 145 
HIS NE2  N  Y N 146 
HIS OXT  O  N N 147 
HIS H    H  N N 148 
HIS H2   H  N N 149 
HIS HA   H  N N 150 
HIS HB2  H  N N 151 
HIS HB3  H  N N 152 
HIS HD1  H  N N 153 
HIS HD2  H  N N 154 
HIS HE1  H  N N 155 
HIS HE2  H  N N 156 
HIS HXT  H  N N 157 
HOH O    O  N N 158 
HOH H1   H  N N 159 
HOH H2   H  N N 160 
ILE N    N  N N 161 
ILE CA   C  N S 162 
ILE C    C  N N 163 
ILE O    O  N N 164 
ILE CB   C  N S 165 
ILE CG1  C  N N 166 
ILE CG2  C  N N 167 
ILE CD1  C  N N 168 
ILE OXT  O  N N 169 
ILE H    H  N N 170 
ILE H2   H  N N 171 
ILE HA   H  N N 172 
ILE HB   H  N N 173 
ILE HG12 H  N N 174 
ILE HG13 H  N N 175 
ILE HG21 H  N N 176 
ILE HG22 H  N N 177 
ILE HG23 H  N N 178 
ILE HD11 H  N N 179 
ILE HD12 H  N N 180 
ILE HD13 H  N N 181 
ILE HXT  H  N N 182 
LEU N    N  N N 183 
LEU CA   C  N S 184 
LEU C    C  N N 185 
LEU O    O  N N 186 
LEU CB   C  N N 187 
LEU CG   C  N N 188 
LEU CD1  C  N N 189 
LEU CD2  C  N N 190 
LEU OXT  O  N N 191 
LEU H    H  N N 192 
LEU H2   H  N N 193 
LEU HA   H  N N 194 
LEU HB2  H  N N 195 
LEU HB3  H  N N 196 
LEU HG   H  N N 197 
LEU HD11 H  N N 198 
LEU HD12 H  N N 199 
LEU HD13 H  N N 200 
LEU HD21 H  N N 201 
LEU HD22 H  N N 202 
LEU HD23 H  N N 203 
LEU HXT  H  N N 204 
LYS N    N  N N 205 
LYS CA   C  N S 206 
LYS C    C  N N 207 
LYS O    O  N N 208 
LYS CB   C  N N 209 
LYS CG   C  N N 210 
LYS CD   C  N N 211 
LYS CE   C  N N 212 
LYS NZ   N  N N 213 
LYS OXT  O  N N 214 
LYS H    H  N N 215 
LYS H2   H  N N 216 
LYS HA   H  N N 217 
LYS HB2  H  N N 218 
LYS HB3  H  N N 219 
LYS HG2  H  N N 220 
LYS HG3  H  N N 221 
LYS HD2  H  N N 222 
LYS HD3  H  N N 223 
LYS HE2  H  N N 224 
LYS HE3  H  N N 225 
LYS HZ1  H  N N 226 
LYS HZ2  H  N N 227 
LYS HZ3  H  N N 228 
LYS HXT  H  N N 229 
MET N    N  N N 230 
MET CA   C  N S 231 
MET C    C  N N 232 
MET O    O  N N 233 
MET CB   C  N N 234 
MET CG   C  N N 235 
MET SD   S  N N 236 
MET CE   C  N N 237 
MET OXT  O  N N 238 
MET H    H  N N 239 
MET H2   H  N N 240 
MET HA   H  N N 241 
MET HB2  H  N N 242 
MET HB3  H  N N 243 
MET HG2  H  N N 244 
MET HG3  H  N N 245 
MET HE1  H  N N 246 
MET HE2  H  N N 247 
MET HE3  H  N N 248 
MET HXT  H  N N 249 
PHE N    N  N N 250 
PHE CA   C  N S 251 
PHE C    C  N N 252 
PHE O    O  N N 253 
PHE CB   C  N N 254 
PHE CG   C  Y N 255 
PHE CD1  C  Y N 256 
PHE CD2  C  Y N 257 
PHE CE1  C  Y N 258 
PHE CE2  C  Y N 259 
PHE CZ   C  Y N 260 
PHE OXT  O  N N 261 
PHE H    H  N N 262 
PHE H2   H  N N 263 
PHE HA   H  N N 264 
PHE HB2  H  N N 265 
PHE HB3  H  N N 266 
PHE HD1  H  N N 267 
PHE HD2  H  N N 268 
PHE HE1  H  N N 269 
PHE HE2  H  N N 270 
PHE HZ   H  N N 271 
PHE HXT  H  N N 272 
PRO N    N  N N 273 
PRO CA   C  N S 274 
PRO C    C  N N 275 
PRO O    O  N N 276 
PRO CB   C  N N 277 
PRO CG   C  N N 278 
PRO CD   C  N N 279 
PRO OXT  O  N N 280 
PRO H    H  N N 281 
PRO HA   H  N N 282 
PRO HB2  H  N N 283 
PRO HB3  H  N N 284 
PRO HG2  H  N N 285 
PRO HG3  H  N N 286 
PRO HD2  H  N N 287 
PRO HD3  H  N N 288 
PRO HXT  H  N N 289 
PT  PT   PT N N 290 
SER N    N  N N 291 
SER CA   C  N S 292 
SER C    C  N N 293 
SER O    O  N N 294 
SER CB   C  N N 295 
SER OG   O  N N 296 
SER OXT  O  N N 297 
SER H    H  N N 298 
SER H2   H  N N 299 
SER HA   H  N N 300 
SER HB2  H  N N 301 
SER HB3  H  N N 302 
SER HG   H  N N 303 
SER HXT  H  N N 304 
THR N    N  N N 305 
THR CA   C  N S 306 
THR C    C  N N 307 
THR O    O  N N 308 
THR CB   C  N R 309 
THR OG1  O  N N 310 
THR CG2  C  N N 311 
THR OXT  O  N N 312 
THR H    H  N N 313 
THR H2   H  N N 314 
THR HA   H  N N 315 
THR HB   H  N N 316 
THR HG1  H  N N 317 
THR HG21 H  N N 318 
THR HG22 H  N N 319 
THR HG23 H  N N 320 
THR HXT  H  N N 321 
TRP N    N  N N 322 
TRP CA   C  N S 323 
TRP C    C  N N 324 
TRP O    O  N N 325 
TRP CB   C  N N 326 
TRP CG   C  Y N 327 
TRP CD1  C  Y N 328 
TRP CD2  C  Y N 329 
TRP NE1  N  Y N 330 
TRP CE2  C  Y N 331 
TRP CE3  C  Y N 332 
TRP CZ2  C  Y N 333 
TRP CZ3  C  Y N 334 
TRP CH2  C  Y N 335 
TRP OXT  O  N N 336 
TRP H    H  N N 337 
TRP H2   H  N N 338 
TRP HA   H  N N 339 
TRP HB2  H  N N 340 
TRP HB3  H  N N 341 
TRP HD1  H  N N 342 
TRP HE1  H  N N 343 
TRP HE3  H  N N 344 
TRP HZ2  H  N N 345 
TRP HZ3  H  N N 346 
TRP HH2  H  N N 347 
TRP HXT  H  N N 348 
TYR N    N  N N 349 
TYR CA   C  N S 350 
TYR C    C  N N 351 
TYR O    O  N N 352 
TYR CB   C  N N 353 
TYR CG   C  Y N 354 
TYR CD1  C  Y N 355 
TYR CD2  C  Y N 356 
TYR CE1  C  Y N 357 
TYR CE2  C  Y N 358 
TYR CZ   C  Y N 359 
TYR OH   O  N N 360 
TYR OXT  O  N N 361 
TYR H    H  N N 362 
TYR H2   H  N N 363 
TYR HA   H  N N 364 
TYR HB2  H  N N 365 
TYR HB3  H  N N 366 
TYR HD1  H  N N 367 
TYR HD2  H  N N 368 
TYR HE1  H  N N 369 
TYR HE2  H  N N 370 
TYR HH   H  N N 371 
TYR HXT  H  N N 372 
VAL N    N  N N 373 
VAL CA   C  N S 374 
VAL C    C  N N 375 
VAL O    O  N N 376 
VAL CB   C  N N 377 
VAL CG1  C  N N 378 
VAL CG2  C  N N 379 
VAL OXT  O  N N 380 
VAL H    H  N N 381 
VAL H2   H  N N 382 
VAL HA   H  N N 383 
VAL HB   H  N N 384 
VAL HG11 H  N N 385 
VAL HG12 H  N N 386 
VAL HG13 H  N N 387 
VAL HG21 H  N N 388 
VAL HG22 H  N N 389 
VAL HG23 H  N N 390 
VAL HXT  H  N N 391 
# 
loop_
_chem_comp_bond.comp_id 
_chem_comp_bond.atom_id_1 
_chem_comp_bond.atom_id_2 
_chem_comp_bond.value_order 
_chem_comp_bond.pdbx_aromatic_flag 
_chem_comp_bond.pdbx_stereo_config 
_chem_comp_bond.pdbx_ordinal 
ALA N   CA   sing N N 1   
ALA N   H    sing N N 2   
ALA N   H2   sing N N 3   
ALA CA  C    sing N N 4   
ALA CA  CB   sing N N 5   
ALA CA  HA   sing N N 6   
ALA C   O    doub N N 7   
ALA C   OXT  sing N N 8   
ALA CB  HB1  sing N N 9   
ALA CB  HB2  sing N N 10  
ALA CB  HB3  sing N N 11  
ALA OXT HXT  sing N N 12  
ARG N   CA   sing N N 13  
ARG N   H    sing N N 14  
ARG N   H2   sing N N 15  
ARG CA  C    sing N N 16  
ARG CA  CB   sing N N 17  
ARG CA  HA   sing N N 18  
ARG C   O    doub N N 19  
ARG C   OXT  sing N N 20  
ARG CB  CG   sing N N 21  
ARG CB  HB2  sing N N 22  
ARG CB  HB3  sing N N 23  
ARG CG  CD   sing N N 24  
ARG CG  HG2  sing N N 25  
ARG CG  HG3  sing N N 26  
ARG CD  NE   sing N N 27  
ARG CD  HD2  sing N N 28  
ARG CD  HD3  sing N N 29  
ARG NE  CZ   sing N N 30  
ARG NE  HE   sing N N 31  
ARG CZ  NH1  sing N N 32  
ARG CZ  NH2  doub N N 33  
ARG NH1 HH11 sing N N 34  
ARG NH1 HH12 sing N N 35  
ARG NH2 HH21 sing N N 36  
ARG NH2 HH22 sing N N 37  
ARG OXT HXT  sing N N 38  
ASN N   CA   sing N N 39  
ASN N   H    sing N N 40  
ASN N   H2   sing N N 41  
ASN CA  C    sing N N 42  
ASN CA  CB   sing N N 43  
ASN CA  HA   sing N N 44  
ASN C   O    doub N N 45  
ASN C   OXT  sing N N 46  
ASN CB  CG   sing N N 47  
ASN CB  HB2  sing N N 48  
ASN CB  HB3  sing N N 49  
ASN CG  OD1  doub N N 50  
ASN CG  ND2  sing N N 51  
ASN ND2 HD21 sing N N 52  
ASN ND2 HD22 sing N N 53  
ASN OXT HXT  sing N N 54  
ASP N   CA   sing N N 55  
ASP N   H    sing N N 56  
ASP N   H2   sing N N 57  
ASP CA  C    sing N N 58  
ASP CA  CB   sing N N 59  
ASP CA  HA   sing N N 60  
ASP C   O    doub N N 61  
ASP C   OXT  sing N N 62  
ASP CB  CG   sing N N 63  
ASP CB  HB2  sing N N 64  
ASP CB  HB3  sing N N 65  
ASP CG  OD1  doub N N 66  
ASP CG  OD2  sing N N 67  
ASP OD2 HD2  sing N N 68  
ASP OXT HXT  sing N N 69  
GLN N   CA   sing N N 70  
GLN N   H    sing N N 71  
GLN N   H2   sing N N 72  
GLN CA  C    sing N N 73  
GLN CA  CB   sing N N 74  
GLN CA  HA   sing N N 75  
GLN C   O    doub N N 76  
GLN C   OXT  sing N N 77  
GLN CB  CG   sing N N 78  
GLN CB  HB2  sing N N 79  
GLN CB  HB3  sing N N 80  
GLN CG  CD   sing N N 81  
GLN CG  HG2  sing N N 82  
GLN CG  HG3  sing N N 83  
GLN CD  OE1  doub N N 84  
GLN CD  NE2  sing N N 85  
GLN NE2 HE21 sing N N 86  
GLN NE2 HE22 sing N N 87  
GLN OXT HXT  sing N N 88  
GLU N   CA   sing N N 89  
GLU N   H    sing N N 90  
GLU N   H2   sing N N 91  
GLU CA  C    sing N N 92  
GLU CA  CB   sing N N 93  
GLU CA  HA   sing N N 94  
GLU C   O    doub N N 95  
GLU C   OXT  sing N N 96  
GLU CB  CG   sing N N 97  
GLU CB  HB2  sing N N 98  
GLU CB  HB3  sing N N 99  
GLU CG  CD   sing N N 100 
GLU CG  HG2  sing N N 101 
GLU CG  HG3  sing N N 102 
GLU CD  OE1  doub N N 103 
GLU CD  OE2  sing N N 104 
GLU OE2 HE2  sing N N 105 
GLU OXT HXT  sing N N 106 
GLY N   CA   sing N N 107 
GLY N   H    sing N N 108 
GLY N   H2   sing N N 109 
GLY CA  C    sing N N 110 
GLY CA  HA2  sing N N 111 
GLY CA  HA3  sing N N 112 
GLY C   O    doub N N 113 
GLY C   OXT  sing N N 114 
GLY OXT HXT  sing N N 115 
GOL C1  O1   sing N N 116 
GOL C1  C2   sing N N 117 
GOL C1  H11  sing N N 118 
GOL C1  H12  sing N N 119 
GOL O1  HO1  sing N N 120 
GOL C2  O2   sing N N 121 
GOL C2  C3   sing N N 122 
GOL C2  H2   sing N N 123 
GOL O2  HO2  sing N N 124 
GOL C3  O3   sing N N 125 
GOL C3  H31  sing N N 126 
GOL C3  H32  sing N N 127 
GOL O3  HO3  sing N N 128 
HIS N   CA   sing N N 129 
HIS N   H    sing N N 130 
HIS N   H2   sing N N 131 
HIS CA  C    sing N N 132 
HIS CA  CB   sing N N 133 
HIS CA  HA   sing N N 134 
HIS C   O    doub N N 135 
HIS C   OXT  sing N N 136 
HIS CB  CG   sing N N 137 
HIS CB  HB2  sing N N 138 
HIS CB  HB3  sing N N 139 
HIS CG  ND1  sing Y N 140 
HIS CG  CD2  doub Y N 141 
HIS ND1 CE1  doub Y N 142 
HIS ND1 HD1  sing N N 143 
HIS CD2 NE2  sing Y N 144 
HIS CD2 HD2  sing N N 145 
HIS CE1 NE2  sing Y N 146 
HIS CE1 HE1  sing N N 147 
HIS NE2 HE2  sing N N 148 
HIS OXT HXT  sing N N 149 
HOH O   H1   sing N N 150 
HOH O   H2   sing N N 151 
ILE N   CA   sing N N 152 
ILE N   H    sing N N 153 
ILE N   H2   sing N N 154 
ILE CA  C    sing N N 155 
ILE CA  CB   sing N N 156 
ILE CA  HA   sing N N 157 
ILE C   O    doub N N 158 
ILE C   OXT  sing N N 159 
ILE CB  CG1  sing N N 160 
ILE CB  CG2  sing N N 161 
ILE CB  HB   sing N N 162 
ILE CG1 CD1  sing N N 163 
ILE CG1 HG12 sing N N 164 
ILE CG1 HG13 sing N N 165 
ILE CG2 HG21 sing N N 166 
ILE CG2 HG22 sing N N 167 
ILE CG2 HG23 sing N N 168 
ILE CD1 HD11 sing N N 169 
ILE CD1 HD12 sing N N 170 
ILE CD1 HD13 sing N N 171 
ILE OXT HXT  sing N N 172 
LEU N   CA   sing N N 173 
LEU N   H    sing N N 174 
LEU N   H2   sing N N 175 
LEU CA  C    sing N N 176 
LEU CA  CB   sing N N 177 
LEU CA  HA   sing N N 178 
LEU C   O    doub N N 179 
LEU C   OXT  sing N N 180 
LEU CB  CG   sing N N 181 
LEU CB  HB2  sing N N 182 
LEU CB  HB3  sing N N 183 
LEU CG  CD1  sing N N 184 
LEU CG  CD2  sing N N 185 
LEU CG  HG   sing N N 186 
LEU CD1 HD11 sing N N 187 
LEU CD1 HD12 sing N N 188 
LEU CD1 HD13 sing N N 189 
LEU CD2 HD21 sing N N 190 
LEU CD2 HD22 sing N N 191 
LEU CD2 HD23 sing N N 192 
LEU OXT HXT  sing N N 193 
LYS N   CA   sing N N 194 
LYS N   H    sing N N 195 
LYS N   H2   sing N N 196 
LYS CA  C    sing N N 197 
LYS CA  CB   sing N N 198 
LYS CA  HA   sing N N 199 
LYS C   O    doub N N 200 
LYS C   OXT  sing N N 201 
LYS CB  CG   sing N N 202 
LYS CB  HB2  sing N N 203 
LYS CB  HB3  sing N N 204 
LYS CG  CD   sing N N 205 
LYS CG  HG2  sing N N 206 
LYS CG  HG3  sing N N 207 
LYS CD  CE   sing N N 208 
LYS CD  HD2  sing N N 209 
LYS CD  HD3  sing N N 210 
LYS CE  NZ   sing N N 211 
LYS CE  HE2  sing N N 212 
LYS CE  HE3  sing N N 213 
LYS NZ  HZ1  sing N N 214 
LYS NZ  HZ2  sing N N 215 
LYS NZ  HZ3  sing N N 216 
LYS OXT HXT  sing N N 217 
MET N   CA   sing N N 218 
MET N   H    sing N N 219 
MET N   H2   sing N N 220 
MET CA  C    sing N N 221 
MET CA  CB   sing N N 222 
MET CA  HA   sing N N 223 
MET C   O    doub N N 224 
MET C   OXT  sing N N 225 
MET CB  CG   sing N N 226 
MET CB  HB2  sing N N 227 
MET CB  HB3  sing N N 228 
MET CG  SD   sing N N 229 
MET CG  HG2  sing N N 230 
MET CG  HG3  sing N N 231 
MET SD  CE   sing N N 232 
MET CE  HE1  sing N N 233 
MET CE  HE2  sing N N 234 
MET CE  HE3  sing N N 235 
MET OXT HXT  sing N N 236 
PHE N   CA   sing N N 237 
PHE N   H    sing N N 238 
PHE N   H2   sing N N 239 
PHE CA  C    sing N N 240 
PHE CA  CB   sing N N 241 
PHE CA  HA   sing N N 242 
PHE C   O    doub N N 243 
PHE C   OXT  sing N N 244 
PHE CB  CG   sing N N 245 
PHE CB  HB2  sing N N 246 
PHE CB  HB3  sing N N 247 
PHE CG  CD1  doub Y N 248 
PHE CG  CD2  sing Y N 249 
PHE CD1 CE1  sing Y N 250 
PHE CD1 HD1  sing N N 251 
PHE CD2 CE2  doub Y N 252 
PHE CD2 HD2  sing N N 253 
PHE CE1 CZ   doub Y N 254 
PHE CE1 HE1  sing N N 255 
PHE CE2 CZ   sing Y N 256 
PHE CE2 HE2  sing N N 257 
PHE CZ  HZ   sing N N 258 
PHE OXT HXT  sing N N 259 
PRO N   CA   sing N N 260 
PRO N   CD   sing N N 261 
PRO N   H    sing N N 262 
PRO CA  C    sing N N 263 
PRO CA  CB   sing N N 264 
PRO CA  HA   sing N N 265 
PRO C   O    doub N N 266 
PRO C   OXT  sing N N 267 
PRO CB  CG   sing N N 268 
PRO CB  HB2  sing N N 269 
PRO CB  HB3  sing N N 270 
PRO CG  CD   sing N N 271 
PRO CG  HG2  sing N N 272 
PRO CG  HG3  sing N N 273 
PRO CD  HD2  sing N N 274 
PRO CD  HD3  sing N N 275 
PRO OXT HXT  sing N N 276 
SER N   CA   sing N N 277 
SER N   H    sing N N 278 
SER N   H2   sing N N 279 
SER CA  C    sing N N 280 
SER CA  CB   sing N N 281 
SER CA  HA   sing N N 282 
SER C   O    doub N N 283 
SER C   OXT  sing N N 284 
SER CB  OG   sing N N 285 
SER CB  HB2  sing N N 286 
SER CB  HB3  sing N N 287 
SER OG  HG   sing N N 288 
SER OXT HXT  sing N N 289 
THR N   CA   sing N N 290 
THR N   H    sing N N 291 
THR N   H2   sing N N 292 
THR CA  C    sing N N 293 
THR CA  CB   sing N N 294 
THR CA  HA   sing N N 295 
THR C   O    doub N N 296 
THR C   OXT  sing N N 297 
THR CB  OG1  sing N N 298 
THR CB  CG2  sing N N 299 
THR CB  HB   sing N N 300 
THR OG1 HG1  sing N N 301 
THR CG2 HG21 sing N N 302 
THR CG2 HG22 sing N N 303 
THR CG2 HG23 sing N N 304 
THR OXT HXT  sing N N 305 
TRP N   CA   sing N N 306 
TRP N   H    sing N N 307 
TRP N   H2   sing N N 308 
TRP CA  C    sing N N 309 
TRP CA  CB   sing N N 310 
TRP CA  HA   sing N N 311 
TRP C   O    doub N N 312 
TRP C   OXT  sing N N 313 
TRP CB  CG   sing N N 314 
TRP CB  HB2  sing N N 315 
TRP CB  HB3  sing N N 316 
TRP CG  CD1  doub Y N 317 
TRP CG  CD2  sing Y N 318 
TRP CD1 NE1  sing Y N 319 
TRP CD1 HD1  sing N N 320 
TRP CD2 CE2  doub Y N 321 
TRP CD2 CE3  sing Y N 322 
TRP NE1 CE2  sing Y N 323 
TRP NE1 HE1  sing N N 324 
TRP CE2 CZ2  sing Y N 325 
TRP CE3 CZ3  doub Y N 326 
TRP CE3 HE3  sing N N 327 
TRP CZ2 CH2  doub Y N 328 
TRP CZ2 HZ2  sing N N 329 
TRP CZ3 CH2  sing Y N 330 
TRP CZ3 HZ3  sing N N 331 
TRP CH2 HH2  sing N N 332 
TRP OXT HXT  sing N N 333 
TYR N   CA   sing N N 334 
TYR N   H    sing N N 335 
TYR N   H2   sing N N 336 
TYR CA  C    sing N N 337 
TYR CA  CB   sing N N 338 
TYR CA  HA   sing N N 339 
TYR C   O    doub N N 340 
TYR C   OXT  sing N N 341 
TYR CB  CG   sing N N 342 
TYR CB  HB2  sing N N 343 
TYR CB  HB3  sing N N 344 
TYR CG  CD1  doub Y N 345 
TYR CG  CD2  sing Y N 346 
TYR CD1 CE1  sing Y N 347 
TYR CD1 HD1  sing N N 348 
TYR CD2 CE2  doub Y N 349 
TYR CD2 HD2  sing N N 350 
TYR CE1 CZ   doub Y N 351 
TYR CE1 HE1  sing N N 352 
TYR CE2 CZ   sing Y N 353 
TYR CE2 HE2  sing N N 354 
TYR CZ  OH   sing N N 355 
TYR OH  HH   sing N N 356 
TYR OXT HXT  sing N N 357 
VAL N   CA   sing N N 358 
VAL N   H    sing N N 359 
VAL N   H2   sing N N 360 
VAL CA  C    sing N N 361 
VAL CA  CB   sing N N 362 
VAL CA  HA   sing N N 363 
VAL C   O    doub N N 364 
VAL C   OXT  sing N N 365 
VAL CB  CG1  sing N N 366 
VAL CB  CG2  sing N N 367 
VAL CB  HB   sing N N 368 
VAL CG1 HG11 sing N N 369 
VAL CG1 HG12 sing N N 370 
VAL CG1 HG13 sing N N 371 
VAL CG2 HG21 sing N N 372 
VAL CG2 HG22 sing N N 373 
VAL CG2 HG23 sing N N 374 
VAL OXT HXT  sing N N 375 
# 
_atom_sites.entry_id                    1RNL 
_atom_sites.fract_transf_matrix[1][1]   0.01316874 
_atom_sites.fract_transf_matrix[1][2]   -0.00806212 
_atom_sites.fract_transf_matrix[1][3]   0.00547923 
_atom_sites.fract_transf_matrix[2][1]   0.00751432 
_atom_sites.fract_transf_matrix[2][2]   0.00944835 
_atom_sites.fract_transf_matrix[2][3]   -0.00415759 
_atom_sites.fract_transf_matrix[3][1]   -0.00075396 
_atom_sites.fract_transf_matrix[3][2]   0.00396272 
_atom_sites.fract_transf_matrix[3][3]   0.00764281 
_atom_sites.fract_transf_vector[1]      0.677654 
_atom_sites.fract_transf_vector[2]      0.251122 
_atom_sites.fract_transf_vector[3]      0.354502 
# 
loop_
_atom_type.symbol 
C  
N  
O  
PT 
S  
# 
loop_
_atom_site.group_PDB 
_atom_site.id 
_atom_site.type_symbol 
_atom_site.label_atom_id 
_atom_site.label_alt_id 
_atom_site.label_comp_id 
_atom_site.label_asym_id 
_atom_site.label_entity_id 
_atom_site.label_seq_id 
_atom_site.pdbx_PDB_ins_code 
_atom_site.Cartn_x 
_atom_site.Cartn_y 
_atom_site.Cartn_z 
_atom_site.occupancy 
_atom_site.B_iso_or_equiv 
_atom_site.pdbx_formal_charge 
_atom_site.auth_seq_id 
_atom_site.auth_comp_id 
_atom_site.auth_asym_id 
_atom_site.auth_atom_id 
_atom_site.pdbx_PDB_model_num 
ATOM   1    N  N   . GLU A 1 4   ? 2.721   -3.682  -18.605 1.00 50.76  ? 5   GLU A N   1 
ATOM   2    C  CA  . GLU A 1 4   ? 3.590   -4.177  -17.545 1.00 48.78  ? 5   GLU A CA  1 
ATOM   3    C  C   . GLU A 1 4   ? 4.015   -3.168  -16.459 1.00 43.10  ? 5   GLU A C   1 
ATOM   4    O  O   . GLU A 1 4   ? 4.711   -3.548  -15.516 1.00 44.73  ? 5   GLU A O   1 
ATOM   5    C  CB  . GLU A 1 4   ? 4.828   -4.874  -18.141 1.00 56.10  ? 5   GLU A CB  1 
ATOM   6    C  CG  . GLU A 1 4   ? 6.036   -3.972  -18.461 1.00 64.57  ? 5   GLU A CG  1 
ATOM   7    C  CD  . GLU A 1 4   ? 5.856   -3.075  -19.685 1.00 69.07  ? 5   GLU A CD  1 
ATOM   8    O  OE1 . GLU A 1 4   ? 4.902   -3.276  -20.472 1.00 71.68  ? 5   GLU A OE1 1 
ATOM   9    O  OE2 . GLU A 1 4   ? 6.691   -2.162  -19.862 1.00 72.21  ? 5   GLU A OE2 1 
ATOM   10   N  N   . PRO A 1 5   ? 3.649   -1.873  -16.590 1.00 36.56  ? 6   PRO A N   1 
ATOM   11   C  CA  . PRO A 1 5   ? 4.073   -0.958  -15.523 1.00 33.72  ? 6   PRO A CA  1 
ATOM   12   C  C   . PRO A 1 5   ? 3.162   -1.080  -14.308 1.00 27.46  ? 6   PRO A C   1 
ATOM   13   O  O   . PRO A 1 5   ? 2.014   -1.507  -14.428 1.00 26.75  ? 6   PRO A O   1 
ATOM   14   C  CB  . PRO A 1 5   ? 3.947   0.414   -16.183 1.00 31.75  ? 6   PRO A CB  1 
ATOM   15   C  CG  . PRO A 1 5   ? 2.774   0.240   -17.060 1.00 35.01  ? 6   PRO A CG  1 
ATOM   16   C  CD  . PRO A 1 5   ? 3.036   -1.111  -17.695 1.00 36.48  ? 6   PRO A CD  1 
ATOM   17   N  N   . ALA A 1 6   ? 3.699   -0.747  -13.137 1.00 25.70  ? 7   ALA A N   1 
ATOM   18   C  CA  . ALA A 1 6   ? 2.943   -0.803  -11.887 1.00 20.02  ? 7   ALA A CA  1 
ATOM   19   C  C   . ALA A 1 6   ? 1.821   0.236   -11.899 1.00 18.16  ? 7   ALA A C   1 
ATOM   20   O  O   . ALA A 1 6   ? 2.005   1.357   -12.368 1.00 22.54  ? 7   ALA A O   1 
ATOM   21   C  CB  . ALA A 1 6   ? 3.873   -0.574  -10.710 1.00 19.97  ? 7   ALA A CB  1 
ATOM   22   N  N   . THR A 1 7   ? 0.655   -0.145  -11.389 1.00 17.10  ? 8   THR A N   1 
ATOM   23   C  CA  . THR A 1 7   ? -0.496  0.741   -11.374 1.00 12.96  ? 8   THR A CA  1 
ATOM   24   C  C   . THR A 1 7   ? -0.688  1.502   -10.066 1.00 14.50  ? 8   THR A C   1 
ATOM   25   O  O   . THR A 1 7   ? -0.497  0.957   -8.978  1.00 15.13  ? 8   THR A O   1 
ATOM   26   C  CB  . THR A 1 7   ? -1.761  -0.035  -11.722 1.00 15.41  ? 8   THR A CB  1 
ATOM   27   O  OG1 . THR A 1 7   ? -1.914  -1.130  -10.814 1.00 19.96  ? 8   THR A OG1 1 
ATOM   28   C  CG2 . THR A 1 7   ? -1.656  -0.581  -13.132 1.00 13.78  ? 8   THR A CG2 1 
ATOM   29   N  N   . ILE A 1 8   ? -1.116  2.755   -10.194 1.00 13.52  ? 9   ILE A N   1 
ATOM   30   C  CA  . ILE A 1 8   ? -1.326  3.645   -9.057  1.00 12.39  ? 9   ILE A CA  1 
ATOM   31   C  C   . ILE A 1 8   ? -2.708  4.304   -9.102  1.00 15.00  ? 9   ILE A C   1 
ATOM   32   O  O   . ILE A 1 8   ? -3.109  4.836   -10.133 1.00 20.05  ? 9   ILE A O   1 
ATOM   33   C  CB  . ILE A 1 8   ? -0.246  4.762   -9.049  1.00 9.51   ? 9   ILE A CB  1 
ATOM   34   C  CG1 . ILE A 1 8   ? 1.145   4.139   -8.925  1.00 13.46  ? 9   ILE A CG1 1 
ATOM   35   C  CG2 . ILE A 1 8   ? -0.508  5.767   -7.930  1.00 4.78   ? 9   ILE A CG2 1 
ATOM   36   C  CD1 . ILE A 1 8   ? 2.293   5.128   -8.998  1.00 12.80  ? 9   ILE A CD1 1 
ATOM   37   N  N   . LEU A 1 9   ? -3.436  4.248   -7.988  1.00 15.40  ? 10  LEU A N   1 
ATOM   38   C  CA  . LEU A 1 9   ? -4.758  4.872   -7.877  1.00 13.77  ? 10  LEU A CA  1 
ATOM   39   C  C   . LEU A 1 9   ? -4.605  6.091   -6.974  1.00 12.20  ? 10  LEU A C   1 
ATOM   40   O  O   . LEU A 1 9   ? -4.138  5.963   -5.848  1.00 12.06  ? 10  LEU A O   1 
ATOM   41   C  CB  . LEU A 1 9   ? -5.768  3.903   -7.252  1.00 13.64  ? 10  LEU A CB  1 
ATOM   42   C  CG  . LEU A 1 9   ? -7.142  4.459   -6.860  1.00 11.48  ? 10  LEU A CG  1 
ATOM   43   C  CD1 . LEU A 1 9   ? -7.867  5.002   -8.071  1.00 11.99  ? 10  LEU A CD1 1 
ATOM   44   C  CD2 . LEU A 1 9   ? -7.965  3.377   -6.217  1.00 14.26  ? 10  LEU A CD2 1 
ATOM   45   N  N   . LEU A 1 10  ? -4.975  7.265   -7.474  1.00 12.08  ? 11  LEU A N   1 
ATOM   46   C  CA  . LEU A 1 10  ? -4.869  8.500   -6.702  1.00 11.25  ? 11  LEU A CA  1 
ATOM   47   C  C   . LEU A 1 10  ? -6.211  8.900   -6.116  1.00 13.03  ? 11  LEU A C   1 
ATOM   48   O  O   . LEU A 1 10  ? -7.175  9.110   -6.855  1.00 15.09  ? 11  LEU A O   1 
ATOM   49   C  CB  . LEU A 1 10  ? -4.374  9.646   -7.591  1.00 9.92   ? 11  LEU A CB  1 
ATOM   50   C  CG  . LEU A 1 10  ? -3.103  9.441   -8.412  1.00 14.69  ? 11  LEU A CG  1 
ATOM   51   C  CD1 . LEU A 1 10  ? -2.843  10.682  -9.254  1.00 15.05  ? 11  LEU A CD1 1 
ATOM   52   C  CD2 . LEU A 1 10  ? -1.925  9.147   -7.501  1.00 11.31  ? 11  LEU A CD2 1 
ATOM   53   N  N   . ILE A 1 11  ? -6.279  8.980   -4.790  1.00 12.69  ? 12  ILE A N   1 
ATOM   54   C  CA  . ILE A 1 11  ? -7.504  9.390   -4.105  1.00 13.16  ? 12  ILE A CA  1 
ATOM   55   C  C   . ILE A 1 11  ? -7.190  10.634  -3.281  1.00 15.30  ? 12  ILE A C   1 
ATOM   56   O  O   . ILE A 1 11  ? -6.453  10.565  -2.294  1.00 16.93  ? 12  ILE A O   1 
ATOM   57   C  CB  . ILE A 1 11  ? -8.049  8.302   -3.159  1.00 13.57  ? 12  ILE A CB  1 
ATOM   58   C  CG1 . ILE A 1 11  ? -8.294  6.997   -3.926  1.00 13.18  ? 12  ILE A CG1 1 
ATOM   59   C  CG2 . ILE A 1 11  ? -9.349  8.785   -2.517  1.00 13.24  ? 12  ILE A CG2 1 
ATOM   60   C  CD1 . ILE A 1 11  ? -8.725  5.846   -3.052  1.00 7.55   ? 12  ILE A CD1 1 
ATOM   61   N  N   . ASP A 1 12  ? -7.726  11.770  -3.710  1.00 15.21  ? 13  ASP A N   1 
ATOM   62   C  CA  . ASP A 1 12  ? -7.509  13.032  -3.019  1.00 15.56  ? 13  ASP A CA  1 
ATOM   63   C  C   . ASP A 1 12  ? -8.449  14.105  -3.533  1.00 18.55  ? 13  ASP A C   1 
ATOM   64   O  O   . ASP A 1 12  ? -9.156  13.921  -4.525  1.00 20.80  ? 13  ASP A O   1 
ATOM   65   C  CB  . ASP A 1 12  ? -6.071  13.510  -3.229  1.00 13.92  ? 13  ASP A CB  1 
ATOM   66   C  CG  . ASP A 1 12  ? -5.809  13.968  -4.648  1.00 15.52  ? 13  ASP A CG  1 
ATOM   67   O  OD1 . ASP A 1 12  ? -6.117  15.130  -4.968  1.00 16.43  ? 13  ASP A OD1 1 
ATOM   68   O  OD2 . ASP A 1 12  ? -5.320  13.158  -5.454  1.00 21.13  ? 13  ASP A OD2 1 
ATOM   69   N  N   . ASP A 1 13  ? -8.406  15.252  -2.869  1.00 21.90  ? 14  ASP A N   1 
ATOM   70   C  CA  . ASP A 1 13  ? -9.205  16.401  -3.246  1.00 20.72  ? 14  ASP A CA  1 
ATOM   71   C  C   . ASP A 1 13  ? -8.296  17.586  -2.975  1.00 17.46  ? 14  ASP A C   1 
ATOM   72   O  O   . ASP A 1 13  ? -8.588  18.432  -2.136  1.00 22.46  ? 14  ASP A O   1 
ATOM   73   C  CB  . ASP A 1 13  ? -10.485 16.476  -2.409  1.00 23.44  ? 14  ASP A CB  1 
ATOM   74   C  CG  . ASP A 1 13  ? -11.538 17.387  -3.018  1.00 29.37  ? 14  ASP A CG  1 
ATOM   75   O  OD1 . ASP A 1 13  ? -11.269 18.020  -4.060  1.00 27.78  ? 14  ASP A OD1 1 
ATOM   76   O  OD2 . ASP A 1 13  ? -12.652 17.464  -2.464  1.00 34.79  ? 14  ASP A OD2 1 
ATOM   77   N  N   . HIS A 1 14  ? -7.153  17.587  -3.658  1.00 17.78  ? 15  HIS A N   1 
ATOM   78   C  CA  . HIS A 1 14  ? -6.148  18.628  -3.520  1.00 19.59  ? 15  HIS A CA  1 
ATOM   79   C  C   . HIS A 1 14  ? -5.485  18.759  -4.890  1.00 20.15  ? 15  HIS A C   1 
ATOM   80   O  O   . HIS A 1 14  ? -4.393  18.244  -5.118  1.00 20.53  ? 15  HIS A O   1 
ATOM   81   C  CB  . HIS A 1 14  ? -5.137  18.220  -2.441  1.00 19.03  ? 15  HIS A CB  1 
ATOM   82   C  CG  . HIS A 1 14  ? -4.145  19.292  -2.114  1.00 21.18  ? 15  HIS A CG  1 
ATOM   83   N  ND1 . HIS A 1 14  ? -3.210  19.137  -1.117  1.00 19.64  ? 15  HIS A ND1 1 
ATOM   84   C  CD2 . HIS A 1 14  ? -3.965  20.497  -2.713  1.00 18.12  ? 15  HIS A CD2 1 
ATOM   85   C  CE1 . HIS A 1 14  ? -2.485  20.240  -1.135  1.00 22.17  ? 15  HIS A CE1 1 
ATOM   86   N  NE2 . HIS A 1 14  ? -2.900  21.091  -2.084  1.00 22.95  ? 15  HIS A NE2 1 
ATOM   87   N  N   . PRO A 1 15  ? -6.161  19.449  -5.833  1.00 19.86  ? 16  PRO A N   1 
ATOM   88   C  CA  . PRO A 1 15  ? -5.772  19.717  -7.225  1.00 19.18  ? 16  PRO A CA  1 
ATOM   89   C  C   . PRO A 1 15  ? -4.290  19.917  -7.524  1.00 22.31  ? 16  PRO A C   1 
ATOM   90   O  O   . PRO A 1 15  ? -3.718  19.165  -8.314  1.00 21.40  ? 16  PRO A O   1 
ATOM   91   C  CB  . PRO A 1 15  ? -6.615  20.940  -7.571  1.00 20.29  ? 16  PRO A CB  1 
ATOM   92   C  CG  . PRO A 1 15  ? -7.868  20.676  -6.838  1.00 16.31  ? 16  PRO A CG  1 
ATOM   93   C  CD  . PRO A 1 15  ? -7.349  20.250  -5.486  1.00 16.26  ? 16  PRO A CD  1 
ATOM   94   N  N   . MET A 1 16  ? -3.661  20.904  -6.893  1.00 22.84  ? 17  MET A N   1 
ATOM   95   C  CA  . MET A 1 16  ? -2.248  21.160  -7.151  1.00 29.43  ? 17  MET A CA  1 
ATOM   96   C  C   . MET A 1 16  ? -1.326  20.026  -6.745  1.00 26.14  ? 17  MET A C   1 
ATOM   97   O  O   . MET A 1 16  ? -0.266  19.855  -7.340  1.00 29.43  ? 17  MET A O   1 
ATOM   98   C  CB  . MET A 1 16  ? -1.802  22.470  -6.506  1.00 34.34  ? 17  MET A CB  1 
ATOM   99   C  CG  . MET A 1 16  ? -1.742  23.628  -7.487  1.00 41.28  ? 17  MET A CG  1 
ATOM   100  S  SD  . MET A 1 16  ? -0.589  23.316  -8.842  1.00 37.49  ? 17  MET A SD  1 
ATOM   101  C  CE  . MET A 1 16  ? -0.653  24.861  -9.663  1.00 38.03  ? 17  MET A CE  1 
ATOM   102  N  N   . LEU A 1 17  ? -1.714  19.266  -5.722  1.00 22.56  ? 18  LEU A N   1 
ATOM   103  C  CA  . LEU A 1 17  ? -0.906  18.134  -5.281  1.00 22.32  ? 18  LEU A CA  1 
ATOM   104  C  C   . LEU A 1 17  ? -0.992  17.039  -6.335  1.00 21.22  ? 18  LEU A C   1 
ATOM   105  O  O   . LEU A 1 17  ? 0.028   16.489  -6.748  1.00 21.57  ? 18  LEU A O   1 
ATOM   106  C  CB  . LEU A 1 17  ? -1.408  17.581  -3.945  1.00 27.52  ? 18  LEU A CB  1 
ATOM   107  C  CG  . LEU A 1 17  ? -0.801  16.234  -3.524  1.00 29.33  ? 18  LEU A CG  1 
ATOM   108  C  CD1 . LEU A 1 17  ? 0.657   16.417  -3.102  1.00 25.93  ? 18  LEU A CD1 1 
ATOM   109  C  CD2 . LEU A 1 17  ? -1.625  15.618  -2.405  1.00 26.35  ? 18  LEU A CD2 1 
ATOM   110  N  N   . ARG A 1 18  ? -2.210  16.741  -6.784  1.00 17.53  ? 19  ARG A N   1 
ATOM   111  C  CA  . ARG A 1 18  ? -2.389  15.706  -7.792  1.00 16.61  ? 19  ARG A CA  1 
ATOM   112  C  C   . ARG A 1 18  ? -1.706  16.110  -9.092  1.00 18.65  ? 19  ARG A C   1 
ATOM   113  O  O   . ARG A 1 18  ? -1.109  15.276  -9.767  1.00 19.92  ? 19  ARG A O   1 
ATOM   114  C  CB  . ARG A 1 18  ? -3.867  15.405  -8.039  1.00 16.10  ? 19  ARG A CB  1 
ATOM   115  C  CG  . ARG A 1 18  ? -4.057  14.054  -8.723  1.00 15.61  ? 19  ARG A CG  1 
ATOM   116  C  CD  . ARG A 1 18  ? -5.469  13.816  -9.208  1.00 11.35  ? 19  ARG A CD  1 
ATOM   117  N  NE  . ARG A 1 18  ? -6.429  13.693  -8.122  1.00 9.63   ? 19  ARG A NE  1 
ATOM   118  C  CZ  . ARG A 1 18  ? -7.741  13.634  -8.310  1.00 11.38  ? 19  ARG A CZ  1 
ATOM   119  N  NH1 . ARG A 1 18  ? -8.233  13.703  -9.541  1.00 9.64   ? 19  ARG A NH1 1 
ATOM   120  N  NH2 . ARG A 1 18  ? -8.558  13.524  -7.275  1.00 14.42  ? 19  ARG A NH2 1 
ATOM   121  N  N   . THR A 1 19  ? -1.771  17.397  -9.416  1.00 15.31  ? 20  THR A N   1 
ATOM   122  C  CA  . THR A 1 19  ? -1.138  17.933  -10.614 1.00 16.25  ? 20  THR A CA  1 
ATOM   123  C  C   . THR A 1 19  ? 0.374   17.667  -10.573 1.00 18.89  ? 20  THR A C   1 
ATOM   124  O  O   . THR A 1 19  ? 0.971   17.247  -11.568 1.00 20.28  ? 20  THR A O   1 
ATOM   125  C  CB  . THR A 1 19  ? -1.402  19.449  -10.713 1.00 17.79  ? 20  THR A CB  1 
ATOM   126  O  OG1 . THR A 1 19  ? -2.806  19.676  -10.864 1.00 19.47  ? 20  THR A OG1 1 
ATOM   127  C  CG2 . THR A 1 19  ? -0.668  20.060  -11.890 1.00 20.32  ? 20  THR A CG2 1 
ATOM   128  N  N   . GLY A 1 20  ? 0.980   17.894  -9.408  1.00 19.68  ? 21  GLY A N   1 
ATOM   129  C  CA  . GLY A 1 20  ? 2.409   17.674  -9.246  1.00 21.90  ? 21  GLY A CA  1 
ATOM   130  C  C   . GLY A 1 20  ? 2.780   16.201  -9.229  1.00 22.00  ? 21  GLY A C   1 
ATOM   131  O  O   . GLY A 1 20  ? 3.746   15.781  -9.872  1.00 24.60  ? 21  GLY A O   1 
ATOM   132  N  N   . VAL A 1 21  ? 2.006   15.411  -8.492  1.00 19.11  ? 22  VAL A N   1 
ATOM   133  C  CA  . VAL A 1 21  ? 2.241   13.978  -8.400  1.00 16.99  ? 22  VAL A CA  1 
ATOM   134  C  C   . VAL A 1 21  ? 2.174   13.339  -9.788  1.00 16.34  ? 22  VAL A C   1 
ATOM   135  O  O   . VAL A 1 21  ? 2.998   12.492  -10.114 1.00 19.53  ? 22  VAL A O   1 
ATOM   136  C  CB  . VAL A 1 21  ? 1.232   13.315  -7.439  1.00 13.53  ? 22  VAL A CB  1 
ATOM   137  C  CG1 . VAL A 1 21  ? 1.358   11.805  -7.488  1.00 14.32  ? 22  VAL A CG1 1 
ATOM   138  C  CG2 . VAL A 1 21  ? 1.484   13.805  -6.024  1.00 10.58  ? 22  VAL A CG2 1 
ATOM   139  N  N   . LYS A 1 22  ? 1.240   13.793  -10.625 1.00 20.82  ? 23  LYS A N   1 
ATOM   140  C  CA  . LYS A 1 22  ? 1.088   13.263  -11.985 1.00 20.08  ? 23  LYS A CA  1 
ATOM   141  C  C   . LYS A 1 22  ? 2.339   13.551  -12.810 1.00 18.34  ? 23  LYS A C   1 
ATOM   142  O  O   . LYS A 1 22  ? 2.794   12.709  -13.581 1.00 23.16  ? 23  LYS A O   1 
ATOM   143  C  CB  . LYS A 1 22  ? -0.133  13.877  -12.679 1.00 22.53  ? 23  LYS A CB  1 
ATOM   144  C  CG  . LYS A 1 22  ? -1.460  13.564  -12.007 1.00 28.16  ? 23  LYS A CG  1 
ATOM   145  C  CD  . LYS A 1 22  ? -1.984  12.198  -12.367 1.00 31.83  ? 23  LYS A CD  1 
ATOM   146  C  CE  . LYS A 1 22  ? -2.775  12.263  -13.660 1.00 37.06  ? 23  LYS A CE  1 
ATOM   147  N  NZ  . LYS A 1 22  ? -3.930  13.200  -13.541 1.00 34.84  ? 23  LYS A NZ  1 
ATOM   148  N  N   . GLN A 1 23  ? 2.897   14.743  -12.631 1.00 18.51  ? 24  GLN A N   1 
ATOM   149  C  CA  . GLN A 1 23  ? 4.102   15.140  -13.342 1.00 15.37  ? 24  GLN A CA  1 
ATOM   150  C  C   . GLN A 1 23  ? 5.253   14.223  -12.943 1.00 16.76  ? 24  GLN A C   1 
ATOM   151  O  O   . GLN A 1 23  ? 5.992   13.738  -13.797 1.00 22.87  ? 24  GLN A O   1 
ATOM   152  C  CB  . GLN A 1 23  ? 4.439   16.602  -13.020 1.00 21.20  ? 24  GLN A CB  1 
ATOM   153  C  CG  . GLN A 1 23  ? 5.781   17.104  -13.557 1.00 23.14  ? 24  GLN A CG  1 
ATOM   154  C  CD  . GLN A 1 23  ? 5.853   17.190  -15.075 1.00 28.17  ? 24  GLN A CD  1 
ATOM   155  O  OE1 . GLN A 1 23  ? 6.927   17.409  -15.638 1.00 31.52  ? 24  GLN A OE1 1 
ATOM   156  N  NE2 . GLN A 1 23  ? 4.715   17.027  -15.743 1.00 29.17  ? 24  GLN A NE2 1 
ATOM   157  N  N   . LEU A 1 24  ? 5.369   13.959  -11.644 1.00 17.62  ? 25  LEU A N   1 
ATOM   158  C  CA  . LEU A 1 24  ? 6.420   13.095  -11.111 1.00 16.78  ? 25  LEU A CA  1 
ATOM   159  C  C   . LEU A 1 24  ? 6.329   11.664  -11.632 1.00 17.07  ? 25  LEU A C   1 
ATOM   160  O  O   . LEU A 1 24  ? 7.344   11.047  -11.944 1.00 21.43  ? 25  LEU A O   1 
ATOM   161  C  CB  . LEU A 1 24  ? 6.373   13.094  -9.583  1.00 15.45  ? 25  LEU A CB  1 
ATOM   162  C  CG  . LEU A 1 24  ? 6.711   14.428  -8.915  1.00 17.39  ? 25  LEU A CG  1 
ATOM   163  C  CD1 . LEU A 1 24  ? 6.540   14.314  -7.409  1.00 14.07  ? 25  LEU A CD1 1 
ATOM   164  C  CD2 . LEU A 1 24  ? 8.134   14.827  -9.259  1.00 15.51  ? 25  LEU A CD2 1 
ATOM   165  N  N   . ILE A 1 25  ? 5.109   11.148  -11.737 1.00 20.01  ? 26  ILE A N   1 
ATOM   166  C  CA  . ILE A 1 25  ? 4.879   9.789   -12.221 1.00 18.94  ? 26  ILE A CA  1 
ATOM   167  C  C   . ILE A 1 25  ? 5.253   9.642   -13.698 1.00 21.78  ? 26  ILE A C   1 
ATOM   168  O  O   . ILE A 1 25  ? 5.647   8.561   -14.132 1.00 22.90  ? 26  ILE A O   1 
ATOM   169  C  CB  . ILE A 1 25  ? 3.416   9.359   -11.969 1.00 18.21  ? 26  ILE A CB  1 
ATOM   170  C  CG1 . ILE A 1 25  ? 3.152   9.342   -10.461 1.00 18.33  ? 26  ILE A CG1 1 
ATOM   171  C  CG2 . ILE A 1 25  ? 3.146   7.976   -12.548 1.00 13.98  ? 26  ILE A CG2 1 
ATOM   172  C  CD1 . ILE A 1 25  ? 1.735   8.984   -10.076 1.00 24.26  ? 26  ILE A CD1 1 
ATOM   173  N  N   . SER A 1 26  ? 5.171   10.741  -14.447 1.00 25.16  ? 27  SER A N   1 
ATOM   174  C  CA  . SER A 1 26  ? 5.524   10.759  -15.870 1.00 25.67  ? 27  SER A CA  1 
ATOM   175  C  C   . SER A 1 26  ? 7.024   10.566  -16.070 1.00 25.68  ? 27  SER A C   1 
ATOM   176  O  O   . SER A 1 26  ? 7.466   10.122  -17.128 1.00 28.87  ? 27  SER A O   1 
ATOM   177  C  CB  . SER A 1 26  ? 5.108   12.085  -16.508 1.00 24.24  ? 27  SER A CB  1 
ATOM   178  O  OG  . SER A 1 26  ? 3.710   12.278  -16.414 1.00 35.12  ? 27  SER A OG  1 
ATOM   179  N  N   . MET A 1 27  ? 7.803   10.925  -15.054 1.00 29.11  ? 28  MET A N   1 
ATOM   180  C  CA  . MET A 1 27  ? 9.255   10.790  -15.111 1.00 30.65  ? 28  MET A CA  1 
ATOM   181  C  C   . MET A 1 27  ? 9.719   9.341   -14.954 1.00 30.57  ? 28  MET A C   1 
ATOM   182  O  O   . MET A 1 27  ? 10.895  9.039   -15.147 1.00 37.67  ? 28  MET A O   1 
ATOM   183  C  CB  . MET A 1 27  ? 9.926   11.668  -14.043 1.00 32.99  ? 28  MET A CB  1 
ATOM   184  C  CG  . MET A 1 27  ? 9.705   13.173  -14.222 1.00 39.62  ? 28  MET A CG  1 
ATOM   185  S  SD  . MET A 1 27  ? 11.016  14.208  -13.503 1.00 47.66  ? 28  MET A SD  1 
ATOM   186  C  CE  . MET A 1 27  ? 10.601  14.156  -11.764 1.00 45.38  ? 28  MET A CE  1 
ATOM   187  N  N   . ALA A 1 28  ? 8.801   8.449   -14.600 1.00 27.67  ? 29  ALA A N   1 
ATOM   188  C  CA  . ALA A 1 28  ? 9.136   7.044   -14.414 1.00 28.00  ? 29  ALA A CA  1 
ATOM   189  C  C   . ALA A 1 28  ? 8.229   6.184   -15.287 1.00 30.57  ? 29  ALA A C   1 
ATOM   190  O  O   . ALA A 1 28  ? 7.047   6.022   -14.987 1.00 31.86  ? 29  ALA A O   1 
ATOM   191  C  CB  . ALA A 1 28  ? 8.981   6.664   -12.948 1.00 27.44  ? 29  ALA A CB  1 
ATOM   192  N  N   . PRO A 1 29  ? 8.779   5.614   -16.377 1.00 32.90  ? 30  PRO A N   1 
ATOM   193  C  CA  . PRO A 1 29  ? 8.064   4.762   -17.340 1.00 30.97  ? 30  PRO A CA  1 
ATOM   194  C  C   . PRO A 1 29  ? 7.456   3.474   -16.778 1.00 29.10  ? 30  PRO A C   1 
ATOM   195  O  O   . PRO A 1 29  ? 6.438   2.996   -17.284 1.00 28.86  ? 30  PRO A O   1 
ATOM   196  C  CB  . PRO A 1 29  ? 9.143   4.446   -18.379 1.00 33.70  ? 30  PRO A CB  1 
ATOM   197  C  CG  . PRO A 1 29  ? 10.057  5.629   -18.304 1.00 33.39  ? 30  PRO A CG  1 
ATOM   198  C  CD  . PRO A 1 29  ? 10.168  5.824   -16.816 1.00 33.10  ? 30  PRO A CD  1 
ATOM   199  N  N   . ASP A 1 30  ? 8.075   2.916   -15.738 1.00 28.47  ? 31  ASP A N   1 
ATOM   200  C  CA  . ASP A 1 30  ? 7.584   1.677   -15.146 1.00 26.11  ? 31  ASP A CA  1 
ATOM   201  C  C   . ASP A 1 30  ? 6.462   1.808   -14.120 1.00 25.91  ? 31  ASP A C   1 
ATOM   202  O  O   . ASP A 1 30  ? 6.106   0.831   -13.460 1.00 29.92  ? 31  ASP A O   1 
ATOM   203  C  CB  . ASP A 1 30  ? 8.736   0.820   -14.605 1.00 27.57  ? 31  ASP A CB  1 
ATOM   204  C  CG  . ASP A 1 30  ? 9.517   1.498   -13.501 1.00 28.56  ? 31  ASP A CG  1 
ATOM   205  O  OD1 . ASP A 1 30  ? 9.612   2.746   -13.491 1.00 27.53  ? 31  ASP A OD1 1 
ATOM   206  O  OD2 . ASP A 1 30  ? 10.059  0.767   -12.645 1.00 31.96  ? 31  ASP A OD2 1 
ATOM   207  N  N   . ILE A 1 31  ? 5.922   3.015   -13.972 1.00 24.01  ? 32  ILE A N   1 
ATOM   208  C  CA  . ILE A 1 31  ? 4.793   3.254   -13.071 1.00 22.67  ? 32  ILE A CA  1 
ATOM   209  C  C   . ILE A 1 31  ? 3.789   4.122   -13.819 1.00 20.24  ? 32  ILE A C   1 
ATOM   210  O  O   . ILE A 1 31  ? 4.170   4.952   -14.644 1.00 19.26  ? 32  ILE A O   1 
ATOM   211  C  CB  . ILE A 1 31  ? 5.188   3.916   -11.710 1.00 21.19  ? 32  ILE A CB  1 
ATOM   212  C  CG1 . ILE A 1 31  ? 5.911   5.242   -11.921 1.00 22.41  ? 32  ILE A CG1 1 
ATOM   213  C  CG2 . ILE A 1 31  ? 6.014   2.950   -10.863 1.00 22.05  ? 32  ILE A CG2 1 
ATOM   214  C  CD1 . ILE A 1 31  ? 6.266   5.952   -10.625 1.00 20.11  ? 32  ILE A CD1 1 
ATOM   215  N  N   . THR A 1 32  ? 2.503   3.899   -13.569 1.00 22.92  ? 33  THR A N   1 
ATOM   216  C  CA  . THR A 1 32  ? 1.465   4.664   -14.247 1.00 20.72  ? 33  THR A CA  1 
ATOM   217  C  C   . THR A 1 32  ? 0.189   4.818   -13.415 1.00 19.69  ? 33  THR A C   1 
ATOM   218  O  O   . THR A 1 32  ? -0.119  3.973   -12.575 1.00 23.41  ? 33  THR A O   1 
ATOM   219  C  CB  . THR A 1 32  ? 1.114   4.019   -15.610 1.00 18.81  ? 33  THR A CB  1 
ATOM   220  O  OG1 . THR A 1 32  ? 0.252   4.892   -16.350 1.00 23.47  ? 33  THR A OG1 1 
ATOM   221  C  CG2 . THR A 1 32  ? 0.421   2.675   -15.409 1.00 15.22  ? 33  THR A CG2 1 
ATOM   222  N  N   . VAL A 1 33  ? -0.525  5.919   -13.640 1.00 17.22  ? 34  VAL A N   1 
ATOM   223  C  CA  . VAL A 1 33  ? -1.777  6.197   -12.945 1.00 16.71  ? 34  VAL A CA  1 
ATOM   224  C  C   . VAL A 1 33  ? -2.895  5.452   -13.680 1.00 18.98  ? 34  VAL A C   1 
ATOM   225  O  O   . VAL A 1 33  ? -3.095  5.650   -14.878 1.00 22.61  ? 34  VAL A O   1 
ATOM   226  C  CB  . VAL A 1 33  ? -2.081  7.715   -12.937 1.00 11.44  ? 34  VAL A CB  1 
ATOM   227  C  CG1 . VAL A 1 33  ? -3.413  7.991   -12.258 1.00 11.98  ? 34  VAL A CG1 1 
ATOM   228  C  CG2 . VAL A 1 33  ? -0.979  8.460   -12.228 1.00 10.74  ? 34  VAL A CG2 1 
ATOM   229  N  N   . VAL A 1 34  ? -3.602  4.580   -12.968 1.00 17.99  ? 35  VAL A N   1 
ATOM   230  C  CA  . VAL A 1 34  ? -4.685  3.800   -13.564 1.00 19.21  ? 35  VAL A CA  1 
ATOM   231  C  C   . VAL A 1 34  ? -6.070  4.387   -13.273 1.00 23.12  ? 35  VAL A C   1 
ATOM   232  O  O   . VAL A 1 34  ? -7.044  4.077   -13.963 1.00 25.74  ? 35  VAL A O   1 
ATOM   233  C  CB  . VAL A 1 34  ? -4.625  2.320   -13.092 1.00 16.67  ? 35  VAL A CB  1 
ATOM   234  C  CG1 . VAL A 1 34  ? -4.961  2.208   -11.620 1.00 18.60  ? 35  VAL A CG1 1 
ATOM   235  C  CG2 . VAL A 1 34  ? -5.559  1.465   -13.912 1.00 26.22  ? 35  VAL A CG2 1 
ATOM   236  N  N   . GLY A 1 35  ? -6.148  5.247   -12.261 1.00 22.18  ? 36  GLY A N   1 
ATOM   237  C  CA  . GLY A 1 35  ? -7.415  5.855   -11.897 1.00 20.14  ? 36  GLY A CA  1 
ATOM   238  C  C   . GLY A 1 35  ? -7.253  7.008   -10.923 1.00 18.77  ? 36  GLY A C   1 
ATOM   239  O  O   . GLY A 1 35  ? -6.238  7.101   -10.232 1.00 14.70  ? 36  GLY A O   1 
ATOM   240  N  N   . GLU A 1 36  ? -8.252  7.888   -10.883 1.00 18.45  ? 37  GLU A N   1 
ATOM   241  C  CA  . GLU A 1 36  ? -8.256  9.056   -10.001 1.00 17.92  ? 37  GLU A CA  1 
ATOM   242  C  C   . GLU A 1 36  ? -9.628  9.179   -9.360  1.00 20.05  ? 37  GLU A C   1 
ATOM   243  O  O   . GLU A 1 36  ? -10.637 8.791   -9.958  1.00 24.44  ? 37  GLU A O   1 
ATOM   244  C  CB  . GLU A 1 36  ? -8.005  10.337  -10.791 1.00 19.85  ? 37  GLU A CB  1 
ATOM   245  C  CG  . GLU A 1 36  ? -6.723  10.382  -11.576 1.00 22.26  ? 37  GLU A CG  1 
ATOM   246  C  CD  . GLU A 1 36  ? -6.624  11.629  -12.425 1.00 23.51  ? 37  GLU A CD  1 
ATOM   247  O  OE1 . GLU A 1 36  ? -7.029  12.713  -11.954 1.00 29.14  ? 37  GLU A OE1 1 
ATOM   248  O  OE2 . GLU A 1 36  ? -6.140  11.531  -13.565 1.00 28.78  ? 37  GLU A OE2 1 
ATOM   249  N  N   . ALA A 1 37  ? -9.669  9.762   -8.167  1.00 14.40  ? 38  ALA A N   1 
ATOM   250  C  CA  . ALA A 1 37  ? -10.929 9.949   -7.458  1.00 14.84  ? 38  ALA A CA  1 
ATOM   251  C  C   . ALA A 1 37  ? -10.832 11.060  -6.421  1.00 15.20  ? 38  ALA A C   1 
ATOM   252  O  O   . ALA A 1 37  ? -9.880  11.109  -5.643  1.00 17.13  ? 38  ALA A O   1 
ATOM   253  C  CB  . ALA A 1 37  ? -11.365 8.643   -6.800  1.00 13.72  ? 38  ALA A CB  1 
ATOM   254  N  N   . SER A 1 38  ? -11.799 11.976  -6.454  1.00 15.65  ? 39  SER A N   1 
ATOM   255  C  CA  . SER A 1 38  ? -11.864 13.097  -5.515  1.00 19.21  ? 39  SER A CA  1 
ATOM   256  C  C   . SER A 1 38  ? -12.879 12.811  -4.421  1.00 20.84  ? 39  SER A C   1 
ATOM   257  O  O   . SER A 1 38  ? -13.171 13.656  -3.582  1.00 23.38  ? 39  SER A O   1 
ATOM   258  C  CB  . SER A 1 38  ? -12.262 14.378  -6.242  1.00 15.21  ? 39  SER A CB  1 
ATOM   259  O  OG  . SER A 1 38  ? -11.183 14.872  -7.008  1.00 28.68  ? 39  SER A OG  1 
ATOM   260  N  N   . ASN A 1 39  ? -13.391 11.590  -4.424  1.00 26.47  ? 40  ASN A N   1 
ATOM   261  C  CA  . ASN A 1 39  ? -14.391 11.167  -3.467  1.00 28.07  ? 40  ASN A CA  1 
ATOM   262  C  C   . ASN A 1 39  ? -13.959 9.810   -2.926  1.00 26.80  ? 40  ASN A C   1 
ATOM   263  O  O   . ASN A 1 39  ? -13.515 8.949   -3.683  1.00 28.93  ? 40  ASN A O   1 
ATOM   264  C  CB  . ASN A 1 39  ? -15.731 11.065  -4.196  1.00 34.66  ? 40  ASN A CB  1 
ATOM   265  C  CG  . ASN A 1 39  ? -16.860 10.651  -3.299  1.00 42.32  ? 40  ASN A CG  1 
ATOM   266  O  OD1 . ASN A 1 39  ? -16.726 10.614  -2.077  1.00 51.63  ? 40  ASN A OD1 1 
ATOM   267  N  ND2 . ASN A 1 39  ? -17.995 10.339  -3.904  1.00 48.39  ? 40  ASN A ND2 1 
ATOM   268  N  N   . GLY A 1 40  ? -14.069 9.628   -1.616  1.00 31.54  ? 41  GLY A N   1 
ATOM   269  C  CA  . GLY A 1 40  ? -13.678 8.369   -1.004  1.00 30.58  ? 41  GLY A CA  1 
ATOM   270  C  C   . GLY A 1 40  ? -14.458 7.176   -1.522  1.00 28.32  ? 41  GLY A C   1 
ATOM   271  O  O   . GLY A 1 40  ? -13.872 6.159   -1.880  1.00 28.72  ? 41  GLY A O   1 
ATOM   272  N  N   . GLU A 1 41  ? -15.777 7.324   -1.604  1.00 32.03  ? 42  GLU A N   1 
ATOM   273  C  CA  . GLU A 1 41  ? -16.660 6.259   -2.075  1.00 38.30  ? 42  GLU A CA  1 
ATOM   274  C  C   . GLU A 1 41  ? -16.291 5.804   -3.485  1.00 36.91  ? 42  GLU A C   1 
ATOM   275  O  O   . GLU A 1 41  ? -16.205 4.608   -3.765  1.00 34.37  ? 42  GLU A O   1 
ATOM   276  C  CB  . GLU A 1 41  ? -18.116 6.732   -2.061  1.00 47.49  ? 42  GLU A CB  1 
ATOM   277  C  CG  . GLU A 1 41  ? -18.544 7.471   -0.791  1.00 62.27  ? 42  GLU A CG  1 
ATOM   278  C  CD  . GLU A 1 41  ? -18.230 6.710   0.495   1.00 69.94  ? 42  GLU A CD  1 
ATOM   279  O  OE1 . GLU A 1 41  ? -18.556 5.503   0.591   1.00 74.31  ? 42  GLU A OE1 1 
ATOM   280  O  OE2 . GLU A 1 41  ? -17.662 7.333   1.419   1.00 71.77  ? 42  GLU A OE2 1 
ATOM   281  N  N   . GLN A 1 42  ? -16.063 6.773   -4.362  1.00 38.57  ? 43  GLN A N   1 
ATOM   282  C  CA  . GLN A 1 42  ? -15.700 6.493   -5.742  1.00 35.80  ? 43  GLN A CA  1 
ATOM   283  C  C   . GLN A 1 42  ? -14.356 5.775   -5.769  1.00 33.00  ? 43  GLN A C   1 
ATOM   284  O  O   . GLN A 1 42  ? -14.182 4.799   -6.497  1.00 32.64  ? 43  GLN A O   1 
ATOM   285  C  CB  . GLN A 1 42  ? -15.619 7.802   -6.528  1.00 42.45  ? 43  GLN A CB  1 
ATOM   286  C  CG  . GLN A 1 42  ? -15.442 7.628   -8.018  1.00 53.15  ? 43  GLN A CG  1 
ATOM   287  C  CD  . GLN A 1 42  ? -16.600 6.891   -8.652  1.00 61.31  ? 43  GLN A CD  1 
ATOM   288  O  OE1 . GLN A 1 42  ? -17.713 7.418   -8.743  1.00 63.56  ? 43  GLN A OE1 1 
ATOM   289  N  NE2 . GLN A 1 42  ? -16.350 5.658   -9.085  1.00 63.02  ? 43  GLN A NE2 1 
ATOM   290  N  N   . GLY A 1 43  ? -13.436 6.239   -4.927  1.00 31.71  ? 44  GLY A N   1 
ATOM   291  C  CA  . GLY A 1 43  ? -12.110 5.651   -4.850  1.00 28.69  ? 44  GLY A CA  1 
ATOM   292  C  C   . GLY A 1 43  ? -12.132 4.205   -4.398  1.00 27.16  ? 44  GLY A C   1 
ATOM   293  O  O   . GLY A 1 43  ? -11.374 3.376   -4.906  1.00 25.22  ? 44  GLY A O   1 
ATOM   294  N  N   . ILE A 1 44  ? -13.009 3.901   -3.447  1.00 24.55  ? 45  ILE A N   1 
ATOM   295  C  CA  . ILE A 1 44  ? -13.142 2.544   -2.934  1.00 26.51  ? 45  ILE A CA  1 
ATOM   296  C  C   . ILE A 1 44  ? -13.643 1.619   -4.050  1.00 27.22  ? 45  ILE A C   1 
ATOM   297  O  O   . ILE A 1 44  ? -13.239 0.456   -4.130  1.00 25.69  ? 45  ILE A O   1 
ATOM   298  C  CB  . ILE A 1 44  ? -14.079 2.507   -1.703  1.00 25.00  ? 45  ILE A CB  1 
ATOM   299  C  CG1 . ILE A 1 44  ? -13.436 3.289   -0.553  1.00 25.05  ? 45  ILE A CG1 1 
ATOM   300  C  CG2 . ILE A 1 44  ? -14.351 1.072   -1.273  1.00 23.84  ? 45  ILE A CG2 1 
ATOM   301  C  CD1 . ILE A 1 44  ? -14.324 3.464   0.655   1.00 25.88  ? 45  ILE A CD1 1 
ATOM   302  N  N   . GLU A 1 45  ? -14.471 2.166   -4.941  1.00 26.14  ? 46  GLU A N   1 
ATOM   303  C  CA  . GLU A 1 45  ? -15.002 1.407   -6.068  1.00 28.96  ? 46  GLU A CA  1 
ATOM   304  C  C   . GLU A 1 45  ? -13.889 1.056   -7.040  1.00 27.08  ? 46  GLU A C   1 
ATOM   305  O  O   . GLU A 1 45  ? -13.791 -0.082  -7.501  1.00 26.60  ? 46  GLU A O   1 
ATOM   306  C  CB  . GLU A 1 45  ? -16.054 2.212   -6.824  1.00 35.58  ? 46  GLU A CB  1 
ATOM   307  C  CG  . GLU A 1 45  ? -17.415 2.274   -6.167  1.00 51.98  ? 46  GLU A CG  1 
ATOM   308  C  CD  . GLU A 1 45  ? -18.472 2.870   -7.088  1.00 58.67  ? 46  GLU A CD  1 
ATOM   309  O  OE1 . GLU A 1 45  ? -18.360 2.697   -8.325  1.00 58.97  ? 46  GLU A OE1 1 
ATOM   310  O  OE2 . GLU A 1 45  ? -19.415 3.512   -6.576  1.00 61.97  ? 46  GLU A OE2 1 
ATOM   311  N  N   . LEU A 1 46  ? -13.075 2.055   -7.373  1.00 23.00  ? 47  LEU A N   1 
ATOM   312  C  CA  . LEU A 1 46  ? -11.963 1.873   -8.298  1.00 19.76  ? 47  LEU A CA  1 
ATOM   313  C  C   . LEU A 1 46  ? -10.882 0.977   -7.703  1.00 20.05  ? 47  LEU A C   1 
ATOM   314  O  O   . LEU A 1 46  ? -10.278 0.179   -8.405  1.00 23.06  ? 47  LEU A O   1 
ATOM   315  C  CB  . LEU A 1 46  ? -11.366 3.228   -8.683  1.00 21.73  ? 47  LEU A CB  1 
ATOM   316  C  CG  . LEU A 1 46  ? -12.305 4.193   -9.408  1.00 23.06  ? 47  LEU A CG  1 
ATOM   317  C  CD1 . LEU A 1 46  ? -11.626 5.539   -9.613  1.00 24.21  ? 47  LEU A CD1 1 
ATOM   318  C  CD2 . LEU A 1 46  ? -12.725 3.596   -10.739 1.00 23.69  ? 47  LEU A CD2 1 
ATOM   319  N  N   . ALA A 1 47  ? -10.662 1.092   -6.399  1.00 21.91  ? 48  ALA A N   1 
ATOM   320  C  CA  . ALA A 1 47  ? -9.655  0.282   -5.731  1.00 20.04  ? 48  ALA A CA  1 
ATOM   321  C  C   . ALA A 1 47  ? -9.998  -1.190  -5.862  1.00 21.76  ? 48  ALA A C   1 
ATOM   322  O  O   . ALA A 1 47  ? -9.160  -2.004  -6.237  1.00 24.36  ? 48  ALA A O   1 
ATOM   323  C  CB  . ALA A 1 47  ? -9.574  0.661   -4.263  1.00 14.54  ? 48  ALA A CB  1 
ATOM   324  N  N   . GLU A 1 48  ? -11.253 -1.512  -5.578  1.00 23.79  ? 49  GLU A N   1 
ATOM   325  C  CA  . GLU A 1 48  ? -11.737 -2.883  -5.617  1.00 31.16  ? 49  GLU A CA  1 
ATOM   326  C  C   . GLU A 1 48  ? -11.725 -3.534  -7.002  1.00 31.75  ? 49  GLU A C   1 
ATOM   327  O  O   . GLU A 1 48  ? -11.287 -4.677  -7.154  1.00 34.64  ? 49  GLU A O   1 
ATOM   328  C  CB  . GLU A 1 48  ? -13.144 -2.937  -5.020  1.00 36.17  ? 49  GLU A CB  1 
ATOM   329  C  CG  . GLU A 1 48  ? -13.708 -4.338  -4.834  1.00 43.35  ? 49  GLU A CG  1 
ATOM   330  C  CD  . GLU A 1 48  ? -15.120 -4.329  -4.280  1.00 46.93  ? 49  GLU A CD  1 
ATOM   331  O  OE1 . GLU A 1 48  ? -15.874 -3.369  -4.553  1.00 52.32  ? 49  GLU A OE1 1 
ATOM   332  O  OE2 . GLU A 1 48  ? -15.478 -5.278  -3.550  1.00 47.95  ? 49  GLU A OE2 1 
ATOM   333  N  N   . SER A 1 49  ? -12.192 -2.803  -8.008  1.00 28.49  ? 50  SER A N   1 
ATOM   334  C  CA  . SER A 1 49  ? -12.246 -3.334  -9.362  1.00 26.21  ? 50  SER A CA  1 
ATOM   335  C  C   . SER A 1 49  ? -10.924 -3.315  -10.122 1.00 26.17  ? 50  SER A C   1 
ATOM   336  O  O   . SER A 1 49  ? -10.725 -4.127  -11.022 1.00 32.86  ? 50  SER A O   1 
ATOM   337  C  CB  . SER A 1 49  ? -13.317 -2.613  -10.168 1.00 28.73  ? 50  SER A CB  1 
ATOM   338  O  OG  . SER A 1 49  ? -13.095 -1.216  -10.164 1.00 39.68  ? 50  SER A OG  1 
ATOM   339  N  N   . LEU A 1 50  ? -10.030 -2.393  -9.777  1.00 22.34  ? 51  LEU A N   1 
ATOM   340  C  CA  . LEU A 1 50  ? -8.738  -2.293  -10.458 1.00 18.87  ? 51  LEU A CA  1 
ATOM   341  C  C   . LEU A 1 50  ? -7.619  -3.025  -9.727  1.00 19.99  ? 51  LEU A C   1 
ATOM   342  O  O   . LEU A 1 50  ? -6.661  -3.470  -10.355 1.00 22.66  ? 51  LEU A O   1 
ATOM   343  C  CB  . LEU A 1 50  ? -8.335  -0.824  -10.639 1.00 19.07  ? 51  LEU A CB  1 
ATOM   344  C  CG  . LEU A 1 50  ? -9.240  0.087   -11.473 1.00 22.40  ? 51  LEU A CG  1 
ATOM   345  C  CD1 . LEU A 1 50  ? -8.737  1.518   -11.413 1.00 22.68  ? 51  LEU A CD1 1 
ATOM   346  C  CD2 . LEU A 1 50  ? -9.287  -0.402  -12.907 1.00 20.14  ? 51  LEU A CD2 1 
ATOM   347  N  N   . ASP A 1 51  ? -7.739  -3.130  -8.404  1.00 24.01  ? 52  ASP A N   1 
ATOM   348  C  CA  . ASP A 1 51  ? -6.734  -3.773  -7.550  1.00 22.32  ? 52  ASP A CA  1 
ATOM   349  C  C   . ASP A 1 51  ? -5.339  -3.282  -7.961  1.00 22.15  ? 52  ASP A C   1 
ATOM   350  O  O   . ASP A 1 51  ? -4.507  -4.058  -8.435  1.00 21.98  ? 52  ASP A O   1 
ATOM   351  C  CB  . ASP A 1 51  ? -6.830  -5.300  -7.651  1.00 22.00  ? 52  ASP A CB  1 
ATOM   352  C  CG  . ASP A 1 51  ? -6.112  -6.011  -6.515  1.00 27.57  ? 52  ASP A CG  1 
ATOM   353  O  OD1 . ASP A 1 51  ? -5.861  -5.381  -5.468  1.00 30.18  ? 52  ASP A OD1 1 
ATOM   354  O  OD2 . ASP A 1 51  ? -5.810  -7.212  -6.662  1.00 29.22  ? 52  ASP A OD2 1 
ATOM   355  N  N   . PRO A 1 52  ? -5.073  -1.975  -7.785  1.00 21.02  ? 53  PRO A N   1 
ATOM   356  C  CA  . PRO A 1 52  ? -3.792  -1.358  -8.140  1.00 17.81  ? 53  PRO A CA  1 
ATOM   357  C  C   . PRO A 1 52  ? -2.642  -1.820  -7.257  1.00 18.09  ? 53  PRO A C   1 
ATOM   358  O  O   . PRO A 1 52  ? -2.865  -2.330  -6.157  1.00 19.46  ? 53  PRO A O   1 
ATOM   359  C  CB  . PRO A 1 52  ? -4.061  0.137   -7.931  1.00 19.24  ? 53  PRO A CB  1 
ATOM   360  C  CG  . PRO A 1 52  ? -5.563  0.254   -7.941  1.00 20.87  ? 53  PRO A CG  1 
ATOM   361  C  CD  . PRO A 1 52  ? -5.970  -0.969  -7.192  1.00 17.68  ? 53  PRO A CD  1 
ATOM   362  N  N   . ASP A 1 53  ? -1.416  -1.647  -7.747  1.00 16.54  ? 54  ASP A N   1 
ATOM   363  C  CA  . ASP A 1 53  ? -0.232  -2.025  -6.985  1.00 17.00  ? 54  ASP A CA  1 
ATOM   364  C  C   . ASP A 1 53  ? -0.038  -1.022  -5.859  1.00 18.39  ? 54  ASP A C   1 
ATOM   365  O  O   . ASP A 1 53  ? 0.444   -1.375  -4.782  1.00 18.58  ? 54  ASP A O   1 
ATOM   366  C  CB  . ASP A 1 53  ? 1.010   -2.062  -7.878  1.00 17.23  ? 54  ASP A CB  1 
ATOM   367  C  CG  . ASP A 1 53  ? 0.934   -3.146  -8.938  1.00 20.49  ? 54  ASP A CG  1 
ATOM   368  O  OD1 . ASP A 1 53  ? 0.816   -4.339  -8.584  1.00 28.11  ? 54  ASP A OD1 1 
ATOM   369  O  OD2 . ASP A 1 53  ? 0.992   -2.807  -10.135 1.00 22.98  ? 54  ASP A OD2 1 
ATOM   370  N  N   . LEU A 1 54  ? -0.448  0.220   -6.108  1.00 15.66  ? 55  LEU A N   1 
ATOM   371  C  CA  . LEU A 1 54  ? -0.339  1.282   -5.121  1.00 11.60  ? 55  LEU A CA  1 
ATOM   372  C  C   . LEU A 1 54  ? -1.581  2.153   -5.095  1.00 14.60  ? 55  LEU A C   1 
ATOM   373  O  O   . LEU A 1 54  ? -2.077  2.575   -6.139  1.00 17.68  ? 55  LEU A O   1 
ATOM   374  C  CB  . LEU A 1 54  ? 0.872   2.172   -5.417  1.00 8.88   ? 55  LEU A CB  1 
ATOM   375  C  CG  . LEU A 1 54  ? 1.054   3.353   -4.455  1.00 5.44   ? 55  LEU A CG  1 
ATOM   376  C  CD1 . LEU A 1 54  ? 1.407   2.826   -3.078  1.00 8.72   ? 55  LEU A CD1 1 
ATOM   377  C  CD2 . LEU A 1 54  ? 2.140   4.283   -4.947  1.00 5.85   ? 55  LEU A CD2 1 
ATOM   378  N  N   . ILE A 1 55  ? -2.093  2.397   -3.894  1.00 14.34  ? 56  ILE A N   1 
ATOM   379  C  CA  . ILE A 1 55  ? -3.247  3.262   -3.699  1.00 14.54  ? 56  ILE A CA  1 
ATOM   380  C  C   . ILE A 1 55  ? -2.703  4.442   -2.898  1.00 16.92  ? 56  ILE A C   1 
ATOM   381  O  O   . ILE A 1 55  ? -2.183  4.254   -1.799  1.00 18.06  ? 56  ILE A O   1 
ATOM   382  C  CB  . ILE A 1 55  ? -4.358  2.571   -2.891  1.00 14.28  ? 56  ILE A CB  1 
ATOM   383  C  CG1 . ILE A 1 55  ? -4.903  1.371   -3.670  1.00 15.73  ? 56  ILE A CG1 1 
ATOM   384  C  CG2 . ILE A 1 55  ? -5.476  3.562   -2.585  1.00 10.58  ? 56  ILE A CG2 1 
ATOM   385  C  CD1 . ILE A 1 55  ? -5.948  0.574   -2.923  1.00 12.81  ? 56  ILE A CD1 1 
ATOM   386  N  N   . LEU A 1 56  ? -2.746  5.635   -3.486  1.00 15.92  ? 57  LEU A N   1 
ATOM   387  C  CA  . LEU A 1 56  ? -2.253  6.846   -2.836  1.00 15.47  ? 57  LEU A CA  1 
ATOM   388  C  C   . LEU A 1 56  ? -3.429  7.647   -2.283  1.00 16.14  ? 57  LEU A C   1 
ATOM   389  O  O   . LEU A 1 56  ? -4.142  8.310   -3.029  1.00 17.87  ? 57  LEU A O   1 
ATOM   390  C  CB  . LEU A 1 56  ? -1.453  7.678   -3.840  1.00 18.99  ? 57  LEU A CB  1 
ATOM   391  C  CG  . LEU A 1 56  ? -0.439  8.685   -3.293  1.00 25.69  ? 57  LEU A CG  1 
ATOM   392  C  CD1 . LEU A 1 56  ? 0.566   7.989   -2.389  1.00 22.47  ? 57  LEU A CD1 1 
ATOM   393  C  CD2 . LEU A 1 56  ? 0.279   9.362   -4.452  1.00 25.37  ? 57  LEU A CD2 1 
ATOM   394  N  N   . LEU A 1 57  ? -3.635  7.559   -0.969  1.00 15.64  ? 58  LEU A N   1 
ATOM   395  C  CA  . LEU A 1 57  ? -4.736  8.238   -0.291  1.00 13.83  ? 58  LEU A CA  1 
ATOM   396  C  C   . LEU A 1 57  ? -4.329  9.452   0.552   1.00 16.36  ? 58  LEU A C   1 
ATOM   397  O  O   . LEU A 1 57  ? -3.431  9.379   1.390   1.00 16.31  ? 58  LEU A O   1 
ATOM   398  C  CB  . LEU A 1 57  ? -5.489  7.237   0.589   1.00 14.06  ? 58  LEU A CB  1 
ATOM   399  C  CG  . LEU A 1 57  ? -6.588  7.758   1.522   1.00 14.97  ? 58  LEU A CG  1 
ATOM   400  C  CD1 . LEU A 1 57  ? -7.764  8.297   0.731   1.00 14.54  ? 58  LEU A CD1 1 
ATOM   401  C  CD2 . LEU A 1 57  ? -7.037  6.640   2.430   1.00 11.45  ? 58  LEU A CD2 1 
ATOM   402  N  N   . ASP A 1 58  ? -5.022  10.562  0.343   1.00 16.62  ? 59  ASP A N   1 
ATOM   403  C  CA  . ASP A 1 58  ? -4.761  11.781  1.092   1.00 18.73  ? 59  ASP A CA  1 
ATOM   404  C  C   . ASP A 1 58  ? -5.695  11.813  2.298   1.00 20.73  ? 59  ASP A C   1 
ATOM   405  O  O   . ASP A 1 58  ? -6.917  11.847  2.146   1.00 22.27  ? 59  ASP A O   1 
ATOM   406  C  CB  . ASP A 1 58  ? -5.014  13.002  0.204   1.00 18.27  ? 59  ASP A CB  1 
ATOM   407  C  CG  . ASP A 1 58  ? -4.720  14.315  0.906   1.00 20.23  ? 59  ASP A CG  1 
ATOM   408  O  OD1 . ASP A 1 58  ? -4.135  14.307  2.004   1.00 18.86  ? 59  ASP A OD1 1 
ATOM   409  O  OD2 . ASP A 1 58  ? -5.064  15.372  0.348   1.00 24.25  ? 59  ASP A OD2 1 
ATOM   410  N  N   . LEU A 1 59  ? -5.121  11.785  3.497   1.00 22.21  ? 60  LEU A N   1 
ATOM   411  C  CA  . LEU A 1 59  ? -5.916  11.808  4.724   1.00 20.30  ? 60  LEU A CA  1 
ATOM   412  C  C   . LEU A 1 59  ? -6.478  13.194  5.040   1.00 18.32  ? 60  LEU A C   1 
ATOM   413  O  O   . LEU A 1 59  ? -7.308  13.344  5.933   1.00 16.01  ? 60  LEU A O   1 
ATOM   414  C  CB  . LEU A 1 59  ? -5.087  11.307  5.906   1.00 16.57  ? 60  LEU A CB  1 
ATOM   415  C  CG  . LEU A 1 59  ? -4.632  9.848   5.867   1.00 16.17  ? 60  LEU A CG  1 
ATOM   416  C  CD1 . LEU A 1 59  ? -3.936  9.521   7.177   1.00 13.89  ? 60  LEU A CD1 1 
ATOM   417  C  CD2 . LEU A 1 59  ? -5.819  8.916   5.651   1.00 14.08  ? 60  LEU A CD2 1 
ATOM   418  N  N   . ASN A 1 60  ? -6.028  14.193  4.286   1.00 19.89  ? 61  ASN A N   1 
ATOM   419  C  CA  . ASN A 1 60  ? -6.460  15.574  4.467   1.00 16.23  ? 61  ASN A CA  1 
ATOM   420  C  C   . ASN A 1 60  ? -7.725  15.924  3.683   1.00 21.65  ? 61  ASN A C   1 
ATOM   421  O  O   . ASN A 1 60  ? -8.042  17.100  3.504   1.00 27.89  ? 61  ASN A O   1 
ATOM   422  C  CB  . ASN A 1 60  ? -5.333  16.536  4.057   1.00 18.92  ? 61  ASN A CB  1 
ATOM   423  C  CG  . ASN A 1 60  ? -4.061  16.344  4.870   1.00 20.21  ? 61  ASN A CG  1 
ATOM   424  O  OD1 . ASN A 1 60  ? -3.898  16.937  5.931   1.00 27.89  ? 61  ASN A OD1 1 
ATOM   425  N  ND2 . ASN A 1 60  ? -3.138  15.538  4.357   1.00 21.34  ? 61  ASN A ND2 1 
ATOM   426  N  N   . MET A 1 61  ? -8.451  14.913  3.217   1.00 22.46  ? 62  MET A N   1 
ATOM   427  C  CA  . MET A 1 61  ? -9.666  15.148  2.444   1.00 23.58  ? 62  MET A CA  1 
ATOM   428  C  C   . MET A 1 61  ? -10.804 15.755  3.258   1.00 21.94  ? 62  MET A C   1 
ATOM   429  O  O   . MET A 1 61  ? -10.964 15.451  4.436   1.00 24.84  ? 62  MET A O   1 
ATOM   430  C  CB  . MET A 1 61  ? -10.129 13.852  1.778   1.00 24.20  ? 62  MET A CB  1 
ATOM   431  C  CG  . MET A 1 61  ? -9.280  13.447  0.597   1.00 27.22  ? 62  MET A CG  1 
ATOM   432  S  SD  . MET A 1 61  ? -9.820  11.901  -0.116  1.00 29.65  ? 62  MET A SD  1 
ATOM   433  C  CE  . MET A 1 61  ? -11.257 12.465  -1.020  1.00 30.94  ? 62  MET A CE  1 
ATOM   434  N  N   . PRO A 1 62  ? -11.611 16.627  2.628   1.00 22.88  ? 63  PRO A N   1 
ATOM   435  C  CA  . PRO A 1 62  ? -12.757 17.314  3.237   1.00 24.11  ? 63  PRO A CA  1 
ATOM   436  C  C   . PRO A 1 62  ? -13.744 16.355  3.904   1.00 27.86  ? 63  PRO A C   1 
ATOM   437  O  O   . PRO A 1 62  ? -13.892 15.207  3.481   1.00 33.59  ? 63  PRO A O   1 
ATOM   438  C  CB  . PRO A 1 62  ? -13.400 18.014  2.046   1.00 23.21  ? 63  PRO A CB  1 
ATOM   439  C  CG  . PRO A 1 62  ? -12.218 18.334  1.181   1.00 25.66  ? 63  PRO A CG  1 
ATOM   440  C  CD  . PRO A 1 62  ? -11.448 17.044  1.221   1.00 22.81  ? 63  PRO A CD  1 
ATOM   441  N  N   . GLY A 1 63  ? -14.424 16.837  4.937   1.00 25.75  ? 64  GLY A N   1 
ATOM   442  C  CA  . GLY A 1 63  ? -15.380 16.002  5.642   1.00 26.02  ? 64  GLY A CA  1 
ATOM   443  C  C   . GLY A 1 63  ? -14.735 15.215  6.765   1.00 27.80  ? 64  GLY A C   1 
ATOM   444  O  O   . GLY A 1 63  ? -15.412 14.468  7.475   1.00 28.48  ? 64  GLY A O   1 
ATOM   445  N  N   . MET A 1 64  ? -13.418 15.370  6.906   1.00 30.94  ? 65  MET A N   1 
ATOM   446  C  CA  . MET A 1 64  ? -12.639 14.695  7.941   1.00 33.01  ? 65  MET A CA  1 
ATOM   447  C  C   . MET A 1 64  ? -12.905 13.190  8.018   1.00 33.87  ? 65  MET A C   1 
ATOM   448  O  O   . MET A 1 64  ? -12.941 12.612  9.105   1.00 37.82  ? 65  MET A O   1 
ATOM   449  C  CB  . MET A 1 64  ? -12.919 15.336  9.301   1.00 34.39  ? 65  MET A CB  1 
ATOM   450  C  CG  . MET A 1 64  ? -12.675 16.829  9.353   1.00 35.63  ? 65  MET A CG  1 
ATOM   451  S  SD  . MET A 1 64  ? -13.164 17.485  10.949  1.00 38.01  ? 65  MET A SD  1 
ATOM   452  C  CE  . MET A 1 64  ? -11.791 16.890  11.978  1.00 36.40  ? 65  MET A CE  1 
ATOM   453  N  N   . ASN A 1 65  ? -13.071 12.551  6.867   1.00 36.50  ? 66  ASN A N   1 
ATOM   454  C  CA  . ASN A 1 65  ? -13.346 11.122  6.845   1.00 37.83  ? 66  ASN A CA  1 
ATOM   455  C  C   . ASN A 1 65  ? -12.253 10.325  6.137   1.00 38.51  ? 66  ASN A C   1 
ATOM   456  O  O   . ASN A 1 65  ? -12.498 9.215   5.666   1.00 42.33  ? 66  ASN A O   1 
ATOM   457  C  CB  . ASN A 1 65  ? -14.715 10.858  6.204   1.00 40.06  ? 66  ASN A CB  1 
ATOM   458  C  CG  . ASN A 1 65  ? -14.763 11.255  4.738   1.00 45.88  ? 66  ASN A CG  1 
ATOM   459  O  OD1 . ASN A 1 65  ? -14.073 12.180  4.303   1.00 44.57  ? 66  ASN A OD1 1 
ATOM   460  N  ND2 . ASN A 1 65  ? -15.579 10.547  3.968   1.00 50.08  ? 66  ASN A ND2 1 
ATOM   461  N  N   . GLY A 1 66  ? -11.039 10.873  6.116   1.00 37.30  ? 67  GLY A N   1 
ATOM   462  C  CA  . GLY A 1 66  ? -9.921  10.206  5.468   1.00 33.07  ? 67  GLY A CA  1 
ATOM   463  C  C   . GLY A 1 66  ? -9.580  8.870   6.102   1.00 33.34  ? 67  GLY A C   1 
ATOM   464  O  O   . GLY A 1 66  ? -9.267  7.902   5.406   1.00 33.65  ? 67  GLY A O   1 
ATOM   465  N  N   . LEU A 1 67  ? -9.662  8.817   7.427   1.00 32.22  ? 68  LEU A N   1 
ATOM   466  C  CA  . LEU A 1 67  ? -9.370  7.603   8.184   1.00 32.22  ? 68  LEU A CA  1 
ATOM   467  C  C   . LEU A 1 67  ? -10.535 6.618   8.080   1.00 35.05  ? 68  LEU A C   1 
ATOM   468  O  O   . LEU A 1 67  ? -10.393 5.435   8.389   1.00 36.36  ? 68  LEU A O   1 
ATOM   469  C  CB  . LEU A 1 67  ? -9.096  7.964   9.644   1.00 30.09  ? 68  LEU A CB  1 
ATOM   470  C  CG  . LEU A 1 67  ? -8.015  7.184   10.388  1.00 30.60  ? 68  LEU A CG  1 
ATOM   471  C  CD1 . LEU A 1 67  ? -6.770  7.033   9.530   1.00 27.72  ? 68  LEU A CD1 1 
ATOM   472  C  CD2 . LEU A 1 67  ? -7.690  7.916   11.680  1.00 30.72  ? 68  LEU A CD2 1 
ATOM   473  N  N   . GLU A 1 68  ? -11.689 7.125   7.660   1.00 40.08  ? 69  GLU A N   1 
ATOM   474  C  CA  . GLU A 1 68  ? -12.889 6.317   7.480   1.00 42.35  ? 69  GLU A CA  1 
ATOM   475  C  C   . GLU A 1 68  ? -12.777 5.587   6.139   1.00 38.95  ? 69  GLU A C   1 
ATOM   476  O  O   . GLU A 1 68  ? -13.090 4.399   6.041   1.00 35.46  ? 69  GLU A O   1 
ATOM   477  C  CB  . GLU A 1 68  ? -14.127 7.218   7.505   1.00 54.00  ? 69  GLU A CB  1 
ATOM   478  C  CG  . GLU A 1 68  ? -15.434 6.533   7.113   1.00 70.31  ? 69  GLU A CG  1 
ATOM   479  C  CD  . GLU A 1 68  ? -16.064 7.118   5.848   1.00 78.19  ? 69  GLU A CD  1 
ATOM   480  O  OE1 . GLU A 1 68  ? -15.343 7.761   5.054   1.00 80.92  ? 69  GLU A OE1 1 
ATOM   481  O  OE2 . GLU A 1 68  ? -17.281 6.917   5.641   1.00 83.43  ? 69  GLU A OE2 1 
ATOM   482  N  N   . THR A 1 69  ? -12.301 6.301   5.118   1.00 31.98  ? 70  THR A N   1 
ATOM   483  C  CA  . THR A 1 69  ? -12.118 5.724   3.788   1.00 28.73  ? 70  THR A CA  1 
ATOM   484  C  C   . THR A 1 69  ? -11.083 4.598   3.863   1.00 26.62  ? 70  THR A C   1 
ATOM   485  O  O   . THR A 1 69  ? -11.175 3.614   3.136   1.00 30.05  ? 70  THR A O   1 
ATOM   486  C  CB  . THR A 1 69  ? -11.620 6.778   2.783   1.00 24.82  ? 70  THR A CB  1 
ATOM   487  O  OG1 . THR A 1 69  ? -12.473 7.928   2.823   1.00 29.05  ? 70  THR A OG1 1 
ATOM   488  C  CG2 . THR A 1 69  ? -11.614 6.212   1.384   1.00 20.71  ? 70  THR A CG2 1 
ATOM   489  N  N   . LEU A 1 70  ? -10.115 4.750   4.767   1.00 26.97  ? 71  LEU A N   1 
ATOM   490  C  CA  . LEU A 1 70  ? -9.060  3.760   4.966   1.00 25.36  ? 71  LEU A CA  1 
ATOM   491  C  C   . LEU A 1 70  ? -9.648  2.475   5.530   1.00 28.25  ? 71  LEU A C   1 
ATOM   492  O  O   . LEU A 1 70  ? -9.318  1.390   5.059   1.00 33.56  ? 71  LEU A O   1 
ATOM   493  C  CB  . LEU A 1 70  ? -7.999  4.291   5.930   1.00 22.62  ? 71  LEU A CB  1 
ATOM   494  C  CG  . LEU A 1 70  ? -6.523  4.034   5.608   1.00 24.95  ? 71  LEU A CG  1 
ATOM   495  C  CD1 . LEU A 1 70  ? -5.703  4.321   6.852   1.00 22.42  ? 71  LEU A CD1 1 
ATOM   496  C  CD2 . LEU A 1 70  ? -6.281  2.608   5.141   1.00 20.84  ? 71  LEU A CD2 1 
ATOM   497  N  N   . ASP A 1 71  ? -10.504 2.603   6.547   1.00 28.33  ? 72  ASP A N   1 
ATOM   498  C  CA  . ASP A 1 71  ? -11.150 1.445   7.169   1.00 28.85  ? 72  ASP A CA  1 
ATOM   499  C  C   . ASP A 1 71  ? -11.922 0.687   6.106   1.00 28.08  ? 72  ASP A C   1 
ATOM   500  O  O   . ASP A 1 71  ? -11.829 -0.533  6.006   1.00 30.67  ? 72  ASP A O   1 
ATOM   501  C  CB  . ASP A 1 71  ? -12.153 1.877   8.247   1.00 33.43  ? 72  ASP A CB  1 
ATOM   502  C  CG  . ASP A 1 71  ? -11.495 2.465   9.480   1.00 35.86  ? 72  ASP A CG  1 
ATOM   503  O  OD1 . ASP A 1 71  ? -10.319 2.157   9.757   1.00 35.74  ? 72  ASP A OD1 1 
ATOM   504  O  OD2 . ASP A 1 71  ? -12.176 3.231   10.190  1.00 39.58  ? 72  ASP A OD2 1 
ATOM   505  N  N   . LYS A 1 72  ? -12.683 1.437   5.315   1.00 27.62  ? 73  LYS A N   1 
ATOM   506  C  CA  . LYS A 1 72  ? -13.500 0.878   4.250   1.00 31.15  ? 73  LYS A CA  1 
ATOM   507  C  C   . LYS A 1 72  ? -12.697 0.270   3.103   1.00 30.88  ? 73  LYS A C   1 
ATOM   508  O  O   . LYS A 1 72  ? -13.184 -0.632  2.424   1.00 37.36  ? 73  LYS A O   1 
ATOM   509  C  CB  . LYS A 1 72  ? -14.483 1.936   3.753   1.00 35.56  ? 73  LYS A CB  1 
ATOM   510  C  CG  . LYS A 1 72  ? -15.468 2.355   4.839   1.00 43.61  ? 73  LYS A CG  1 
ATOM   511  C  CD  . LYS A 1 72  ? -16.025 3.756   4.642   1.00 50.05  ? 73  LYS A CD  1 
ATOM   512  C  CE  . LYS A 1 72  ? -17.043 3.828   3.520   1.00 55.96  ? 73  LYS A CE  1 
ATOM   513  N  NZ  . LYS A 1 72  ? -17.551 5.219   3.355   1.00 58.64  ? 73  LYS A NZ  1 
ATOM   514  N  N   . LEU A 1 73  ? -11.479 0.763   2.877   1.00 26.43  ? 74  LEU A N   1 
ATOM   515  C  CA  . LEU A 1 73  ? -10.623 0.208   1.827   1.00 22.80  ? 74  LEU A CA  1 
ATOM   516  C  C   . LEU A 1 73  ? -10.092 -1.114  2.353   1.00 25.17  ? 74  LEU A C   1 
ATOM   517  O  O   . LEU A 1 73  ? -10.040 -2.110  1.636   1.00 28.45  ? 74  LEU A O   1 
ATOM   518  C  CB  . LEU A 1 73  ? -9.442  1.132   1.528   1.00 19.00  ? 74  LEU A CB  1 
ATOM   519  C  CG  . LEU A 1 73  ? -9.623  2.289   0.546   1.00 18.60  ? 74  LEU A CG  1 
ATOM   520  C  CD1 . LEU A 1 73  ? -8.387  3.172   0.569   1.00 17.23  ? 74  LEU A CD1 1 
ATOM   521  C  CD2 . LEU A 1 73  ? -9.870  1.748   -0.853  1.00 14.99  ? 74  LEU A CD2 1 
ATOM   522  N  N   . ARG A 1 74  ? -9.727  -1.103  3.632   1.00 28.82  ? 75  ARG A N   1 
ATOM   523  C  CA  . ARG A 1 74  ? -9.196  -2.269  4.328   1.00 29.26  ? 75  ARG A CA  1 
ATOM   524  C  C   . ARG A 1 74  ? -10.258 -3.357  4.522   1.00 32.39  ? 75  ARG A C   1 
ATOM   525  O  O   . ARG A 1 74  ? -9.945  -4.463  4.967   1.00 39.29  ? 75  ARG A O   1 
ATOM   526  C  CB  . ARG A 1 74  ? -8.612  -1.835  5.674   1.00 30.42  ? 75  ARG A CB  1 
ATOM   527  C  CG  . ARG A 1 74  ? -7.108  -2.061  5.850   1.00 33.67  ? 75  ARG A CG  1 
ATOM   528  C  CD  . ARG A 1 74  ? -6.247  -1.470  4.735   1.00 32.02  ? 75  ARG A CD  1 
ATOM   529  N  NE  . ARG A 1 74  ? -6.036  -2.422  3.644   1.00 32.50  ? 75  ARG A NE  1 
ATOM   530  C  CZ  . ARG A 1 74  ? -4.863  -2.672  3.062   1.00 31.15  ? 75  ARG A CZ  1 
ATOM   531  N  NH1 . ARG A 1 74  ? -3.757  -2.045  3.453   1.00 25.45  ? 75  ARG A NH1 1 
ATOM   532  N  NH2 . ARG A 1 74  ? -4.797  -3.564  2.084   1.00 33.70  ? 75  ARG A NH2 1 
ATOM   533  N  N   . GLU A 1 75  ? -11.515 -3.029  4.225   1.00 32.69  ? 76  GLU A N   1 
ATOM   534  C  CA  . GLU A 1 75  ? -12.612 -3.992  4.322   1.00 37.02  ? 76  GLU A CA  1 
ATOM   535  C  C   . GLU A 1 75  ? -12.685 -4.773  3.014   1.00 36.42  ? 76  GLU A C   1 
ATOM   536  O  O   . GLU A 1 75  ? -13.039 -5.952  2.999   1.00 42.70  ? 76  GLU A O   1 
ATOM   537  C  CB  . GLU A 1 75  ? -13.951 -3.292  4.559   1.00 40.33  ? 76  GLU A CB  1 
ATOM   538  C  CG  . GLU A 1 75  ? -14.158 -2.753  5.962   1.00 49.91  ? 76  GLU A CG  1 
ATOM   539  C  CD  . GLU A 1 75  ? -15.554 -2.186  6.157   1.00 55.33  ? 76  GLU A CD  1 
ATOM   540  O  OE1 . GLU A 1 75  ? -16.031 -1.441  5.273   1.00 58.96  ? 76  GLU A OE1 1 
ATOM   541  O  OE2 . GLU A 1 75  ? -16.178 -2.490  7.195   1.00 61.46  ? 76  GLU A OE2 1 
ATOM   542  N  N   . LYS A 1 76  ? -12.359 -4.101  1.915   1.00 33.20  ? 77  LYS A N   1 
ATOM   543  C  CA  . LYS A 1 76  ? -12.362 -4.718  0.595   1.00 31.14  ? 77  LYS A CA  1 
ATOM   544  C  C   . LYS A 1 76  ? -11.164 -5.645  0.486   1.00 32.64  ? 77  LYS A C   1 
ATOM   545  O  O   . LYS A 1 76  ? -10.255 -5.605  1.316   1.00 35.68  ? 77  LYS A O   1 
ATOM   546  C  CB  . LYS A 1 76  ? -12.260 -3.643  -0.492  1.00 31.69  ? 77  LYS A CB  1 
ATOM   547  C  CG  . LYS A 1 76  ? -13.444 -2.700  -0.553  1.00 35.43  ? 77  LYS A CG  1 
ATOM   548  C  CD  . LYS A 1 76  ? -14.697 -3.446  -0.959  1.00 37.22  ? 77  LYS A CD  1 
ATOM   549  C  CE  . LYS A 1 76  ? -15.886 -2.516  -1.125  1.00 40.91  ? 77  LYS A CE  1 
ATOM   550  N  NZ  . LYS A 1 76  ? -17.022 -3.214  -1.794  1.00 40.79  ? 77  LYS A NZ  1 
ATOM   551  N  N   . SER A 1 77  ? -11.181 -6.509  -0.518  1.00 33.57  ? 78  SER A N   1 
ATOM   552  C  CA  . SER A 1 77  ? -10.075 -7.427  -0.737  1.00 35.55  ? 78  SER A CA  1 
ATOM   553  C  C   . SER A 1 77  ? -9.087  -6.795  -1.705  1.00 32.76  ? 78  SER A C   1 
ATOM   554  O  O   . SER A 1 77  ? -9.342  -6.720  -2.909  1.00 30.93  ? 78  SER A O   1 
ATOM   555  C  CB  . SER A 1 77  ? -10.584 -8.763  -1.279  1.00 39.83  ? 78  SER A CB  1 
ATOM   556  O  OG  . SER A 1 77  ? -11.185 -9.524  -0.246  1.00 47.54  ? 78  SER A OG  1 
ATOM   557  N  N   . LEU A 1 78  ? -7.976  -6.306  -1.159  1.00 28.58  ? 79  LEU A N   1 
ATOM   558  C  CA  . LEU A 1 78  ? -6.932  -5.666  -1.952  1.00 26.17  ? 79  LEU A CA  1 
ATOM   559  C  C   . LEU A 1 78  ? -5.604  -6.388  -1.744  1.00 25.99  ? 79  LEU A C   1 
ATOM   560  O  O   . LEU A 1 78  ? -5.300  -6.839  -0.637  1.00 25.06  ? 79  LEU A O   1 
ATOM   561  C  CB  . LEU A 1 78  ? -6.791  -4.190  -1.558  1.00 25.48  ? 79  LEU A CB  1 
ATOM   562  C  CG  . LEU A 1 78  ? -8.015  -3.280  -1.722  1.00 25.11  ? 79  LEU A CG  1 
ATOM   563  C  CD1 . LEU A 1 78  ? -7.692  -1.895  -1.194  1.00 21.26  ? 79  LEU A CD1 1 
ATOM   564  C  CD2 . LEU A 1 78  ? -8.437  -3.214  -3.180  1.00 23.81  ? 79  LEU A CD2 1 
ATOM   565  N  N   . SER A 1 79  ? -4.822  -6.494  -2.814  1.00 22.60  ? 80  SER A N   1 
ATOM   566  C  CA  . SER A 1 79  ? -3.527  -7.164  -2.764  1.00 23.49  ? 80  SER A CA  1 
ATOM   567  C  C   . SER A 1 79  ? -2.361  -6.186  -2.865  1.00 24.61  ? 80  SER A C   1 
ATOM   568  O  O   . SER A 1 79  ? -1.203  -6.583  -2.734  1.00 24.88  ? 80  SER A O   1 
ATOM   569  C  CB  . SER A 1 79  ? -3.428  -8.181  -3.901  1.00 22.68  ? 80  SER A CB  1 
ATOM   570  O  OG  . SER A 1 79  ? -3.482  -7.534  -5.161  1.00 20.90  ? 80  SER A OG  1 
ATOM   571  N  N   . GLY A 1 80  ? -2.671  -4.913  -3.110  1.00 27.14  ? 81  GLY A N   1 
ATOM   572  C  CA  . GLY A 1 80  ? -1.639  -3.899  -3.241  1.00 22.91  ? 81  GLY A CA  1 
ATOM   573  C  C   . GLY A 1 80  ? -1.281  -3.169  -1.962  1.00 21.24  ? 81  GLY A C   1 
ATOM   574  O  O   . GLY A 1 80  ? -1.691  -3.559  -0.869  1.00 21.18  ? 81  GLY A O   1 
ATOM   575  N  N   . ARG A 1 81  ? -0.492  -2.109  -2.108  1.00 17.09  ? 82  ARG A N   1 
ATOM   576  C  CA  . ARG A 1 81  ? -0.050  -1.295  -0.984  1.00 14.52  ? 82  ARG A CA  1 
ATOM   577  C  C   . ARG A 1 81  ? -0.832  0.012   -0.917  1.00 15.98  ? 82  ARG A C   1 
ATOM   578  O  O   . ARG A 1 81  ? -1.230  0.554   -1.949  1.00 16.01  ? 82  ARG A O   1 
ATOM   579  C  CB  . ARG A 1 81  ? 1.433   -0.966  -1.134  1.00 10.80  ? 82  ARG A CB  1 
ATOM   580  C  CG  . ARG A 1 81  ? 2.351   -2.168  -1.085  1.00 9.96   ? 82  ARG A CG  1 
ATOM   581  C  CD  . ARG A 1 81  ? 3.760   -1.756  -1.438  1.00 10.54  ? 82  ARG A CD  1 
ATOM   582  N  NE  . ARG A 1 81  ? 4.714   -2.853  -1.327  1.00 16.49  ? 82  ARG A NE  1 
ATOM   583  C  CZ  . ARG A 1 81  ? 5.879   -2.897  -1.965  1.00 15.47  ? 82  ARG A CZ  1 
ATOM   584  N  NH1 . ARG A 1 81  ? 6.232   -1.910  -2.775  1.00 14.61  ? 82  ARG A NH1 1 
ATOM   585  N  NH2 . ARG A 1 81  ? 6.716   -3.904  -1.755  1.00 14.89  ? 82  ARG A NH2 1 
ATOM   586  N  N   . ILE A 1 82  ? -1.061  0.502   0.299   1.00 15.88  ? 83  ILE A N   1 
ATOM   587  C  CA  . ILE A 1 82  ? -1.763  1.764   0.509   1.00 11.55  ? 83  ILE A CA  1 
ATOM   588  C  C   . ILE A 1 82  ? -0.827  2.714   1.243   1.00 12.56  ? 83  ILE A C   1 
ATOM   589  O  O   . ILE A 1 82  ? -0.416  2.444   2.366   1.00 18.81  ? 83  ILE A O   1 
ATOM   590  C  CB  . ILE A 1 82  ? -3.045  1.595   1.353   1.00 8.79   ? 83  ILE A CB  1 
ATOM   591  C  CG1 . ILE A 1 82  ? -4.043  0.697   0.627   1.00 11.74  ? 83  ILE A CG1 1 
ATOM   592  C  CG2 . ILE A 1 82  ? -3.680  2.953   1.611   1.00 7.65   ? 83  ILE A CG2 1 
ATOM   593  C  CD1 . ILE A 1 82  ? -5.347  0.503   1.374   1.00 13.75  ? 83  ILE A CD1 1 
ATOM   594  N  N   . VAL A 1 83  ? -0.429  3.785   0.569   1.00 17.64  ? 84  VAL A N   1 
ATOM   595  C  CA  . VAL A 1 83  ? 0.446   4.793   1.156   1.00 18.82  ? 84  VAL A CA  1 
ATOM   596  C  C   . VAL A 1 83  ? -0.400  6.053   1.286   1.00 19.43  ? 84  VAL A C   1 
ATOM   597  O  O   . VAL A 1 83  ? -1.066  6.460   0.338   1.00 23.59  ? 84  VAL A O   1 
ATOM   598  C  CB  . VAL A 1 83  ? 1.689   5.065   0.268   1.00 18.29  ? 84  VAL A CB  1 
ATOM   599  C  CG1 . VAL A 1 83  ? 2.444   6.289   0.766   1.00 13.20  ? 84  VAL A CG1 1 
ATOM   600  C  CG2 . VAL A 1 83  ? 2.611   3.849   0.271   1.00 12.64  ? 84  VAL A CG2 1 
ATOM   601  N  N   . VAL A 1 84  ? -0.395  6.659   2.465   1.00 15.80  ? 85  VAL A N   1 
ATOM   602  C  CA  . VAL A 1 84  ? -1.202  7.847   2.689   1.00 15.80  ? 85  VAL A CA  1 
ATOM   603  C  C   . VAL A 1 84  ? -0.403  9.127   2.808   1.00 15.68  ? 85  VAL A C   1 
ATOM   604  O  O   . VAL A 1 84  ? 0.782   9.103   3.127   1.00 16.93  ? 85  VAL A O   1 
ATOM   605  C  CB  . VAL A 1 84  ? -2.043  7.716   3.989   1.00 19.45  ? 85  VAL A CB  1 
ATOM   606  C  CG1 . VAL A 1 84  ? -2.883  6.441   3.960   1.00 14.81  ? 85  VAL A CG1 1 
ATOM   607  C  CG2 . VAL A 1 84  ? -1.127  7.741   5.225   1.00 11.92  ? 85  VAL A CG2 1 
ATOM   608  N  N   . PHE A 1 85  ? -1.051  10.245  2.510   1.00 15.59  ? 86  PHE A N   1 
ATOM   609  C  CA  . PHE A 1 85  ? -0.425  11.543  2.673   1.00 17.76  ? 86  PHE A CA  1 
ATOM   610  C  C   . PHE A 1 85  ? -0.884  11.933  4.069   1.00 21.64  ? 86  PHE A C   1 
ATOM   611  O  O   . PHE A 1 85  ? -2.056  12.249  4.280   1.00 24.79  ? 86  PHE A O   1 
ATOM   612  C  CB  . PHE A 1 85  ? -0.944  12.545  1.653   1.00 15.66  ? 86  PHE A CB  1 
ATOM   613  C  CG  . PHE A 1 85  ? -0.211  12.511  0.348   1.00 20.71  ? 86  PHE A CG  1 
ATOM   614  C  CD1 . PHE A 1 85  ? 1.124   12.899  0.278   1.00 24.84  ? 86  PHE A CD1 1 
ATOM   615  C  CD2 . PHE A 1 85  ? -0.856  12.116  -0.816  1.00 19.60  ? 86  PHE A CD2 1 
ATOM   616  C  CE1 . PHE A 1 85  ? 1.808   12.894  -0.934  1.00 24.97  ? 86  PHE A CE1 1 
ATOM   617  C  CE2 . PHE A 1 85  ? -0.184  12.107  -2.032  1.00 25.28  ? 86  PHE A CE2 1 
ATOM   618  C  CZ  . PHE A 1 85  ? 1.151   12.497  -2.093  1.00 27.28  ? 86  PHE A CZ  1 
ATOM   619  N  N   . SER A 1 86  ? 0.025   11.797  5.029   1.00 27.26  ? 87  SER A N   1 
ATOM   620  C  CA  . SER A 1 86  ? -0.243  12.105  6.431   1.00 29.28  ? 87  SER A CA  1 
ATOM   621  C  C   . SER A 1 86  ? -0.659  13.565  6.614   1.00 30.30  ? 87  SER A C   1 
ATOM   622  O  O   . SER A 1 86  ? -0.351  14.423  5.788   1.00 28.25  ? 87  SER A O   1 
ATOM   623  C  CB  . SER A 1 86  ? 1.010   11.814  7.271   1.00 30.63  ? 87  SER A CB  1 
ATOM   624  O  OG  . SER A 1 86  ? 0.683   11.374  8.580   1.00 34.00  ? 87  SER A OG  1 
ATOM   625  N  N   . VAL A 1 87  ? -1.384  13.830  7.696   1.00 36.20  ? 88  VAL A N   1 
ATOM   626  C  CA  . VAL A 1 87  ? -1.829  15.179  8.019   1.00 37.68  ? 88  VAL A CA  1 
ATOM   627  C  C   . VAL A 1 87  ? -0.605  16.033  8.366   1.00 41.61  ? 88  VAL A C   1 
ATOM   628  O  O   . VAL A 1 87  ? -0.488  17.184  7.938   1.00 47.07  ? 88  VAL A O   1 
ATOM   629  C  CB  . VAL A 1 87  ? -2.794  15.163  9.216   1.00 36.94  ? 88  VAL A CB  1 
ATOM   630  C  CG1 . VAL A 1 87  ? -3.062  16.572  9.679   1.00 35.85  ? 88  VAL A CG1 1 
ATOM   631  C  CG2 . VAL A 1 87  ? -4.091  14.471  8.834   1.00 30.75  ? 88  VAL A CG2 1 
ATOM   632  N  N   . SER A 1 88  ? 0.307   15.443  9.134   1.00 42.99  ? 89  SER A N   1 
ATOM   633  C  CA  . SER A 1 88  ? 1.542   16.102  9.542   1.00 40.94  ? 89  SER A CA  1 
ATOM   634  C  C   . SER A 1 88  ? 2.567   15.020  9.858   1.00 41.75  ? 89  SER A C   1 
ATOM   635  O  O   . SER A 1 88  ? 2.283   13.828  9.714   1.00 42.11  ? 89  SER A O   1 
ATOM   636  C  CB  . SER A 1 88  ? 1.303   16.960  10.784  1.00 43.66  ? 89  SER A CB  1 
ATOM   637  O  OG  . SER A 1 88  ? 0.986   16.149  11.899  1.00 39.50  ? 89  SER A OG  1 
ATOM   638  N  N   . ASN A 1 89  ? 3.757   15.437  10.281  1.00 44.97  ? 90  ASN A N   1 
ATOM   639  C  CA  . ASN A 1 89  ? 4.816   14.496  10.630  1.00 49.49  ? 90  ASN A CA  1 
ATOM   640  C  C   . ASN A 1 89  ? 4.846   14.176  12.125  1.00 48.94  ? 90  ASN A C   1 
ATOM   641  O  O   . ASN A 1 89  ? 5.835   13.646  12.631  1.00 57.06  ? 90  ASN A O   1 
ATOM   642  C  CB  . ASN A 1 89  ? 6.186   15.008  10.158  1.00 55.80  ? 90  ASN A CB  1 
ATOM   643  C  CG  . ASN A 1 89  ? 6.413   16.477  10.477  1.00 61.98  ? 90  ASN A CG  1 
ATOM   644  O  OD1 . ASN A 1 89  ? 6.341   16.895  11.631  1.00 66.37  ? 90  ASN A OD1 1 
ATOM   645  N  ND2 . ASN A 1 89  ? 6.698   17.269  9.445   1.00 64.46  ? 90  ASN A ND2 1 
ATOM   646  N  N   . HIS A 1 90  ? 3.765   14.504  12.828  1.00 42.25  ? 91  HIS A N   1 
ATOM   647  C  CA  . HIS A 1 90  ? 3.671   14.230  14.257  1.00 37.12  ? 91  HIS A CA  1 
ATOM   648  C  C   . HIS A 1 90  ? 3.536   12.721  14.446  1.00 36.60  ? 91  HIS A C   1 
ATOM   649  O  O   . HIS A 1 90  ? 2.793   12.057  13.724  1.00 35.70  ? 91  HIS A O   1 
ATOM   650  C  CB  . HIS A 1 90  ? 2.467   14.960  14.868  1.00 35.11  ? 91  HIS A CB  1 
ATOM   651  C  CG  . HIS A 1 90  ? 2.354   14.812  16.356  1.00 32.23  ? 91  HIS A CG  1 
ATOM   652  N  ND1 . HIS A 1 90  ? 2.725   15.808  17.234  1.00 32.20  ? 91  HIS A ND1 1 
ATOM   653  C  CD2 . HIS A 1 90  ? 1.900   13.790  17.120  1.00 30.43  ? 91  HIS A CD2 1 
ATOM   654  C  CE1 . HIS A 1 90  ? 2.505   15.406  18.473  1.00 28.80  ? 91  HIS A CE1 1 
ATOM   655  N  NE2 . HIS A 1 90  ? 2.006   14.184  18.431  1.00 28.14  ? 91  HIS A NE2 1 
ATOM   656  N  N   . GLU A 1 91  ? 4.254   12.195  15.429  1.00 39.32  ? 92  GLU A N   1 
ATOM   657  C  CA  . GLU A 1 91  ? 4.258   10.768  15.737  1.00 43.65  ? 92  GLU A CA  1 
ATOM   658  C  C   . GLU A 1 91  ? 2.870   10.133  15.735  1.00 41.92  ? 92  GLU A C   1 
ATOM   659  O  O   . GLU A 1 91  ? 2.655   9.115   15.081  1.00 42.96  ? 92  GLU A O   1 
ATOM   660  C  CB  . GLU A 1 91  ? 4.922   10.508  17.096  1.00 55.20  ? 92  GLU A CB  1 
ATOM   661  C  CG  . GLU A 1 91  ? 6.215   11.288  17.362  1.00 67.40  ? 92  GLU A CG  1 
ATOM   662  C  CD  . GLU A 1 91  ? 5.962   12.708  17.863  1.00 72.32  ? 92  GLU A CD  1 
ATOM   663  O  OE1 . GLU A 1 91  ? 5.396   12.855  18.971  1.00 74.70  ? 92  GLU A OE1 1 
ATOM   664  O  OE2 . GLU A 1 91  ? 6.318   13.672  17.145  1.00 72.47  ? 92  GLU A OE2 1 
ATOM   665  N  N   . GLU A 1 92  ? 1.934   10.741  16.456  1.00 41.04  ? 93  GLU A N   1 
ATOM   666  C  CA  . GLU A 1 92  ? 0.577   10.215  16.545  1.00 41.11  ? 93  GLU A CA  1 
ATOM   667  C  C   . GLU A 1 92  ? -0.235  10.236  15.256  1.00 40.39  ? 93  GLU A C   1 
ATOM   668  O  O   . GLU A 1 92  ? -1.132  9.414   15.082  1.00 41.70  ? 93  GLU A O   1 
ATOM   669  C  CB  . GLU A 1 92  ? -0.198  10.872  17.690  1.00 46.20  ? 93  GLU A CB  1 
ATOM   670  C  CG  . GLU A 1 92  ? 0.238   10.385  19.068  1.00 54.87  ? 93  GLU A CG  1 
ATOM   671  C  CD  . GLU A 1 92  ? 0.316   8.861   19.154  1.00 60.58  ? 93  GLU A CD  1 
ATOM   672  O  OE1 . GLU A 1 92  ? -0.736  8.194   19.021  1.00 62.44  ? 93  GLU A OE1 1 
ATOM   673  O  OE2 . GLU A 1 92  ? 1.432   8.328   19.344  1.00 61.85  ? 93  GLU A OE2 1 
ATOM   674  N  N   . ASP A 1 93  ? 0.063   11.171  14.357  1.00 36.70  ? 94  ASP A N   1 
ATOM   675  C  CA  . ASP A 1 93  ? -0.648  11.231  13.082  1.00 30.46  ? 94  ASP A CA  1 
ATOM   676  C  C   . ASP A 1 93  ? -0.150  10.114  12.177  1.00 34.38  ? 94  ASP A C   1 
ATOM   677  O  O   . ASP A 1 93  ? -0.904  9.570   11.371  1.00 36.57  ? 94  ASP A O   1 
ATOM   678  C  CB  . ASP A 1 93  ? -0.444  12.583  12.400  1.00 25.11  ? 94  ASP A CB  1 
ATOM   679  C  CG  . ASP A 1 93  ? -1.400  13.632  12.901  1.00 22.55  ? 94  ASP A CG  1 
ATOM   680  O  OD1 . ASP A 1 93  ? -2.524  13.274  13.289  1.00 27.82  ? 94  ASP A OD1 1 
ATOM   681  O  OD2 . ASP A 1 93  ? -1.038  14.816  12.910  1.00 23.60  ? 94  ASP A OD2 1 
ATOM   682  N  N   . VAL A 1 94  ? 1.122   9.758   12.350  1.00 33.16  ? 95  VAL A N   1 
ATOM   683  C  CA  . VAL A 1 94  ? 1.760   8.706   11.568  1.00 31.38  ? 95  VAL A CA  1 
ATOM   684  C  C   . VAL A 1 94  ? 1.377   7.303   12.033  1.00 29.71  ? 95  VAL A C   1 
ATOM   685  O  O   . VAL A 1 94  ? 0.900   6.493   11.235  1.00 31.62  ? 95  VAL A O   1 
ATOM   686  C  CB  . VAL A 1 94  ? 3.298   8.852   11.602  1.00 30.02  ? 95  VAL A CB  1 
ATOM   687  C  CG1 . VAL A 1 94  ? 3.962   7.695   10.869  1.00 27.45  ? 95  VAL A CG1 1 
ATOM   688  C  CG2 . VAL A 1 94  ? 3.706   10.183  10.990  1.00 27.69  ? 95  VAL A CG2 1 
ATOM   689  N  N   . VAL A 1 95  ? 1.556   7.025   13.323  1.00 29.14  ? 96  VAL A N   1 
ATOM   690  C  CA  . VAL A 1 95  ? 1.248   5.707   13.871  1.00 24.94  ? 96  VAL A CA  1 
ATOM   691  C  C   . VAL A 1 95  ? -0.219  5.320   13.720  1.00 24.15  ? 96  VAL A C   1 
ATOM   692  O  O   . VAL A 1 95  ? -0.537  4.147   13.546  1.00 27.48  ? 96  VAL A O   1 
ATOM   693  C  CB  . VAL A 1 95  ? 1.684   5.578   15.355  1.00 28.83  ? 96  VAL A CB  1 
ATOM   694  C  CG1 . VAL A 1 95  ? 3.125   6.020   15.513  1.00 29.06  ? 96  VAL A CG1 1 
ATOM   695  C  CG2 . VAL A 1 95  ? 0.774   6.382   16.271  1.00 33.57  ? 96  VAL A CG2 1 
ATOM   696  N  N   . THR A 1 96  ? -1.107  6.309   13.772  1.00 22.63  ? 97  THR A N   1 
ATOM   697  C  CA  . THR A 1 96  ? -2.541  6.070   13.627  1.00 26.47  ? 97  THR A CA  1 
ATOM   698  C  C   . THR A 1 96  ? -2.837  5.509   12.242  1.00 25.99  ? 97  THR A C   1 
ATOM   699  O  O   . THR A 1 96  ? -3.574  4.538   12.102  1.00 30.76  ? 97  THR A O   1 
ATOM   700  C  CB  . THR A 1 96  ? -3.353  7.373   13.825  1.00 27.95  ? 97  THR A CB  1 
ATOM   701  O  OG1 . THR A 1 96  ? -3.165  7.854   15.160  1.00 34.53  ? 97  THR A OG1 1 
ATOM   702  C  CG2 . THR A 1 96  ? -4.838  7.131   13.588  1.00 28.39  ? 97  THR A CG2 1 
ATOM   703  N  N   . ALA A 1 97  ? -2.236  6.121   11.226  1.00 25.65  ? 98  ALA A N   1 
ATOM   704  C  CA  . ALA A 1 97  ? -2.419  5.695   9.847   1.00 22.27  ? 98  ALA A CA  1 
ATOM   705  C  C   . ALA A 1 97  ? -1.949  4.263   9.675   1.00 21.81  ? 98  ALA A C   1 
ATOM   706  O  O   . ALA A 1 97  ? -2.650  3.449   9.081   1.00 26.73  ? 98  ALA A O   1 
ATOM   707  C  CB  . ALA A 1 97  ? -1.660  6.611   8.912   1.00 23.80  ? 98  ALA A CB  1 
ATOM   708  N  N   . LEU A 1 98  ? -0.774  3.955   10.218  1.00 24.38  ? 99  LEU A N   1 
ATOM   709  C  CA  . LEU A 1 98  ? -0.221  2.608   10.125  1.00 25.93  ? 99  LEU A CA  1 
ATOM   710  C  C   . LEU A 1 98  ? -1.109  1.607   10.853  1.00 28.92  ? 99  LEU A C   1 
ATOM   711  O  O   . LEU A 1 98  ? -1.381  0.521   10.344  1.00 32.60  ? 99  LEU A O   1 
ATOM   712  C  CB  . LEU A 1 98  ? 1.190   2.560   10.699  1.00 27.71  ? 99  LEU A CB  1 
ATOM   713  C  CG  . LEU A 1 98  ? 2.236   3.458   10.042  1.00 31.97  ? 99  LEU A CG  1 
ATOM   714  C  CD1 . LEU A 1 98  ? 3.576   3.174   10.682  1.00 32.10  ? 99  LEU A CD1 1 
ATOM   715  C  CD2 . LEU A 1 98  ? 2.302   3.220   8.541   1.00 29.92  ? 99  LEU A CD2 1 
ATOM   716  N  N   . LYS A 1 99  ? -1.582  1.986   12.036  1.00 32.07  ? 100 LYS A N   1 
ATOM   717  C  CA  . LYS A 1 99  ? -2.455  1.118   12.815  1.00 34.38  ? 100 LYS A CA  1 
ATOM   718  C  C   . LYS A 1 99  ? -3.755  0.862   12.058  1.00 33.28  ? 100 LYS A C   1 
ATOM   719  O  O   . LYS A 1 99  ? -4.338  -0.216  12.158  1.00 38.16  ? 100 LYS A O   1 
ATOM   720  C  CB  . LYS A 1 99  ? -2.793  1.756   14.163  1.00 39.65  ? 100 LYS A CB  1 
ATOM   721  C  CG  . LYS A 1 99  ? -1.664  1.801   15.170  1.00 45.29  ? 100 LYS A CG  1 
ATOM   722  C  CD  . LYS A 1 99  ? -2.118  2.582   16.389  1.00 53.78  ? 100 LYS A CD  1 
ATOM   723  C  CE  . LYS A 1 99  ? -1.020  2.724   17.426  1.00 60.23  ? 100 LYS A CE  1 
ATOM   724  N  NZ  . LYS A 1 99  ? -1.403  3.725   18.466  1.00 66.17  ? 100 LYS A NZ  1 
ATOM   725  N  N   . ARG A 1 100 ? -4.200  1.859   11.300  1.00 29.93  ? 101 ARG A N   1 
ATOM   726  C  CA  . ARG A 1 100 ? -5.437  1.750   10.542  1.00 26.36  ? 101 ARG A CA  1 
ATOM   727  C  C   . ARG A 1 100 ? -5.344  0.924   9.258   1.00 26.37  ? 101 ARG A C   1 
ATOM   728  O  O   . ARG A 1 100 ? -6.353  0.707   8.583   1.00 26.34  ? 101 ARG A O   1 
ATOM   729  C  CB  . ARG A 1 100 ? -6.011  3.140   10.269  1.00 29.95  ? 101 ARG A CB  1 
ATOM   730  C  CG  . ARG A 1 100 ? -6.302  3.930   11.541  1.00 32.46  ? 101 ARG A CG  1 
ATOM   731  C  CD  . ARG A 1 100 ? -7.387  3.282   12.385  1.00 35.02  ? 101 ARG A CD  1 
ATOM   732  N  NE  . ARG A 1 100 ? -8.722  3.593   11.881  1.00 37.18  ? 101 ARG A NE  1 
ATOM   733  C  CZ  . ARG A 1 100 ? -9.458  4.617   12.304  1.00 39.60  ? 101 ARG A CZ  1 
ATOM   734  N  NH1 . ARG A 1 100 ? -8.994  5.426   13.249  1.00 38.79  ? 101 ARG A NH1 1 
ATOM   735  N  NH2 . ARG A 1 100 ? -10.630 4.872   11.736  1.00 34.59  ? 101 ARG A NH2 1 
ATOM   736  N  N   . GLY A 1 101 ? -4.144  0.454   8.924   1.00 24.64  ? 102 GLY A N   1 
ATOM   737  C  CA  . GLY A 1 101 ? -3.989  -0.372  7.737   1.00 24.47  ? 102 GLY A CA  1 
ATOM   738  C  C   . GLY A 1 101 ? -3.156  0.157   6.583   1.00 27.27  ? 102 GLY A C   1 
ATOM   739  O  O   . GLY A 1 101 ? -3.201  -0.408  5.494   1.00 26.11  ? 102 GLY A O   1 
ATOM   740  N  N   . ALA A 1 102 ? -2.407  1.233   6.800   1.00 23.22  ? 103 ALA A N   1 
ATOM   741  C  CA  . ALA A 1 102 ? -1.572  1.795   5.747   1.00 19.24  ? 103 ALA A CA  1 
ATOM   742  C  C   . ALA A 1 102 ? -0.195  1.147   5.785   1.00 20.57  ? 103 ALA A C   1 
ATOM   743  O  O   . ALA A 1 102 ? 0.299   0.802   6.856   1.00 27.24  ? 103 ALA A O   1 
ATOM   744  C  CB  . ALA A 1 102 ? -1.449  3.311   5.918   1.00 14.07  ? 103 ALA A CB  1 
ATOM   745  N  N   . ASP A 1 103 ? 0.411   0.966   4.615   1.00 18.08  ? 104 ASP A N   1 
ATOM   746  C  CA  . ASP A 1 103 ? 1.740   0.368   4.514   1.00 20.47  ? 104 ASP A CA  1 
ATOM   747  C  C   . ASP A 1 103 ? 2.852   1.382   4.736   1.00 22.83  ? 104 ASP A C   1 
ATOM   748  O  O   . ASP A 1 103 ? 3.959   1.028   5.152   1.00 26.17  ? 104 ASP A O   1 
ATOM   749  C  CB  . ASP A 1 103 ? 1.929   -0.281  3.151   1.00 16.27  ? 104 ASP A CB  1 
ATOM   750  C  CG  . ASP A 1 103 ? 1.044   -1.469  2.961   1.00 19.21  ? 104 ASP A CG  1 
ATOM   751  O  OD1 . ASP A 1 103 ? 1.443   -2.572  3.381   1.00 22.81  ? 104 ASP A OD1 1 
ATOM   752  O  OD2 . ASP A 1 103 ? -0.061  -1.297  2.415   1.00 27.37  ? 104 ASP A OD2 1 
ATOM   753  N  N   . GLY A 1 104 ? 2.559   2.638   4.422   1.00 21.21  ? 105 GLY A N   1 
ATOM   754  C  CA  . GLY A 1 104 ? 3.537   3.694   4.583   1.00 17.21  ? 105 GLY A CA  1 
ATOM   755  C  C   . GLY A 1 104 ? 2.852   5.040   4.577   1.00 18.28  ? 105 GLY A C   1 
ATOM   756  O  O   . GLY A 1 104 ? 1.628   5.113   4.477   1.00 20.78  ? 105 GLY A O   1 
ATOM   757  N  N   . TYR A 1 105 ? 3.640   6.105   4.656   1.00 18.67  ? 106 TYR A N   1 
ATOM   758  C  CA  . TYR A 1 105 ? 3.099   7.453   4.671   1.00 20.99  ? 106 TYR A CA  1 
ATOM   759  C  C   . TYR A 1 105 ? 4.066   8.430   4.000   1.00 22.42  ? 106 TYR A C   1 
ATOM   760  O  O   . TYR A 1 105 ? 5.277   8.210   3.976   1.00 27.59  ? 106 TYR A O   1 
ATOM   761  C  CB  . TYR A 1 105 ? 2.843   7.889   6.115   1.00 24.48  ? 106 TYR A CB  1 
ATOM   762  C  CG  . TYR A 1 105 ? 4.100   8.308   6.833   1.00 34.14  ? 106 TYR A CG  1 
ATOM   763  C  CD1 . TYR A 1 105 ? 4.964   7.361   7.379   1.00 36.91  ? 106 TYR A CD1 1 
ATOM   764  C  CD2 . TYR A 1 105 ? 4.454   9.656   6.922   1.00 39.23  ? 106 TYR A CD2 1 
ATOM   765  C  CE1 . TYR A 1 105 ? 6.153   7.745   7.999   1.00 41.88  ? 106 TYR A CE1 1 
ATOM   766  C  CE2 . TYR A 1 105 ? 5.637   10.052  7.537   1.00 44.05  ? 106 TYR A CE2 1 
ATOM   767  C  CZ  . TYR A 1 105 ? 6.483   9.093   8.073   1.00 44.06  ? 106 TYR A CZ  1 
ATOM   768  O  OH  . TYR A 1 105 ? 7.652   9.484   8.687   1.00 49.32  ? 106 TYR A OH  1 
ATOM   769  N  N   . LEU A 1 106 ? 3.523   9.534   3.496   1.00 22.08  ? 107 LEU A N   1 
ATOM   770  C  CA  . LEU A 1 106 ? 4.310   10.565  2.834   1.00 18.44  ? 107 LEU A CA  1 
ATOM   771  C  C   . LEU A 1 106 ? 3.834   11.915  3.345   1.00 20.48  ? 107 LEU A C   1 
ATOM   772  O  O   . LEU A 1 106 ? 2.754   12.019  3.918   1.00 21.32  ? 107 LEU A O   1 
ATOM   773  C  CB  . LEU A 1 106 ? 4.095   10.512  1.320   1.00 19.02  ? 107 LEU A CB  1 
ATOM   774  C  CG  . LEU A 1 106 ? 4.554   9.282   0.541   1.00 21.24  ? 107 LEU A CG  1 
ATOM   775  C  CD1 . LEU A 1 106 ? 4.081   9.393   -0.897  1.00 20.77  ? 107 LEU A CD1 1 
ATOM   776  C  CD2 . LEU A 1 106 ? 6.066   9.157   0.609   1.00 20.10  ? 107 LEU A CD2 1 
ATOM   777  N  N   . LEU A 1 107 ? 4.646   12.946  3.131   1.00 23.28  ? 108 LEU A N   1 
ATOM   778  C  CA  . LEU A 1 107 ? 4.308   14.304  3.545   1.00 23.18  ? 108 LEU A CA  1 
ATOM   779  C  C   . LEU A 1 107 ? 4.197   15.167  2.294   1.00 22.57  ? 108 LEU A C   1 
ATOM   780  O  O   . LEU A 1 107 ? 5.024   15.063  1.383   1.00 25.51  ? 108 LEU A O   1 
ATOM   781  C  CB  . LEU A 1 107 ? 5.383   14.866  4.474   1.00 24.41  ? 108 LEU A CB  1 
ATOM   782  C  CG  . LEU A 1 107 ? 5.616   14.109  5.782   1.00 24.15  ? 108 LEU A CG  1 
ATOM   783  C  CD1 . LEU A 1 107 ? 6.790   14.730  6.497   1.00 25.65  ? 108 LEU A CD1 1 
ATOM   784  C  CD2 . LEU A 1 107 ? 4.369   14.147  6.659   1.00 19.00  ? 108 LEU A CD2 1 
ATOM   785  N  N   . LYS A 1 108 ? 3.176   16.014  2.245   1.00 19.49  ? 109 LYS A N   1 
ATOM   786  C  CA  . LYS A 1 108 ? 2.965   16.872  1.087   1.00 22.64  ? 109 LYS A CA  1 
ATOM   787  C  C   . LYS A 1 108 ? 4.083   17.873  0.835   1.00 26.88  ? 109 LYS A C   1 
ATOM   788  O  O   . LYS A 1 108 ? 4.206   18.397  -0.272  1.00 38.29  ? 109 LYS A O   1 
ATOM   789  C  CB  . LYS A 1 108 ? 1.634   17.603  1.207   1.00 19.73  ? 109 LYS A CB  1 
ATOM   790  C  CG  . LYS A 1 108 ? 0.440   16.686  1.154   1.00 19.82  ? 109 LYS A CG  1 
ATOM   791  C  CD  . LYS A 1 108 ? -0.841  17.468  1.276   1.00 19.95  ? 109 LYS A CD  1 
ATOM   792  C  CE  . LYS A 1 108 ? -2.033  16.547  1.171   1.00 24.05  ? 109 LYS A CE  1 
ATOM   793  N  NZ  . LYS A 1 108 ? -3.307  17.256  1.426   1.00 25.58  ? 109 LYS A NZ  1 
ATOM   794  N  N   . ASP A 1 109 ? 4.906   18.123  1.847   1.00 31.87  ? 110 ASP A N   1 
ATOM   795  C  CA  . ASP A 1 109 ? 5.997   19.074  1.703   1.00 37.41  ? 110 ASP A CA  1 
ATOM   796  C  C   . ASP A 1 109 ? 7.350   18.464  1.341   1.00 36.37  ? 110 ASP A C   1 
ATOM   797  O  O   . ASP A 1 109 ? 8.388   19.101  1.519   1.00 45.49  ? 110 ASP A O   1 
ATOM   798  C  CB  . ASP A 1 109 ? 6.116   19.968  2.950   1.00 45.45  ? 110 ASP A CB  1 
ATOM   799  C  CG  . ASP A 1 109 ? 6.203   19.174  4.244   1.00 53.80  ? 110 ASP A CG  1 
ATOM   800  O  OD1 . ASP A 1 109 ? 6.889   18.128  4.279   1.00 59.65  ? 110 ASP A OD1 1 
ATOM   801  O  OD2 . ASP A 1 109 ? 5.581   19.611  5.236   1.00 60.47  ? 110 ASP A OD2 1 
ATOM   802  N  N   . MET A 1 110 ? 7.345   17.233  0.842   1.00 32.57  ? 111 MET A N   1 
ATOM   803  C  CA  . MET A 1 110 ? 8.590   16.585  0.442   1.00 29.18  ? 111 MET A CA  1 
ATOM   804  C  C   . MET A 1 110 ? 9.093   17.198  -0.856  1.00 26.30  ? 111 MET A C   1 
ATOM   805  O  O   . MET A 1 110 ? 8.324   17.774  -1.622  1.00 30.13  ? 111 MET A O   1 
ATOM   806  C  CB  . MET A 1 110 ? 8.387   15.083  0.233   1.00 33.06  ? 111 MET A CB  1 
ATOM   807  C  CG  . MET A 1 110 ? 8.338   14.260  1.506   1.00 34.47  ? 111 MET A CG  1 
ATOM   808  S  SD  . MET A 1 110 ? 8.052   12.510  1.164   1.00 39.12  ? 111 MET A SD  1 
ATOM   809  C  CE  . MET A 1 110 ? 9.630   12.017  0.509   1.00 33.25  ? 111 MET A CE  1 
ATOM   810  N  N   . GLU A 1 111 ? 10.391  17.082  -1.091  1.00 28.94  ? 112 GLU A N   1 
ATOM   811  C  CA  . GLU A 1 111 ? 10.995  17.599  -2.309  1.00 32.30  ? 112 GLU A CA  1 
ATOM   812  C  C   . GLU A 1 111 ? 10.586  16.654  -3.439  1.00 30.38  ? 112 GLU A C   1 
ATOM   813  O  O   . GLU A 1 111 ? 10.534  15.443  -3.244  1.00 30.43  ? 112 GLU A O   1 
ATOM   814  C  CB  . GLU A 1 111 ? 12.520  17.611  -2.171  1.00 40.63  ? 112 GLU A CB  1 
ATOM   815  C  CG  . GLU A 1 111 ? 13.181  18.907  -2.612  1.00 50.61  ? 112 GLU A CG  1 
ATOM   816  C  CD  . GLU A 1 111 ? 12.703  20.100  -1.807  1.00 56.05  ? 112 GLU A CD  1 
ATOM   817  O  OE1 . GLU A 1 111 ? 13.017  20.170  -0.599  1.00 59.47  ? 112 GLU A OE1 1 
ATOM   818  O  OE2 . GLU A 1 111 ? 12.008  20.966  -2.381  1.00 60.69  ? 112 GLU A OE2 1 
ATOM   819  N  N   . PRO A 1 112 ? 10.290  17.196  -4.631  1.00 28.42  ? 113 PRO A N   1 
ATOM   820  C  CA  . PRO A 1 112 ? 9.881   16.415  -5.803  1.00 29.69  ? 113 PRO A CA  1 
ATOM   821  C  C   . PRO A 1 112 ? 10.776  15.216  -6.108  1.00 31.33  ? 113 PRO A C   1 
ATOM   822  O  O   . PRO A 1 112 ? 10.287  14.163  -6.510  1.00 33.87  ? 113 PRO A O   1 
ATOM   823  C  CB  . PRO A 1 112 ? 9.941   17.446  -6.926  1.00 28.43  ? 113 PRO A CB  1 
ATOM   824  C  CG  . PRO A 1 112 ? 9.511   18.680  -6.244  1.00 30.65  ? 113 PRO A CG  1 
ATOM   825  C  CD  . PRO A 1 112 ? 10.292  18.633  -4.948  1.00 28.78  ? 113 PRO A CD  1 
ATOM   826  N  N   . GLU A 1 113 ? 12.078  15.379  -5.900  1.00 33.73  ? 114 GLU A N   1 
ATOM   827  C  CA  . GLU A 1 113 ? 13.046  14.319  -6.163  1.00 39.64  ? 114 GLU A CA  1 
ATOM   828  C  C   . GLU A 1 113 ? 12.857  13.151  -5.192  1.00 36.95  ? 114 GLU A C   1 
ATOM   829  O  O   . GLU A 1 113 ? 12.838  11.989  -5.595  1.00 34.98  ? 114 GLU A O   1 
ATOM   830  C  CB  . GLU A 1 113 ? 14.467  14.893  -6.055  1.00 52.48  ? 114 GLU A CB  1 
ATOM   831  C  CG  . GLU A 1 113 ? 15.557  14.122  -6.802  1.00 68.61  ? 114 GLU A CG  1 
ATOM   832  C  CD  . GLU A 1 113 ? 16.054  12.895  -6.048  1.00 78.21  ? 114 GLU A CD  1 
ATOM   833  O  OE1 . GLU A 1 113 ? 16.813  13.062  -5.065  1.00 81.73  ? 114 GLU A OE1 1 
ATOM   834  O  OE2 . GLU A 1 113 ? 15.690  11.763  -6.439  1.00 83.27  ? 114 GLU A OE2 1 
ATOM   835  N  N   . ASP A 1 114 ? 12.677  13.476  -3.916  1.00 35.86  ? 115 ASP A N   1 
ATOM   836  C  CA  . ASP A 1 114 ? 12.494  12.471  -2.873  1.00 34.13  ? 115 ASP A CA  1 
ATOM   837  C  C   . ASP A 1 114 ? 11.121  11.813  -2.931  1.00 30.98  ? 115 ASP A C   1 
ATOM   838  O  O   . ASP A 1 114 ? 10.985  10.616  -2.679  1.00 28.81  ? 115 ASP A O   1 
ATOM   839  C  CB  . ASP A 1 114 ? 12.716  13.102  -1.500  1.00 37.89  ? 115 ASP A CB  1 
ATOM   840  C  CG  . ASP A 1 114 ? 14.078  13.751  -1.379  1.00 43.17  ? 115 ASP A CG  1 
ATOM   841  O  OD1 . ASP A 1 114 ? 15.095  13.033  -1.502  1.00 47.30  ? 115 ASP A OD1 1 
ATOM   842  O  OD2 . ASP A 1 114 ? 14.129  14.983  -1.185  1.00 46.26  ? 115 ASP A OD2 1 
ATOM   843  N  N   . LEU A 1 115 ? 10.108  12.601  -3.274  1.00 26.16  ? 116 LEU A N   1 
ATOM   844  C  CA  . LEU A 1 115 ? 8.750   12.094  -3.373  1.00 23.49  ? 116 LEU A CA  1 
ATOM   845  C  C   . LEU A 1 115 ? 8.685   11.084  -4.509  1.00 20.85  ? 116 LEU A C   1 
ATOM   846  O  O   . LEU A 1 115 ? 8.039   10.049  -4.392  1.00 23.32  ? 116 LEU A O   1 
ATOM   847  C  CB  . LEU A 1 115 ? 7.770   13.244  -3.616  1.00 22.39  ? 116 LEU A CB  1 
ATOM   848  C  CG  . LEU A 1 115 ? 6.273   12.935  -3.512  1.00 27.64  ? 116 LEU A CG  1 
ATOM   849  C  CD1 . LEU A 1 115 ? 5.956   12.287  -2.173  1.00 27.55  ? 116 LEU A CD1 1 
ATOM   850  C  CD2 . LEU A 1 115 ? 5.475   14.218  -3.670  1.00 28.66  ? 116 LEU A CD2 1 
ATOM   851  N  N   . LEU A 1 116 ? 9.398   11.377  -5.592  1.00 22.62  ? 117 LEU A N   1 
ATOM   852  C  CA  . LEU A 1 116 ? 9.435   10.497  -6.749  1.00 21.91  ? 117 LEU A CA  1 
ATOM   853  C  C   . LEU A 1 116 ? 10.017  9.146   -6.356  1.00 24.07  ? 117 LEU A C   1 
ATOM   854  O  O   . LEU A 1 116 ? 9.441   8.113   -6.677  1.00 27.43  ? 117 LEU A O   1 
ATOM   855  C  CB  . LEU A 1 116 ? 10.253  11.136  -7.874  1.00 25.84  ? 117 LEU A CB  1 
ATOM   856  C  CG  . LEU A 1 116 ? 10.431  10.437  -9.231  1.00 33.25  ? 117 LEU A CG  1 
ATOM   857  C  CD1 . LEU A 1 116 ? 11.602  9.467   -9.189  1.00 42.97  ? 117 LEU A CD1 1 
ATOM   858  C  CD2 . LEU A 1 116 ? 9.148   9.740   -9.663  1.00 35.17  ? 117 LEU A CD2 1 
ATOM   859  N  N   . LYS A 1 117 ? 11.135  9.157   -5.633  1.00 27.00  ? 118 LYS A N   1 
ATOM   860  C  CA  . LYS A 1 117 ? 11.772  7.916   -5.199  1.00 29.71  ? 118 LYS A CA  1 
ATOM   861  C  C   . LYS A 1 117 ? 10.866  7.103   -4.282  1.00 29.06  ? 118 LYS A C   1 
ATOM   862  O  O   . LYS A 1 117 ? 10.843  5.873   -4.352  1.00 31.68  ? 118 LYS A O   1 
ATOM   863  C  CB  . LYS A 1 117 ? 13.094  8.192   -4.477  1.00 37.60  ? 118 LYS A CB  1 
ATOM   864  C  CG  . LYS A 1 117 ? 14.210  8.729   -5.360  1.00 47.31  ? 118 LYS A CG  1 
ATOM   865  C  CD  . LYS A 1 117 ? 15.571  8.599   -4.669  1.00 56.82  ? 118 LYS A CD  1 
ATOM   866  C  CE  . LYS A 1 117 ? 15.650  9.383   -3.354  1.00 61.60  ? 118 LYS A CE  1 
ATOM   867  N  NZ  . LYS A 1 117 ? 15.672  10.863  -3.542  1.00 66.38  ? 118 LYS A NZ  1 
ATOM   868  N  N   . ALA A 1 118 ? 10.108  7.799   -3.439  1.00 26.86  ? 119 ALA A N   1 
ATOM   869  C  CA  . ALA A 1 118 ? 9.193   7.161   -2.496  1.00 22.74  ? 119 ALA A CA  1 
ATOM   870  C  C   . ALA A 1 118 ? 8.002   6.488   -3.183  1.00 23.61  ? 119 ALA A C   1 
ATOM   871  O  O   . ALA A 1 118 ? 7.631   5.368   -2.834  1.00 25.11  ? 119 ALA A O   1 
ATOM   872  C  CB  . ALA A 1 118 ? 8.705   8.179   -1.489  1.00 25.81  ? 119 ALA A CB  1 
ATOM   873  N  N   . LEU A 1 119 ? 7.406   7.180   -4.149  1.00 23.20  ? 120 LEU A N   1 
ATOM   874  C  CA  . LEU A 1 119 ? 6.261   6.660   -4.892  1.00 23.04  ? 120 LEU A CA  1 
ATOM   875  C  C   . LEU A 1 119 ? 6.662   5.446   -5.709  1.00 20.82  ? 120 LEU A C   1 
ATOM   876  O  O   . LEU A 1 119 ? 5.938   4.456   -5.770  1.00 19.58  ? 120 LEU A O   1 
ATOM   877  C  CB  . LEU A 1 119 ? 5.712   7.726   -5.844  1.00 26.62  ? 120 LEU A CB  1 
ATOM   878  C  CG  . LEU A 1 119 ? 5.090   8.979   -5.235  1.00 29.89  ? 120 LEU A CG  1 
ATOM   879  C  CD1 . LEU A 1 119 ? 4.624   9.905   -6.347  1.00 29.97  ? 120 LEU A CD1 1 
ATOM   880  C  CD2 . LEU A 1 119 ? 3.932   8.585   -4.335  1.00 35.05  ? 120 LEU A CD2 1 
ATOM   881  N  N   . HIS A 1 120 ? 7.818   5.549   -6.354  1.00 20.76  ? 121 HIS A N   1 
ATOM   882  C  CA  . HIS A 1 120 ? 8.333   4.475   -7.184  1.00 23.36  ? 121 HIS A CA  1 
ATOM   883  C  C   . HIS A 1 120 ? 8.660   3.240   -6.349  1.00 22.68  ? 121 HIS A C   1 
ATOM   884  O  O   . HIS A 1 120 ? 8.383   2.115   -6.761  1.00 25.59  ? 121 HIS A O   1 
ATOM   885  C  CB  . HIS A 1 120 ? 9.575   4.942   -7.945  1.00 23.74  ? 121 HIS A CB  1 
ATOM   886  C  CG  . HIS A 1 120 ? 10.098  3.932   -8.915  1.00 26.35  ? 121 HIS A CG  1 
ATOM   887  N  ND1 . HIS A 1 120 ? 10.955  2.917   -8.546  1.00 29.53  ? 121 HIS A ND1 1 
ATOM   888  C  CD2 . HIS A 1 120 ? 9.866   3.766   -10.236 1.00 29.73  ? 121 HIS A CD2 1 
ATOM   889  C  CE1 . HIS A 1 120 ? 11.228  2.167   -9.598  1.00 26.73  ? 121 HIS A CE1 1 
ATOM   890  N  NE2 . HIS A 1 120 ? 10.580  2.662   -10.636 1.00 31.75  ? 121 HIS A NE2 1 
ATOM   891  N  N   . GLN A 1 121 ? 9.248   3.454   -5.178  1.00 19.84  ? 122 GLN A N   1 
ATOM   892  C  CA  . GLN A 1 121 ? 9.603   2.353   -4.299  1.00 22.48  ? 122 GLN A CA  1 
ATOM   893  C  C   . GLN A 1 121 ? 8.349   1.654   -3.781  1.00 23.24  ? 122 GLN A C   1 
ATOM   894  O  O   . GLN A 1 121 ? 8.284   0.424   -3.727  1.00 23.99  ? 122 GLN A O   1 
ATOM   895  C  CB  . GLN A 1 121 ? 10.438  2.865   -3.125  1.00 28.08  ? 122 GLN A CB  1 
ATOM   896  C  CG  . GLN A 1 121 ? 10.969  1.767   -2.217  1.00 40.78  ? 122 GLN A CG  1 
ATOM   897  C  CD  . GLN A 1 121 ? 11.702  2.310   -1.003  1.00 47.55  ? 122 GLN A CD  1 
ATOM   898  O  OE1 . GLN A 1 121 ? 12.672  3.056   -1.134  1.00 53.58  ? 122 GLN A OE1 1 
ATOM   899  N  NE2 . GLN A 1 121 ? 11.239  1.936   0.189   1.00 49.41  ? 122 GLN A NE2 1 
ATOM   900  N  N   . ALA A 1 122 ? 7.340   2.446   -3.434  1.00 21.69  ? 123 ALA A N   1 
ATOM   901  C  CA  . ALA A 1 122 ? 6.089   1.910   -2.907  1.00 17.76  ? 123 ALA A CA  1 
ATOM   902  C  C   . ALA A 1 122 ? 5.279   1.160   -3.953  1.00 17.30  ? 123 ALA A C   1 
ATOM   903  O  O   . ALA A 1 122 ? 4.630   0.170   -3.641  1.00 20.05  ? 123 ALA A O   1 
ATOM   904  C  CB  . ALA A 1 122 ? 5.254   3.031   -2.299  1.00 15.49  ? 123 ALA A CB  1 
ATOM   905  N  N   . ALA A 1 123 ? 5.339   1.621   -5.197  1.00 20.82  ? 124 ALA A N   1 
ATOM   906  C  CA  . ALA A 1 123 ? 4.590   0.996   -6.281  1.00 22.55  ? 124 ALA A CA  1 
ATOM   907  C  C   . ALA A 1 123 ? 5.297   -0.167  -6.974  1.00 26.53  ? 124 ALA A C   1 
ATOM   908  O  O   . ALA A 1 123 ? 4.671   -1.191  -7.258  1.00 26.30  ? 124 ALA A O   1 
ATOM   909  C  CB  . ALA A 1 123 ? 4.201   2.048   -7.315  1.00 24.01  ? 124 ALA A CB  1 
ATOM   910  N  N   . ALA A 1 124 ? 6.601   -0.024  -7.205  1.00 25.50  ? 125 ALA A N   1 
ATOM   911  C  CA  . ALA A 1 124 ? 7.363   -1.042  -7.919  1.00 23.05  ? 125 ALA A CA  1 
ATOM   912  C  C   . ALA A 1 124 ? 8.677   -1.502  -7.293  1.00 24.02  ? 125 ALA A C   1 
ATOM   913  O  O   . ALA A 1 124 ? 9.508   -2.087  -7.987  1.00 25.84  ? 125 ALA A O   1 
ATOM   914  C  CB  . ALA A 1 124 ? 7.617   -0.558  -9.348  1.00 17.56  ? 125 ALA A CB  1 
ATOM   915  N  N   . GLY A 1 125 ? 8.863   -1.282  -5.995  1.00 24.92  ? 126 GLY A N   1 
ATOM   916  C  CA  . GLY A 1 125 ? 10.111  -1.691  -5.375  1.00 22.20  ? 126 GLY A CA  1 
ATOM   917  C  C   . GLY A 1 125 ? 9.977   -2.394  -4.042  1.00 24.68  ? 126 GLY A C   1 
ATOM   918  O  O   . GLY A 1 125 ? 8.871   -2.736  -3.616  1.00 20.78  ? 126 GLY A O   1 
ATOM   919  N  N   . GLU A 1 126 ? 11.119  -2.667  -3.416  1.00 31.94  ? 127 GLU A N   1 
ATOM   920  C  CA  . GLU A 1 126 ? 11.162  -3.317  -2.111  1.00 42.93  ? 127 GLU A CA  1 
ATOM   921  C  C   . GLU A 1 126 ? 10.806  -2.273  -1.069  1.00 42.31  ? 127 GLU A C   1 
ATOM   922  O  O   . GLU A 1 126 ? 11.269  -1.137  -1.143  1.00 47.44  ? 127 GLU A O   1 
ATOM   923  C  CB  . GLU A 1 126 ? 12.557  -3.882  -1.807  1.00 50.70  ? 127 GLU A CB  1 
ATOM   924  C  CG  . GLU A 1 126 ? 12.933  -5.133  -2.592  1.00 66.02  ? 127 GLU A CG  1 
ATOM   925  C  CD  . GLU A 1 126 ? 13.739  -4.839  -3.851  1.00 76.95  ? 127 GLU A CD  1 
ATOM   926  O  OE1 . GLU A 1 126 ? 13.341  -3.947  -4.638  1.00 82.44  ? 127 GLU A OE1 1 
ATOM   927  O  OE2 . GLU A 1 126 ? 14.776  -5.510  -4.056  1.00 81.10  ? 127 GLU A OE2 1 
ATOM   928  N  N   . MET A 1 127 ? 9.999   -2.655  -0.089  1.00 42.79  ? 128 MET A N   1 
ATOM   929  C  CA  . MET A 1 127 ? 9.595   -1.708  0.932   1.00 43.55  ? 128 MET A CA  1 
ATOM   930  C  C   . MET A 1 127 ? 9.328   -2.376  2.274   1.00 47.17  ? 128 MET A C   1 
ATOM   931  O  O   . MET A 1 127 ? 8.284   -3.002  2.475   1.00 44.82  ? 128 MET A O   1 
ATOM   932  C  CB  . MET A 1 127 ? 8.352   -0.952  0.466   1.00 42.63  ? 128 MET A CB  1 
ATOM   933  C  CG  . MET A 1 127 ? 8.060   0.310   1.242   1.00 43.73  ? 128 MET A CG  1 
ATOM   934  S  SD  . MET A 1 127 ? 6.474   0.991   0.773   1.00 44.11  ? 128 MET A SD  1 
ATOM   935  C  CE  . MET A 1 127 ? 5.408   0.051   1.826   1.00 45.67  ? 128 MET A CE  1 
ATOM   936  N  N   . VAL A 1 128 ? 10.295  -2.260  3.177   1.00 53.91  ? 129 VAL A N   1 
ATOM   937  C  CA  . VAL A 1 128 ? 10.174  -2.826  4.517   1.00 63.37  ? 129 VAL A CA  1 
ATOM   938  C  C   . VAL A 1 128 ? 9.986   -1.695  5.523   1.00 65.24  ? 129 VAL A C   1 
ATOM   939  O  O   . VAL A 1 128 ? 10.524  -0.599  5.348   1.00 67.56  ? 129 VAL A O   1 
ATOM   940  C  CB  . VAL A 1 128 ? 11.421  -3.661  4.916   1.00 65.43  ? 129 VAL A CB  1 
ATOM   941  C  CG1 . VAL A 1 128 ? 11.540  -4.888  4.028   1.00 70.17  ? 129 VAL A CG1 1 
ATOM   942  C  CG2 . VAL A 1 128 ? 12.687  -2.820  4.828   1.00 67.70  ? 129 VAL A CG2 1 
ATOM   943  N  N   . LEU A 1 129 ? 9.197   -1.956  6.560   1.00 68.77  ? 130 LEU A N   1 
ATOM   944  C  CA  . LEU A 1 129 ? 8.946   -0.959  7.592   1.00 71.31  ? 130 LEU A CA  1 
ATOM   945  C  C   . LEU A 1 129 ? 10.206  -0.780  8.439   1.00 74.28  ? 130 LEU A C   1 
ATOM   946  O  O   . LEU A 1 129 ? 10.914  -1.750  8.728   1.00 77.31  ? 130 LEU A O   1 
ATOM   947  C  CB  . LEU A 1 129 ? 7.771   -1.393  8.476   1.00 68.84  ? 130 LEU A CB  1 
ATOM   948  C  CG  . LEU A 1 129 ? 7.234   -0.370  9.476   1.00 66.59  ? 130 LEU A CG  1 
ATOM   949  C  CD1 . LEU A 1 129 ? 6.728   0.860   8.740   1.00 66.90  ? 130 LEU A CD1 1 
ATOM   950  C  CD2 . LEU A 1 129 ? 6.118   -0.993  10.293  1.00 66.83  ? 130 LEU A CD2 1 
ATOM   951  N  N   . SER A 1 130 ? 10.502  0.465   8.800   1.00 73.94  ? 131 SER A N   1 
ATOM   952  C  CA  . SER A 1 130 ? 11.674  0.763   9.612   1.00 73.53  ? 131 SER A CA  1 
ATOM   953  C  C   . SER A 1 130 ? 11.461  0.234   11.024  1.00 72.46  ? 131 SER A C   1 
ATOM   954  O  O   . SER A 1 130 ? 10.339  0.245   11.535  1.00 69.65  ? 131 SER A O   1 
ATOM   955  C  CB  . SER A 1 130 ? 11.928  2.272   9.652   1.00 75.83  ? 131 SER A CB  1 
ATOM   956  O  OG  . SER A 1 130 ? 10.837  2.962   10.236  1.00 79.32  ? 131 SER A OG  1 
ATOM   957  N  N   . GLU A 1 131 ? 12.545  -0.222  11.648  1.00 74.49  ? 132 GLU A N   1 
ATOM   958  C  CA  . GLU A 1 131 ? 12.495  -0.757  13.006  1.00 74.72  ? 132 GLU A CA  1 
ATOM   959  C  C   . GLU A 1 131 ? 11.845  0.198   13.998  1.00 72.40  ? 132 GLU A C   1 
ATOM   960  O  O   . GLU A 1 131 ? 11.270  -0.232  14.998  1.00 72.55  ? 132 GLU A O   1 
ATOM   961  C  CB  . GLU A 1 131 ? 13.899  -1.132  13.485  1.00 77.27  ? 132 GLU A CB  1 
ATOM   962  C  CG  . GLU A 1 131 ? 14.343  -2.517  13.056  1.00 80.28  ? 132 GLU A CG  1 
ATOM   963  C  CD  . GLU A 1 131 ? 13.436  -3.604  13.607  1.00 82.81  ? 132 GLU A CD  1 
ATOM   964  O  OE1 . GLU A 1 131 ? 13.457  -3.831  14.837  1.00 82.19  ? 132 GLU A OE1 1 
ATOM   965  O  OE2 . GLU A 1 131 ? 12.698  -4.225  12.811  1.00 84.39  ? 132 GLU A OE2 1 
ATOM   966  N  N   . ALA A 1 132 ? 11.926  1.491   13.708  1.00 67.82  ? 133 ALA A N   1 
ATOM   967  C  CA  . ALA A 1 132 ? 11.343  2.513   14.564  1.00 63.92  ? 133 ALA A CA  1 
ATOM   968  C  C   . ALA A 1 132 ? 9.833   2.340   14.666  1.00 63.15  ? 133 ALA A C   1 
ATOM   969  O  O   . ALA A 1 132 ? 9.252   2.510   15.738  1.00 68.22  ? 133 ALA A O   1 
ATOM   970  C  CB  . ALA A 1 132 ? 11.674  3.891   14.023  1.00 65.61  ? 133 ALA A CB  1 
ATOM   971  N  N   . LEU A 1 133 ? 9.208   1.976   13.550  1.00 58.54  ? 134 LEU A N   1 
ATOM   972  C  CA  . LEU A 1 133 ? 7.760   1.795   13.498  1.00 55.11  ? 134 LEU A CA  1 
ATOM   973  C  C   . LEU A 1 133 ? 7.295   0.352   13.683  1.00 51.77  ? 134 LEU A C   1 
ATOM   974  O  O   . LEU A 1 133 ? 6.104   0.101   13.863  1.00 51.84  ? 134 LEU A O   1 
ATOM   975  C  CB  . LEU A 1 133 ? 7.211   2.364   12.183  1.00 56.92  ? 134 LEU A CB  1 
ATOM   976  C  CG  . LEU A 1 133 ? 6.958   3.874   12.057  1.00 58.84  ? 134 LEU A CG  1 
ATOM   977  C  CD1 . LEU A 1 133 ? 8.078   4.689   12.669  1.00 61.89  ? 134 LEU A CD1 1 
ATOM   978  C  CD2 . LEU A 1 133 ? 6.785   4.241   10.591  1.00 60.71  ? 134 LEU A CD2 1 
ATOM   979  N  N   . THR A 1 134 ? 8.234   -0.588  13.674  1.00 50.40  ? 135 THR A N   1 
ATOM   980  C  CA  . THR A 1 134 ? 7.908   -2.005  13.827  1.00 54.73  ? 135 THR A CA  1 
ATOM   981  C  C   . THR A 1 134 ? 7.134   -2.367  15.106  1.00 56.95  ? 135 THR A C   1 
ATOM   982  O  O   . THR A 1 134 ? 6.137   -3.091  15.046  1.00 55.72  ? 135 THR A O   1 
ATOM   983  C  CB  . THR A 1 134 ? 9.182   -2.887  13.709  1.00 57.36  ? 135 THR A CB  1 
ATOM   984  O  OG1 . THR A 1 134 ? 9.805   -2.662  12.437  1.00 57.34  ? 135 THR A OG1 1 
ATOM   985  C  CG2 . THR A 1 134 ? 8.831   -4.366  13.836  1.00 59.35  ? 135 THR A CG2 1 
ATOM   986  N  N   . PRO A 1 135 ? 7.574   -1.868  16.280  1.00 62.55  ? 136 PRO A N   1 
ATOM   987  C  CA  . PRO A 1 135 ? 6.887   -2.167  17.544  1.00 62.81  ? 136 PRO A CA  1 
ATOM   988  C  C   . PRO A 1 135 ? 5.425   -1.719  17.581  1.00 63.65  ? 136 PRO A C   1 
ATOM   989  O  O   . PRO A 1 135 ? 4.622   -2.278  18.328  1.00 62.41  ? 136 PRO A O   1 
ATOM   990  C  CB  . PRO A 1 135 ? 7.721   -1.400  18.571  1.00 64.29  ? 136 PRO A CB  1 
ATOM   991  C  CG  . PRO A 1 135 ? 9.091   -1.418  17.972  1.00 64.84  ? 136 PRO A CG  1 
ATOM   992  C  CD  . PRO A 1 135 ? 8.797   -1.085  16.535  1.00 64.02  ? 136 PRO A CD  1 
ATOM   993  N  N   . VAL A 1 136 ? 5.090   -0.712  16.777  1.00 66.23  ? 137 VAL A N   1 
ATOM   994  C  CA  . VAL A 1 136 ? 3.728   -0.183  16.711  1.00 65.11  ? 137 VAL A CA  1 
ATOM   995  C  C   . VAL A 1 136 ? 2.765   -1.260  16.209  1.00 64.49  ? 137 VAL A C   1 
ATOM   996  O  O   . VAL A 1 136 ? 1.706   -1.482  16.802  1.00 59.75  ? 137 VAL A O   1 
ATOM   997  C  CB  . VAL A 1 136 ? 3.648   1.045   15.774  1.00 66.60  ? 137 VAL A CB  1 
ATOM   998  C  CG1 . VAL A 1 136 ? 2.246   1.632   15.792  1.00 67.87  ? 137 VAL A CG1 1 
ATOM   999  C  CG2 . VAL A 1 136 ? 4.673   2.094   16.185  1.00 65.28  ? 137 VAL A CG2 1 
ATOM   1000 N  N   . LEU A 1 137 ? 3.142   -1.915  15.113  1.00 66.06  ? 138 LEU A N   1 
ATOM   1001 C  CA  . LEU A 1 137 ? 2.332   -2.979  14.527  1.00 67.78  ? 138 LEU A CA  1 
ATOM   1002 C  C   . LEU A 1 137 ? 2.411   -4.240  15.371  1.00 68.78  ? 138 LEU A C   1 
ATOM   1003 O  O   . LEU A 1 137 ? 1.448   -5.008  15.450  1.00 69.72  ? 138 LEU A O   1 
ATOM   1004 C  CB  . LEU A 1 137 ? 2.788   -3.289  13.101  1.00 67.35  ? 138 LEU A CB  1 
ATOM   1005 C  CG  . LEU A 1 137 ? 2.330   -2.324  12.011  1.00 66.73  ? 138 LEU A CG  1 
ATOM   1006 C  CD1 . LEU A 1 137 ? 2.899   -2.777  10.680  1.00 67.54  ? 138 LEU A CD1 1 
ATOM   1007 C  CD2 . LEU A 1 137 ? 0.808   -2.288  11.955  1.00 65.50  ? 138 LEU A CD2 1 
ATOM   1008 N  N   . ALA A 1 138 ? 3.570   -4.455  15.992  1.00 69.38  ? 139 ALA A N   1 
ATOM   1009 C  CA  . ALA A 1 138 ? 3.781   -5.614  16.850  1.00 71.07  ? 139 ALA A CA  1 
ATOM   1010 C  C   . ALA A 1 138 ? 2.871   -5.510  18.073  1.00 73.06  ? 139 ALA A C   1 
ATOM   1011 O  O   . ALA A 1 138 ? 2.430   -6.524  18.615  1.00 72.64  ? 139 ALA A O   1 
ATOM   1012 C  CB  . ALA A 1 138 ? 5.239   -5.692  17.277  1.00 69.99  ? 139 ALA A CB  1 
ATOM   1013 N  N   . ALA A 1 139 ? 2.581   -4.274  18.480  1.00 75.92  ? 140 ALA A N   1 
ATOM   1014 C  CA  . ALA A 1 139 ? 1.716   -3.993  19.626  1.00 76.46  ? 140 ALA A CA  1 
ATOM   1015 C  C   . ALA A 1 139 ? 0.282   -4.412  19.325  1.00 76.51  ? 140 ALA A C   1 
ATOM   1016 O  O   . ALA A 1 139 ? -0.447  -4.851  20.216  1.00 76.71  ? 140 ALA A O   1 
ATOM   1017 C  CB  . ALA A 1 139 ? 1.766   -2.511  19.973  1.00 78.45  ? 140 ALA A CB  1 
ATOM   1018 N  N   . SER A 1 140 ? -0.127  -4.234  18.072  1.00 76.28  ? 141 SER A N   1 
ATOM   1019 C  CA  . SER A 1 140 ? -1.464  -4.615  17.636  1.00 76.62  ? 141 SER A CA  1 
ATOM   1020 C  C   . SER A 1 140 ? -1.496  -6.131  17.443  1.00 78.64  ? 141 SER A C   1 
ATOM   1021 O  O   . SER A 1 140 ? -2.561  -6.749  17.461  1.00 80.31  ? 141 SER A O   1 
ATOM   1022 C  CB  . SER A 1 140 ? -1.809  -3.913  16.321  1.00 75.84  ? 141 SER A CB  1 
ATOM   1023 O  OG  . SER A 1 140 ? -1.698  -2.507  16.453  1.00 76.95  ? 141 SER A OG  1 
ATOM   1024 N  N   . LEU A 1 141 ? -0.313  -6.718  17.264  1.00 79.34  ? 142 LEU A N   1 
ATOM   1025 C  CA  . LEU A 1 141 ? -0.168  -8.156  17.071  1.00 80.84  ? 142 LEU A CA  1 
ATOM   1026 C  C   . LEU A 1 141 ? 0.511   -8.803  18.279  1.00 81.53  ? 142 LEU A C   1 
ATOM   1027 O  O   . LEU A 1 141 ? -0.145  -9.194  19.244  1.00 82.04  ? 142 LEU A O   1 
ATOM   1028 C  CB  . LEU A 1 141 ? 0.654   -8.432  15.807  1.00 80.83  ? 142 LEU A CB  1 
ATOM   1029 C  CG  . LEU A 1 141 ? 0.113   -7.892  14.479  1.00 80.49  ? 142 LEU A CG  1 
ATOM   1030 C  CD1 . LEU A 1 141 ? 1.130   -8.125  13.376  1.00 80.72  ? 142 LEU A CD1 1 
ATOM   1031 C  CD2 . LEU A 1 141 ? -1.212  -8.554  14.135  1.00 79.51  ? 142 LEU A CD2 1 
ATOM   1032 N  N   . GLN A 1 154 ? -3.301  -24.365 7.464   1.00 79.94  ? 155 GLN A N   1 
ATOM   1033 C  CA  . GLN A 1 154 ? -4.371  -24.028 6.532   1.00 82.59  ? 155 GLN A CA  1 
ATOM   1034 C  C   . GLN A 1 154 ? -3.836  -23.092 5.447   1.00 79.64  ? 155 GLN A C   1 
ATOM   1035 O  O   . GLN A 1 154 ? -4.598  -22.439 4.726   1.00 78.29  ? 155 GLN A O   1 
ATOM   1036 C  CB  . GLN A 1 154 ? -5.533  -23.371 7.290   1.00 87.76  ? 155 GLN A CB  1 
ATOM   1037 C  CG  . GLN A 1 154 ? -6.806  -23.166 6.471   1.00 94.44  ? 155 GLN A CG  1 
ATOM   1038 C  CD  . GLN A 1 154 ? -7.333  -24.453 5.862   1.00 97.77  ? 155 GLN A CD  1 
ATOM   1039 O  OE1 . GLN A 1 154 ? -7.382  -24.598 4.640   1.00 99.37  ? 155 GLN A OE1 1 
ATOM   1040 N  NE2 . GLN A 1 154 ? -7.732  -25.395 6.713   1.00 99.45  ? 155 GLN A NE2 1 
ATOM   1041 N  N   . LEU A 1 155 ? -2.515  -23.063 5.314   1.00 76.74  ? 156 LEU A N   1 
ATOM   1042 C  CA  . LEU A 1 155 ? -1.853  -22.210 4.338   1.00 74.49  ? 156 LEU A CA  1 
ATOM   1043 C  C   . LEU A 1 155 ? -1.241  -23.037 3.200   1.00 73.38  ? 156 LEU A C   1 
ATOM   1044 O  O   . LEU A 1 155 ? -0.316  -23.823 3.415   1.00 74.72  ? 156 LEU A O   1 
ATOM   1045 C  CB  . LEU A 1 155 ? -0.776  -21.378 5.044   1.00 72.00  ? 156 LEU A CB  1 
ATOM   1046 C  CG  . LEU A 1 155 ? -0.435  -19.988 4.504   1.00 69.38  ? 156 LEU A CG  1 
ATOM   1047 C  CD1 . LEU A 1 155 ? -1.684  -19.123 4.459   1.00 64.36  ? 156 LEU A CD1 1 
ATOM   1048 C  CD2 . LEU A 1 155 ? 0.620   -19.350 5.396   1.00 68.04  ? 156 LEU A CD2 1 
ATOM   1049 N  N   . THR A 1 156 ? -1.786  -22.865 1.996   1.00 69.91  ? 157 THR A N   1 
ATOM   1050 C  CA  . THR A 1 156 ? -1.318  -23.566 0.800   1.00 66.42  ? 157 THR A CA  1 
ATOM   1051 C  C   . THR A 1 156 ? 0.181   -23.333 0.617   1.00 62.90  ? 157 THR A C   1 
ATOM   1052 O  O   . THR A 1 156 ? 0.677   -22.241 0.887   1.00 66.39  ? 157 THR A O   1 
ATOM   1053 C  CB  . THR A 1 156 ? -2.057  -23.040 -0.466  1.00 69.20  ? 157 THR A CB  1 
ATOM   1054 O  OG1 . THR A 1 156 ? -3.467  -23.252 -0.326  1.00 71.86  ? 157 THR A OG1 1 
ATOM   1055 C  CG2 . THR A 1 156 ? -1.567  -23.732 -1.733  1.00 70.07  ? 157 THR A CG2 1 
ATOM   1056 N  N   . PRO A 1 157 ? 0.923   -24.363 0.182   1.00 58.99  ? 158 PRO A N   1 
ATOM   1057 C  CA  . PRO A 1 157 ? 2.369   -24.251 -0.033  1.00 55.13  ? 158 PRO A CA  1 
ATOM   1058 C  C   . PRO A 1 157 ? 2.752   -23.017 -0.850  1.00 50.92  ? 158 PRO A C   1 
ATOM   1059 O  O   . PRO A 1 157 ? 3.729   -22.337 -0.534  1.00 48.79  ? 158 PRO A O   1 
ATOM   1060 C  CB  . PRO A 1 157 ? 2.690   -25.537 -0.784  1.00 56.07  ? 158 PRO A CB  1 
ATOM   1061 C  CG  . PRO A 1 157 ? 1.773   -26.512 -0.128  1.00 58.30  ? 158 PRO A CG  1 
ATOM   1062 C  CD  . PRO A 1 157 ? 0.468   -25.748 -0.050  1.00 58.52  ? 158 PRO A CD  1 
ATOM   1063 N  N   . ARG A 1 158 ? 1.954   -22.716 -1.873  1.00 46.71  ? 159 ARG A N   1 
ATOM   1064 C  CA  . ARG A 1 158 ? 2.197   -21.564 -2.734  1.00 45.72  ? 159 ARG A CA  1 
ATOM   1065 C  C   . ARG A 1 158 ? 1.992   -20.261 -1.950  1.00 45.49  ? 159 ARG A C   1 
ATOM   1066 O  O   . ARG A 1 158 ? 2.738   -19.299 -2.132  1.00 44.95  ? 159 ARG A O   1 
ATOM   1067 C  CB  . ARG A 1 158 ? 1.267   -21.609 -3.955  1.00 44.27  ? 159 ARG A CB  1 
ATOM   1068 C  CG  . ARG A 1 158 ? 1.666   -20.694 -5.123  1.00 45.20  ? 159 ARG A CG  1 
ATOM   1069 C  CD  . ARG A 1 158 ? 2.681   -21.331 -6.088  1.00 48.00  ? 159 ARG A CD  1 
ATOM   1070 N  NE  . ARG A 1 158 ? 4.043   -21.394 -5.556  1.00 50.66  ? 159 ARG A NE  1 
ATOM   1071 C  CZ  . ARG A 1 158 ? 5.142   -21.501 -6.305  1.00 51.55  ? 159 ARG A CZ  1 
ATOM   1072 N  NH1 . ARG A 1 158 ? 5.057   -21.555 -7.632  1.00 48.65  ? 159 ARG A NH1 1 
ATOM   1073 N  NH2 . ARG A 1 158 ? 6.335   -21.554 -5.724  1.00 51.46  ? 159 ARG A NH2 1 
ATOM   1074 N  N   . GLU A 1 159 ? 0.994   -20.247 -1.068  1.00 43.32  ? 160 GLU A N   1 
ATOM   1075 C  CA  . GLU A 1 159 ? 0.701   -19.069 -0.253  1.00 40.66  ? 160 GLU A CA  1 
ATOM   1076 C  C   . GLU A 1 159 ? 1.796   -18.827 0.775   1.00 41.63  ? 160 GLU A C   1 
ATOM   1077 O  O   . GLU A 1 159 ? 2.071   -17.687 1.140   1.00 45.89  ? 160 GLU A O   1 
ATOM   1078 C  CB  . GLU A 1 159 ? -0.648  -19.215 0.445   1.00 37.30  ? 160 GLU A CB  1 
ATOM   1079 C  CG  . GLU A 1 159 ? -1.819  -19.265 -0.513  1.00 44.69  ? 160 GLU A CG  1 
ATOM   1080 C  CD  . GLU A 1 159 ? -3.154  -19.428 0.189   1.00 50.59  ? 160 GLU A CD  1 
ATOM   1081 O  OE1 . GLU A 1 159 ? -3.237  -20.223 1.151   1.00 51.27  ? 160 GLU A OE1 1 
ATOM   1082 O  OE2 . GLU A 1 159 ? -4.125  -18.765 -0.232  1.00 53.29  ? 160 GLU A OE2 1 
ATOM   1083 N  N   . ARG A 1 160 ? 2.416   -19.903 1.243   1.00 41.10  ? 161 ARG A N   1 
ATOM   1084 C  CA  . ARG A 1 160 ? 3.492   -19.795 2.216   1.00 41.32  ? 161 ARG A CA  1 
ATOM   1085 C  C   . ARG A 1 160 ? 4.710   -19.204 1.507   1.00 38.99  ? 161 ARG A C   1 
ATOM   1086 O  O   . ARG A 1 160 ? 5.481   -18.452 2.100   1.00 39.42  ? 161 ARG A O   1 
ATOM   1087 C  CB  . ARG A 1 160 ? 3.819   -21.172 2.802   1.00 51.10  ? 161 ARG A CB  1 
ATOM   1088 C  CG  . ARG A 1 160 ? 4.923   -21.162 3.846   1.00 62.39  ? 161 ARG A CG  1 
ATOM   1089 C  CD  . ARG A 1 160 ? 5.289   -22.567 4.323   1.00 72.68  ? 161 ARG A CD  1 
ATOM   1090 N  NE  . ARG A 1 160 ? 6.524   -22.569 5.114   1.00 81.10  ? 161 ARG A NE  1 
ATOM   1091 C  CZ  . ARG A 1 160 ? 6.582   -22.735 6.436   1.00 83.83  ? 161 ARG A CZ  1 
ATOM   1092 N  NH1 . ARG A 1 160 ? 5.472   -22.923 7.144   1.00 86.57  ? 161 ARG A NH1 1 
ATOM   1093 N  NH2 . ARG A 1 160 ? 7.755   -22.682 7.059   1.00 84.54  ? 161 ARG A NH2 1 
ATOM   1094 N  N   . ASP A 1 161 ? 4.865   -19.537 0.227   1.00 34.60  ? 162 ASP A N   1 
ATOM   1095 C  CA  . ASP A 1 161 ? 5.976   -19.024 -0.567  1.00 30.63  ? 162 ASP A CA  1 
ATOM   1096 C  C   . ASP A 1 161 ? 5.775   -17.537 -0.785  1.00 29.73  ? 162 ASP A C   1 
ATOM   1097 O  O   . ASP A 1 161 ? 6.722   -16.759 -0.714  1.00 33.81  ? 162 ASP A O   1 
ATOM   1098 C  CB  . ASP A 1 161 ? 6.047   -19.715 -1.933  1.00 35.52  ? 162 ASP A CB  1 
ATOM   1099 C  CG  . ASP A 1 161 ? 6.448   -21.174 -1.841  1.00 38.67  ? 162 ASP A CG  1 
ATOM   1100 O  OD1 . ASP A 1 161 ? 6.968   -21.601 -0.786  1.00 41.46  ? 162 ASP A OD1 1 
ATOM   1101 O  OD2 . ASP A 1 161 ? 6.252   -21.892 -2.845  1.00 40.71  ? 162 ASP A OD2 1 
ATOM   1102 N  N   . ILE A 1 162 ? 4.533   -17.157 -1.069  1.00 25.87  ? 163 ILE A N   1 
ATOM   1103 C  CA  . ILE A 1 162 ? 4.185   -15.762 -1.298  1.00 28.40  ? 163 ILE A CA  1 
ATOM   1104 C  C   . ILE A 1 162 ? 4.310   -14.932 -0.018  1.00 30.08  ? 163 ILE A C   1 
ATOM   1105 O  O   . ILE A 1 162 ? 4.794   -13.804 -0.057  1.00 34.35  ? 163 ILE A O   1 
ATOM   1106 C  CB  . ILE A 1 162 ? 2.769   -15.636 -1.908  1.00 26.34  ? 163 ILE A CB  1 
ATOM   1107 C  CG1 . ILE A 1 162 ? 2.789   -16.161 -3.345  1.00 28.34  ? 163 ILE A CG1 1 
ATOM   1108 C  CG2 . ILE A 1 162 ? 2.295   -14.192 -1.884  1.00 25.35  ? 163 ILE A CG2 1 
ATOM   1109 C  CD1 . ILE A 1 162 ? 1.446   -16.145 -4.039  1.00 27.67  ? 163 ILE A CD1 1 
ATOM   1110 N  N   . LEU A 1 163 ? 3.929   -15.515 1.117   1.00 31.98  ? 164 LEU A N   1 
ATOM   1111 C  CA  . LEU A 1 163 ? 4.010   -14.833 2.411   1.00 31.06  ? 164 LEU A CA  1 
ATOM   1112 C  C   . LEU A 1 163 ? 5.464   -14.564 2.813   1.00 31.23  ? 164 LEU A C   1 
ATOM   1113 O  O   . LEU A 1 163 ? 5.785   -13.504 3.347   1.00 34.97  ? 164 LEU A O   1 
ATOM   1114 C  CB  . LEU A 1 163 ? 3.307   -15.665 3.486   1.00 29.98  ? 164 LEU A CB  1 
ATOM   1115 C  CG  . LEU A 1 163 ? 3.260   -15.148 4.926   1.00 31.49  ? 164 LEU A CG  1 
ATOM   1116 C  CD1 . LEU A 1 163 ? 2.671   -13.748 4.997   1.00 31.19  ? 164 LEU A CD1 1 
ATOM   1117 C  CD2 . LEU A 1 163 ? 2.445   -16.112 5.759   1.00 32.00  ? 164 LEU A CD2 1 
ATOM   1118 N  N   . LYS A 1 164 ? 6.334   -15.529 2.537   1.00 31.38  ? 165 LYS A N   1 
ATOM   1119 C  CA  . LYS A 1 164 ? 7.756   -15.429 2.842   1.00 30.82  ? 165 LYS A CA  1 
ATOM   1120 C  C   . LYS A 1 164 ? 8.382   -14.266 2.073   1.00 29.55  ? 165 LYS A C   1 
ATOM   1121 O  O   . LYS A 1 164 ? 9.169   -13.497 2.623   1.00 29.05  ? 165 LYS A O   1 
ATOM   1122 C  CB  . LYS A 1 164 ? 8.436   -16.744 2.461   1.00 38.36  ? 165 LYS A CB  1 
ATOM   1123 C  CG  . LYS A 1 164 ? 9.940   -16.676 2.234   1.00 46.42  ? 165 LYS A CG  1 
ATOM   1124 C  CD  . LYS A 1 164 ? 10.366  -17.769 1.253   1.00 55.01  ? 165 LYS A CD  1 
ATOM   1125 C  CE  . LYS A 1 164 ? 9.635   -17.612 -0.091  1.00 60.02  ? 165 LYS A CE  1 
ATOM   1126 N  NZ  . LYS A 1 164 ? 9.841   -18.736 -1.052  1.00 60.52  ? 165 LYS A NZ  1 
ATOM   1127 N  N   . LEU A 1 165 ? 8.037   -14.162 0.793   1.00 25.92  ? 166 LEU A N   1 
ATOM   1128 C  CA  . LEU A 1 165 ? 8.550   -13.100 -0.065  1.00 19.79  ? 166 LEU A CA  1 
ATOM   1129 C  C   . LEU A 1 165 ? 7.961   -11.742 0.308   1.00 20.77  ? 166 LEU A C   1 
ATOM   1130 O  O   . LEU A 1 165 ? 8.644   -10.721 0.213   1.00 17.73  ? 166 LEU A O   1 
ATOM   1131 C  CB  . LEU A 1 165 ? 8.279   -13.427 -1.534  1.00 17.24  ? 166 LEU A CB  1 
ATOM   1132 C  CG  . LEU A 1 165 ? 9.037   -14.648 -2.058  1.00 15.34  ? 166 LEU A CG  1 
ATOM   1133 C  CD1 . LEU A 1 165 ? 8.677   -14.903 -3.503  1.00 12.92  ? 166 LEU A CD1 1 
ATOM   1134 C  CD2 . LEU A 1 165 ? 10.536  -14.432 -1.907  1.00 11.01  ? 166 LEU A CD2 1 
ATOM   1135 N  N   . ILE A 1 166 ? 6.695   -11.733 0.729   1.00 19.53  ? 167 ILE A N   1 
ATOM   1136 C  CA  . ILE A 1 166 ? 6.030   -10.503 1.150   1.00 20.18  ? 167 ILE A CA  1 
ATOM   1137 C  C   . ILE A 1 166 ? 6.750   -9.991  2.390   1.00 22.91  ? 167 ILE A C   1 
ATOM   1138 O  O   . ILE A 1 166 ? 6.998   -8.797  2.521   1.00 30.00  ? 167 ILE A O   1 
ATOM   1139 C  CB  . ILE A 1 166 ? 4.533   -10.735 1.493   1.00 22.32  ? 167 ILE A CB  1 
ATOM   1140 C  CG1 . ILE A 1 166 ? 3.717   -10.916 0.211   1.00 19.75  ? 167 ILE A CG1 1 
ATOM   1141 C  CG2 . ILE A 1 166 ? 3.970   -9.564  2.309   1.00 18.22  ? 167 ILE A CG2 1 
ATOM   1142 C  CD1 . ILE A 1 166 ? 2.246   -11.186 0.463   1.00 18.97  ? 167 ILE A CD1 1 
ATOM   1143 N  N   . ALA A 1 167 ? 7.117   -10.911 3.278   1.00 26.97  ? 168 ALA A N   1 
ATOM   1144 C  CA  . ALA A 1 167 ? 7.820   -10.565 4.507   1.00 25.99  ? 168 ALA A CA  1 
ATOM   1145 C  C   . ALA A 1 167 ? 9.129   -9.857  4.190   1.00 29.93  ? 168 ALA A C   1 
ATOM   1146 O  O   . ALA A 1 167 ? 9.605   -9.042  4.975   1.00 39.79  ? 168 ALA A O   1 
ATOM   1147 C  CB  . ALA A 1 167 ? 8.088   -11.814 5.327   1.00 26.72  ? 168 ALA A CB  1 
ATOM   1148 N  N   . GLN A 1 168 ? 9.700   -10.173 3.031   1.00 29.69  ? 169 GLN A N   1 
ATOM   1149 C  CA  . GLN A 1 168 ? 10.955  -9.573  2.590   1.00 28.53  ? 169 GLN A CA  1 
ATOM   1150 C  C   . GLN A 1 168 ? 10.772  -8.240  1.864   1.00 29.45  ? 169 GLN A C   1 
ATOM   1151 O  O   . GLN A 1 168 ? 11.746  -7.622  1.423   1.00 31.26  ? 169 GLN A O   1 
ATOM   1152 C  CB  . GLN A 1 168 ? 11.726  -10.562 1.719   1.00 31.92  ? 169 GLN A CB  1 
ATOM   1153 C  CG  . GLN A 1 168 ? 12.196  -11.781 2.496   1.00 38.58  ? 169 GLN A CG  1 
ATOM   1154 C  CD  . GLN A 1 168 ? 12.805  -12.848 1.618   1.00 43.27  ? 169 GLN A CD  1 
ATOM   1155 O  OE1 . GLN A 1 168 ? 13.545  -12.552 0.676   1.00 46.81  ? 169 GLN A OE1 1 
ATOM   1156 N  NE2 . GLN A 1 168 ? 12.506  -14.105 1.928   1.00 46.76  ? 169 GLN A NE2 1 
ATOM   1157 N  N   . GLY A 1 169 ? 9.518   -7.819  1.724   1.00 28.36  ? 170 GLY A N   1 
ATOM   1158 C  CA  . GLY A 1 169 ? 9.209   -6.555  1.081   1.00 21.92  ? 170 GLY A CA  1 
ATOM   1159 C  C   . GLY A 1 169 ? 9.122   -6.537  -0.428  1.00 20.07  ? 170 GLY A C   1 
ATOM   1160 O  O   . GLY A 1 169 ? 9.114   -5.460  -1.018  1.00 24.72  ? 170 GLY A O   1 
ATOM   1161 N  N   . LEU A 1 170 ? 9.025   -7.703  -1.059  1.00 21.59  ? 171 LEU A N   1 
ATOM   1162 C  CA  . LEU A 1 170 ? 8.937   -7.769  -2.517  1.00 20.99  ? 171 LEU A CA  1 
ATOM   1163 C  C   . LEU A 1 170 ? 7.567   -7.368  -3.064  1.00 22.05  ? 171 LEU A C   1 
ATOM   1164 O  O   . LEU A 1 170 ? 6.531   -7.644  -2.451  1.00 21.95  ? 171 LEU A O   1 
ATOM   1165 C  CB  . LEU A 1 170 ? 9.270   -9.174  -3.024  1.00 21.09  ? 171 LEU A CB  1 
ATOM   1166 C  CG  . LEU A 1 170 ? 10.699  -9.704  -2.915  1.00 26.45  ? 171 LEU A CG  1 
ATOM   1167 C  CD1 . LEU A 1 170 ? 10.769  -11.056 -3.600  1.00 24.37  ? 171 LEU A CD1 1 
ATOM   1168 C  CD2 . LEU A 1 170 ? 11.669  -8.738  -3.573  1.00 30.88  ? 171 LEU A CD2 1 
ATOM   1169 N  N   . PRO A 1 171 ? 7.553   -6.648  -4.196  1.00 20.05  ? 172 PRO A N   1 
ATOM   1170 C  CA  . PRO A 1 171 ? 6.302   -6.216  -4.824  1.00 24.34  ? 172 PRO A CA  1 
ATOM   1171 C  C   . PRO A 1 171 ? 5.726   -7.369  -5.651  1.00 27.06  ? 172 PRO A C   1 
ATOM   1172 O  O   . PRO A 1 171 ? 6.442   -8.313  -5.980  1.00 30.12  ? 172 PRO A O   1 
ATOM   1173 C  CB  . PRO A 1 171 ? 6.754   -5.056  -5.711  1.00 21.49  ? 172 PRO A CB  1 
ATOM   1174 C  CG  . PRO A 1 171 ? 8.128   -5.466  -6.115  1.00 21.34  ? 172 PRO A CG  1 
ATOM   1175 C  CD  . PRO A 1 171 ? 8.711   -5.988  -4.825  1.00 19.55  ? 172 PRO A CD  1 
ATOM   1176 N  N   . ASN A 1 172 ? 4.442   -7.279  -5.991  1.00 30.70  ? 173 ASN A N   1 
ATOM   1177 C  CA  . ASN A 1 172 ? 3.751   -8.309  -6.767  1.00 26.97  ? 173 ASN A CA  1 
ATOM   1178 C  C   . ASN A 1 172 ? 4.502   -8.816  -7.985  1.00 28.55  ? 173 ASN A C   1 
ATOM   1179 O  O   . ASN A 1 172 ? 4.615   -10.022 -8.193  1.00 30.93  ? 173 ASN A O   1 
ATOM   1180 C  CB  . ASN A 1 172 ? 2.391   -7.797  -7.230  1.00 33.22  ? 173 ASN A CB  1 
ATOM   1181 C  CG  . ASN A 1 172 ? 1.368   -7.785  -6.126  1.00 34.35  ? 173 ASN A CG  1 
ATOM   1182 O  OD1 . ASN A 1 172 ? 1.338   -8.683  -5.279  1.00 29.16  ? 173 ASN A OD1 1 
ATOM   1183 N  ND2 . ASN A 1 172 ? 0.504   -6.772  -6.135  1.00 38.73  ? 173 ASN A ND2 1 
ATOM   1184 N  N   . LYS A 1 173 ? 5.001   -7.890  -8.794  1.00 28.56  ? 174 LYS A N   1 
ATOM   1185 C  CA  . LYS A 1 173 ? 5.723   -8.253  -10.002 1.00 32.56  ? 174 LYS A CA  1 
ATOM   1186 C  C   . LYS A 1 173 ? 6.972   -9.092  -9.767  1.00 32.53  ? 174 LYS A C   1 
ATOM   1187 O  O   . LYS A 1 173 ? 7.186   -10.076 -10.470 1.00 40.37  ? 174 LYS A O   1 
ATOM   1188 C  CB  . LYS A 1 173 ? 6.033   -7.006  -10.828 1.00 35.88  ? 174 LYS A CB  1 
ATOM   1189 C  CG  . LYS A 1 173 ? 4.794   -6.453  -11.512 1.00 43.81  ? 174 LYS A CG  1 
ATOM   1190 C  CD  . LYS A 1 173 ? 5.029   -5.128  -12.218 1.00 46.69  ? 174 LYS A CD  1 
ATOM   1191 C  CE  . LYS A 1 173 ? 3.777   -4.704  -12.980 1.00 47.01  ? 174 LYS A CE  1 
ATOM   1192 N  NZ  . LYS A 1 173 ? 2.553   -4.644  -12.127 1.00 48.28  ? 174 LYS A NZ  1 
ATOM   1193 N  N   . MET A 1 174 ? 7.780   -8.725  -8.776  1.00 32.77  ? 175 MET A N   1 
ATOM   1194 C  CA  . MET A 1 174 ? 8.997   -9.481  -8.469  1.00 30.09  ? 175 MET A CA  1 
ATOM   1195 C  C   . MET A 1 174 ? 8.685   -10.873 -7.910  1.00 27.97  ? 175 MET A C   1 
ATOM   1196 O  O   . MET A 1 174 ? 9.420   -11.829 -8.168  1.00 25.29  ? 175 MET A O   1 
ATOM   1197 C  CB  . MET A 1 174 ? 9.902   -8.705  -7.499  1.00 35.41  ? 175 MET A CB  1 
ATOM   1198 C  CG  . MET A 1 174 ? 10.797  -7.648  -8.166  1.00 38.77  ? 175 MET A CG  1 
ATOM   1199 S  SD  . MET A 1 174 ? 11.940  -6.802  -7.018  1.00 43.39  ? 175 MET A SD  1 
ATOM   1200 C  CE  . MET A 1 174 ? 13.338  -7.934  -6.990  1.00 40.82  ? 175 MET A CE  1 
ATOM   1201 N  N   . ILE A 1 175 ? 7.592   -10.984 -7.153  1.00 25.41  ? 176 ILE A N   1 
ATOM   1202 C  CA  . ILE A 1 175 ? 7.181   -12.263 -6.575  1.00 22.78  ? 176 ILE A CA  1 
ATOM   1203 C  C   . ILE A 1 175 ? 6.735   -13.206 -7.689  1.00 23.83  ? 176 ILE A C   1 
ATOM   1204 O  O   . ILE A 1 175 ? 7.028   -14.401 -7.654  1.00 23.30  ? 176 ILE A O   1 
ATOM   1205 C  CB  . ILE A 1 175 ? 6.014   -12.097 -5.565  1.00 21.75  ? 176 ILE A CB  1 
ATOM   1206 C  CG1 . ILE A 1 175 ? 6.468   -11.286 -4.345  1.00 18.28  ? 176 ILE A CG1 1 
ATOM   1207 C  CG2 . ILE A 1 175 ? 5.496   -13.464 -5.125  1.00 20.86  ? 176 ILE A CG2 1 
ATOM   1208 C  CD1 . ILE A 1 175 ? 5.395   -11.123 -3.281  1.00 10.93  ? 176 ILE A CD1 1 
ATOM   1209 N  N   . ALA A 1 176 ? 6.045   -12.646 -8.679  1.00 24.09  ? 177 ALA A N   1 
ATOM   1210 C  CA  . ALA A 1 176 ? 5.550   -13.399 -9.827  1.00 21.97  ? 177 ALA A CA  1 
ATOM   1211 C  C   . ALA A 1 176 ? 6.677   -13.986 -10.671 1.00 23.66  ? 177 ALA A C   1 
ATOM   1212 O  O   . ALA A 1 176 ? 6.659   -15.169 -10.997 1.00 23.99  ? 177 ALA A O   1 
ATOM   1213 C  CB  . ALA A 1 176 ? 4.671   -12.511 -10.687 1.00 23.60  ? 177 ALA A CB  1 
ATOM   1214 N  N   . ARG A 1 177 ? 7.662   -13.158 -11.011 1.00 26.81  ? 178 ARG A N   1 
ATOM   1215 C  CA  . ARG A 1 177 ? 8.795   -13.593 -11.827 1.00 31.17  ? 178 ARG A CA  1 
ATOM   1216 C  C   . ARG A 1 177 ? 9.725   -14.530 -11.072 1.00 30.45  ? 178 ARG A C   1 
ATOM   1217 O  O   . ARG A 1 177 ? 10.624  -15.128 -11.656 1.00 32.34  ? 178 ARG A O   1 
ATOM   1218 C  CB  . ARG A 1 177 ? 9.588   -12.384 -12.331 1.00 38.97  ? 178 ARG A CB  1 
ATOM   1219 C  CG  . ARG A 1 177 ? 8.735   -11.326 -13.016 1.00 51.83  ? 178 ARG A CG  1 
ATOM   1220 C  CD  . ARG A 1 177 ? 9.585   -10.234 -13.642 1.00 62.30  ? 178 ARG A CD  1 
ATOM   1221 N  NE  . ARG A 1 177 ? 10.212  -10.678 -14.886 1.00 72.28  ? 178 ARG A NE  1 
ATOM   1222 C  CZ  . ARG A 1 177 ? 11.380  -10.231 -15.343 1.00 76.07  ? 178 ARG A CZ  1 
ATOM   1223 N  NH1 . ARG A 1 177 ? 12.068  -9.324  -14.657 1.00 77.29  ? 178 ARG A NH1 1 
ATOM   1224 N  NH2 . ARG A 1 177 ? 11.854  -10.682 -16.499 1.00 76.50  ? 178 ARG A NH2 1 
ATOM   1225 N  N   . ARG A 1 178 ? 9.504   -14.639 -9.770  1.00 31.50  ? 179 ARG A N   1 
ATOM   1226 C  CA  . ARG A 1 178 ? 10.310  -15.490 -8.908  1.00 31.42  ? 179 ARG A CA  1 
ATOM   1227 C  C   . ARG A 1 178 ? 9.722   -16.901 -8.777  1.00 29.33  ? 179 ARG A C   1 
ATOM   1228 O  O   . ARG A 1 178 ? 10.446  -17.890 -8.868  1.00 30.69  ? 179 ARG A O   1 
ATOM   1229 C  CB  . ARG A 1 178 ? 10.421  -14.843 -7.522  1.00 35.10  ? 179 ARG A CB  1 
ATOM   1230 C  CG  . ARG A 1 178 ? 11.312  -15.577 -6.549  1.00 36.14  ? 179 ARG A CG  1 
ATOM   1231 C  CD  . ARG A 1 178 ? 12.771  -15.268 -6.807  1.00 41.67  ? 179 ARG A CD  1 
ATOM   1232 N  NE  . ARG A 1 178 ? 13.182  -14.005 -6.200  1.00 42.69  ? 179 ARG A NE  1 
ATOM   1233 C  CZ  . ARG A 1 178 ? 13.571  -13.878 -4.931  1.00 44.77  ? 179 ARG A CZ  1 
ATOM   1234 N  NH1 . ARG A 1 178 ? 13.593  -14.937 -4.124  1.00 42.87  ? 179 ARG A NH1 1 
ATOM   1235 N  NH2 . ARG A 1 178 ? 13.935  -12.687 -4.467  1.00 42.08  ? 179 ARG A NH2 1 
ATOM   1236 N  N   . LEU A 1 179 ? 8.411   -16.982 -8.559  1.00 26.97  ? 180 LEU A N   1 
ATOM   1237 C  CA  . LEU A 1 179 ? 7.728   -18.265 -8.385  1.00 24.89  ? 180 LEU A CA  1 
ATOM   1238 C  C   . LEU A 1 179 ? 7.147   -18.843 -9.670  1.00 25.52  ? 180 LEU A C   1 
ATOM   1239 O  O   . LEU A 1 179 ? 6.372   -19.800 -9.630  1.00 25.80  ? 180 LEU A O   1 
ATOM   1240 C  CB  . LEU A 1 179 ? 6.613   -18.134 -7.343  1.00 25.17  ? 180 LEU A CB  1 
ATOM   1241 C  CG  . LEU A 1 179 ? 7.010   -17.544 -5.990  1.00 25.68  ? 180 LEU A CG  1 
ATOM   1242 C  CD1 . LEU A 1 179 ? 5.806   -17.537 -5.069  1.00 27.01  ? 180 LEU A CD1 1 
ATOM   1243 C  CD2 . LEU A 1 179 ? 8.149   -18.338 -5.379  1.00 20.39  ? 180 LEU A CD2 1 
ATOM   1244 N  N   . ASP A 1 180 ? 7.506   -18.242 -10.799 1.00 25.49  ? 181 ASP A N   1 
ATOM   1245 C  CA  . ASP A 1 180 ? 7.043   -18.679 -12.110 1.00 26.66  ? 181 ASP A CA  1 
ATOM   1246 C  C   . ASP A 1 180 ? 5.521   -18.757 -12.235 1.00 30.81  ? 181 ASP A C   1 
ATOM   1247 O  O   . ASP A 1 180 ? 4.966   -19.736 -12.747 1.00 33.16  ? 181 ASP A O   1 
ATOM   1248 C  CB  . ASP A 1 180 ? 7.686   -20.016 -12.489 1.00 30.33  ? 181 ASP A CB  1 
ATOM   1249 C  CG  . ASP A 1 180 ? 7.455   -20.386 -13.943 1.00 28.32  ? 181 ASP A CG  1 
ATOM   1250 O  OD1 . ASP A 1 180 ? 7.593   -19.509 -14.821 1.00 28.93  ? 181 ASP A OD1 1 
ATOM   1251 O  OD2 . ASP A 1 180 ? 7.142   -21.564 -14.204 1.00 29.55  ? 181 ASP A OD2 1 
ATOM   1252 N  N   . ILE A 1 181 ? 4.847   -17.731 -11.725 1.00 27.24  ? 182 ILE A N   1 
ATOM   1253 C  CA  . ILE A 1 181 ? 3.399   -17.649 -11.814 1.00 24.38  ? 182 ILE A CA  1 
ATOM   1254 C  C   . ILE A 1 181 ? 3.018   -16.294 -12.384 1.00 26.34  ? 182 ILE A C   1 
ATOM   1255 O  O   . ILE A 1 181 ? 3.830   -15.368 -12.416 1.00 27.51  ? 182 ILE A O   1 
ATOM   1256 C  CB  . ILE A 1 181 ? 2.694   -17.869 -10.458 1.00 26.02  ? 182 ILE A CB  1 
ATOM   1257 C  CG1 . ILE A 1 181 ? 3.291   -16.968 -9.380  1.00 24.79  ? 182 ILE A CG1 1 
ATOM   1258 C  CG2 . ILE A 1 181 ? 2.767   -19.333 -10.062 1.00 27.48  ? 182 ILE A CG2 1 
ATOM   1259 C  CD1 . ILE A 1 181 ? 2.651   -17.163 -8.026  1.00 25.93  ? 182 ILE A CD1 1 
ATOM   1260 N  N   . THR A 1 182 ? 1.794   -16.197 -12.878 1.00 31.41  ? 183 THR A N   1 
ATOM   1261 C  CA  . THR A 1 182 ? 1.313   -14.955 -13.457 1.00 35.27  ? 183 THR A CA  1 
ATOM   1262 C  C   . THR A 1 182 ? 0.983   -13.960 -12.340 1.00 36.70  ? 183 THR A C   1 
ATOM   1263 O  O   . THR A 1 182 ? 0.559   -14.349 -11.250 1.00 37.37  ? 183 THR A O   1 
ATOM   1264 C  CB  . THR A 1 182 ? 0.100   -15.225 -14.386 1.00 36.27  ? 183 THR A CB  1 
ATOM   1265 O  OG1 . THR A 1 182 ? 0.244   -14.461 -15.588 1.00 45.22  ? 183 THR A OG1 1 
ATOM   1266 C  CG2 . THR A 1 182 ? -1.211  -14.881 -13.715 1.00 33.03  ? 183 THR A CG2 1 
ATOM   1267 N  N   . GLU A 1 183 ? 1.199   -12.679 -12.608 1.00 37.98  ? 184 GLU A N   1 
ATOM   1268 C  CA  . GLU A 1 183 ? 0.934   -11.646 -11.619 1.00 36.86  ? 184 GLU A CA  1 
ATOM   1269 C  C   . GLU A 1 183 ? -0.519  -11.658 -11.138 1.00 35.63  ? 184 GLU A C   1 
ATOM   1270 O  O   . GLU A 1 183 ? -0.796  -11.359 -9.978  1.00 36.85  ? 184 GLU A O   1 
ATOM   1271 C  CB  . GLU A 1 183 ? 1.295   -10.276 -12.176 1.00 39.19  ? 184 GLU A CB  1 
ATOM   1272 C  CG  . GLU A 1 183 ? 1.368   -9.203  -11.114 1.00 48.79  ? 184 GLU A CG  1 
ATOM   1273 C  CD  . GLU A 1 183 ? 1.590   -7.818  -11.683 1.00 51.86  ? 184 GLU A CD  1 
ATOM   1274 O  OE1 . GLU A 1 183 ? 2.044   -7.709  -12.844 1.00 54.01  ? 184 GLU A OE1 1 
ATOM   1275 O  OE2 . GLU A 1 183 ? 1.314   -6.836  -10.958 1.00 55.07  ? 184 GLU A OE2 1 
ATOM   1276 N  N   . SER A 1 184 ? -1.436  -12.036 -12.023 1.00 33.17  ? 185 SER A N   1 
ATOM   1277 C  CA  . SER A 1 184 ? -2.852  -12.099 -11.683 1.00 30.98  ? 185 SER A CA  1 
ATOM   1278 C  C   . SER A 1 184 ? -3.116  -13.116 -10.585 1.00 32.29  ? 185 SER A C   1 
ATOM   1279 O  O   . SER A 1 184 ? -3.920  -12.860 -9.693  1.00 35.28  ? 185 SER A O   1 
ATOM   1280 C  CB  . SER A 1 184 ? -3.687  -12.447 -12.912 1.00 35.59  ? 185 SER A CB  1 
ATOM   1281 O  OG  . SER A 1 184 ? -3.513  -11.478 -13.931 1.00 44.72  ? 185 SER A OG  1 
ATOM   1282 N  N   . THR A 1 185 ? -2.439  -14.264 -10.647 1.00 33.46  ? 186 THR A N   1 
ATOM   1283 C  CA  . THR A 1 185 ? -2.620  -15.304 -9.633  1.00 32.59  ? 186 THR A CA  1 
ATOM   1284 C  C   . THR A 1 185 ? -1.939  -14.913 -8.320  1.00 31.34  ? 186 THR A C   1 
ATOM   1285 O  O   . THR A 1 185 ? -2.345  -15.365 -7.247  1.00 32.84  ? 186 THR A O   1 
ATOM   1286 C  CB  . THR A 1 185 ? -2.112  -16.685 -10.100 1.00 31.96  ? 186 THR A CB  1 
ATOM   1287 O  OG1 . THR A 1 185 ? -0.688  -16.668 -10.225 1.00 41.98  ? 186 THR A OG1 1 
ATOM   1288 C  CG2 . THR A 1 185 ? -2.720  -17.048 -11.432 1.00 34.34  ? 186 THR A CG2 1 
ATOM   1289 N  N   . VAL A 1 186 ? -0.900  -14.084 -8.410  1.00 27.67  ? 187 VAL A N   1 
ATOM   1290 C  CA  . VAL A 1 186 ? -0.193  -13.601 -7.223  1.00 25.50  ? 187 VAL A CA  1 
ATOM   1291 C  C   . VAL A 1 186 ? -1.173  -12.730 -6.444  1.00 25.21  ? 187 VAL A C   1 
ATOM   1292 O  O   . VAL A 1 186 ? -1.365  -12.923 -5.246  1.00 25.26  ? 187 VAL A O   1 
ATOM   1293 C  CB  . VAL A 1 186 ? 1.036   -12.734 -7.592  1.00 25.11  ? 187 VAL A CB  1 
ATOM   1294 C  CG1 . VAL A 1 186 ? 1.651   -12.121 -6.341  1.00 21.27  ? 187 VAL A CG1 1 
ATOM   1295 C  CG2 . VAL A 1 186 ? 2.065   -13.570 -8.324  1.00 26.36  ? 187 VAL A CG2 1 
ATOM   1296 N  N   . LYS A 1 187 ? -1.812  -11.801 -7.154  1.00 21.72  ? 188 LYS A N   1 
ATOM   1297 C  CA  . LYS A 1 187 ? -2.787  -10.897 -6.562  1.00 21.86  ? 188 LYS A CA  1 
ATOM   1298 C  C   . LYS A 1 187 ? -3.927  -11.671 -5.933  1.00 25.71  ? 188 LYS A C   1 
ATOM   1299 O  O   . LYS A 1 187 ? -4.383  -11.336 -4.841  1.00 31.23  ? 188 LYS A O   1 
ATOM   1300 C  CB  . LYS A 1 187 ? -3.349  -9.945  -7.614  1.00 18.23  ? 188 LYS A CB  1 
ATOM   1301 C  CG  . LYS A 1 187 ? -2.360  -8.919  -8.117  1.00 19.41  ? 188 LYS A CG  1 
ATOM   1302 C  CD  . LYS A 1 187 ? -3.066  -7.859  -8.934  1.00 23.82  ? 188 LYS A CD  1 
ATOM   1303 C  CE  . LYS A 1 187 ? -2.099  -6.795  -9.400  1.00 27.64  ? 188 LYS A CE  1 
ATOM   1304 N  NZ  . LYS A 1 187 ? -2.816  -5.612  -9.940  1.00 30.46  ? 188 LYS A NZ  1 
ATOM   1305 N  N   . VAL A 1 188 ? -4.379  -12.714 -6.624  1.00 28.64  ? 189 VAL A N   1 
ATOM   1306 C  CA  . VAL A 1 188 ? -5.466  -13.547 -6.129  1.00 29.31  ? 189 VAL A CA  1 
ATOM   1307 C  C   . VAL A 1 188 ? -5.042  -14.283 -4.867  1.00 30.28  ? 189 VAL A C   1 
ATOM   1308 O  O   . VAL A 1 188 ? -5.822  -14.419 -3.926  1.00 36.07  ? 189 VAL A O   1 
ATOM   1309 C  CB  . VAL A 1 188 ? -5.925  -14.570 -7.191  1.00 30.95  ? 189 VAL A CB  1 
ATOM   1310 C  CG1 . VAL A 1 188 ? -6.951  -15.527 -6.597  1.00 34.89  ? 189 VAL A CG1 1 
ATOM   1311 C  CG2 . VAL A 1 188 ? -6.525  -13.846 -8.385  1.00 30.47  ? 189 VAL A CG2 1 
ATOM   1312 N  N   . HIS A 1 189 ? -3.795  -14.742 -4.840  1.00 33.11  ? 190 HIS A N   1 
ATOM   1313 C  CA  . HIS A 1 189 ? -3.285  -15.453 -3.678  1.00 33.60  ? 190 HIS A CA  1 
ATOM   1314 C  C   . HIS A 1 189 ? -3.084  -14.516 -2.504  1.00 31.28  ? 190 HIS A C   1 
ATOM   1315 O  O   . HIS A 1 189 ? -3.435  -14.851 -1.378  1.00 27.59  ? 190 HIS A O   1 
ATOM   1316 C  CB  . HIS A 1 189 ? -1.970  -16.155 -4.004  1.00 40.87  ? 190 HIS A CB  1 
ATOM   1317 C  CG  . HIS A 1 189 ? -2.143  -17.458 -4.717  1.00 45.30  ? 190 HIS A CG  1 
ATOM   1318 N  ND1 . HIS A 1 189 ? -2.955  -18.465 -4.239  1.00 44.16  ? 190 HIS A ND1 1 
ATOM   1319 C  CD2 . HIS A 1 189 ? -1.611  -17.919 -5.874  1.00 45.61  ? 190 HIS A CD2 1 
ATOM   1320 C  CE1 . HIS A 1 189 ? -2.918  -19.489 -5.071  1.00 46.11  ? 190 HIS A CE1 1 
ATOM   1321 N  NE2 . HIS A 1 189 ? -2.111  -19.183 -6.071  1.00 48.57  ? 190 HIS A NE2 1 
ATOM   1322 N  N   . VAL A 1 190 ? -2.559  -13.327 -2.786  1.00 27.30  ? 191 VAL A N   1 
ATOM   1323 C  CA  . VAL A 1 190 ? -2.302  -12.336 -1.754  1.00 28.35  ? 191 VAL A CA  1 
ATOM   1324 C  C   . VAL A 1 190 ? -3.575  -11.882 -1.053  1.00 31.69  ? 191 VAL A C   1 
ATOM   1325 O  O   . VAL A 1 190 ? -3.639  -11.880 0.173   1.00 31.99  ? 191 VAL A O   1 
ATOM   1326 C  CB  . VAL A 1 190 ? -1.572  -11.105 -2.323  1.00 28.65  ? 191 VAL A CB  1 
ATOM   1327 C  CG1 . VAL A 1 190 ? -1.393  -10.039 -1.244  1.00 29.37  ? 191 VAL A CG1 1 
ATOM   1328 C  CG2 . VAL A 1 190 ? -0.223  -11.516 -2.866  1.00 31.74  ? 191 VAL A CG2 1 
ATOM   1329 N  N   . LYS A 1 191 ? -4.595  -11.526 -1.825  1.00 35.31  ? 192 LYS A N   1 
ATOM   1330 C  CA  . LYS A 1 191 ? -5.842  -11.058 -1.230  1.00 40.60  ? 192 LYS A CA  1 
ATOM   1331 C  C   . LYS A 1 191 ? -6.606  -12.151 -0.499  1.00 44.57  ? 192 LYS A C   1 
ATOM   1332 O  O   . LYS A 1 191 ? -7.350  -11.868 0.440   1.00 50.85  ? 192 LYS A O   1 
ATOM   1333 C  CB  . LYS A 1 191 ? -6.738  -10.398 -2.280  1.00 35.91  ? 192 LYS A CB  1 
ATOM   1334 C  CG  . LYS A 1 191 ? -7.189  -11.318 -3.388  1.00 36.82  ? 192 LYS A CG  1 
ATOM   1335 C  CD  . LYS A 1 191 ? -8.156  -10.620 -4.321  1.00 38.31  ? 192 LYS A CD  1 
ATOM   1336 C  CE  . LYS A 1 191 ? -7.544  -9.380  -4.925  1.00 37.33  ? 192 LYS A CE  1 
ATOM   1337 N  NZ  . LYS A 1 191 ? -8.451  -8.794  -5.940  1.00 39.65  ? 192 LYS A NZ  1 
ATOM   1338 N  N   . HIS A 1 192 ? -6.405  -13.397 -0.915  1.00 49.16  ? 193 HIS A N   1 
ATOM   1339 C  CA  . HIS A 1 192 ? -7.089  -14.522 -0.296  1.00 52.58  ? 193 HIS A CA  1 
ATOM   1340 C  C   . HIS A 1 192 ? -6.481  -14.938 1.044   1.00 50.07  ? 193 HIS A C   1 
ATOM   1341 O  O   . HIS A 1 192 ? -7.203  -15.151 2.015   1.00 50.28  ? 193 HIS A O   1 
ATOM   1342 C  CB  . HIS A 1 192 ? -7.128  -15.715 -1.252  1.00 61.96  ? 193 HIS A CB  1 
ATOM   1343 C  CG  . HIS A 1 192 ? -7.779  -16.926 -0.666  1.00 71.05  ? 193 HIS A CG  1 
ATOM   1344 N  ND1 . HIS A 1 192 ? -7.085  -18.084 -0.392  1.00 76.05  ? 193 HIS A ND1 1 
ATOM   1345 C  CD2 . HIS A 1 192 ? -9.052  -17.145 -0.260  1.00 74.99  ? 193 HIS A CD2 1 
ATOM   1346 C  CE1 . HIS A 1 192 ? -7.900  -18.964 0.161   1.00 79.14  ? 193 HIS A CE1 1 
ATOM   1347 N  NE2 . HIS A 1 192 ? -9.099  -18.418 0.253   1.00 79.13  ? 193 HIS A NE2 1 
ATOM   1348 N  N   . MET A 1 193 ? -5.160  -15.071 1.090   1.00 46.66  ? 194 MET A N   1 
ATOM   1349 C  CA  . MET A 1 193 ? -4.477  -15.459 2.319   1.00 45.53  ? 194 MET A CA  1 
ATOM   1350 C  C   . MET A 1 193 ? -4.424  -14.312 3.323   1.00 43.11  ? 194 MET A C   1 
ATOM   1351 O  O   . MET A 1 193 ? -4.263  -14.535 4.521   1.00 38.77  ? 194 MET A O   1 
ATOM   1352 C  CB  . MET A 1 193 ? -3.061  -15.945 2.021   1.00 49.81  ? 194 MET A CB  1 
ATOM   1353 C  CG  . MET A 1 193 ? -2.203  -14.933 1.297   1.00 53.78  ? 194 MET A CG  1 
ATOM   1354 S  SD  . MET A 1 193 ? -0.463  -15.361 1.309   1.00 61.01  ? 194 MET A SD  1 
ATOM   1355 C  CE  . MET A 1 193 ? 0.078   -14.333 2.682   1.00 57.64  ? 194 MET A CE  1 
ATOM   1356 N  N   . LEU A 1 194 ? -4.542  -13.085 2.820   1.00 44.19  ? 195 LEU A N   1 
ATOM   1357 C  CA  . LEU A 1 194 ? -4.518  -11.892 3.660   1.00 45.29  ? 195 LEU A CA  1 
ATOM   1358 C  C   . LEU A 1 194 ? -5.840  -11.830 4.416   1.00 49.83  ? 195 LEU A C   1 
ATOM   1359 O  O   . LEU A 1 194 ? -5.865  -11.786 5.647   1.00 50.06  ? 195 LEU A O   1 
ATOM   1360 C  CB  . LEU A 1 194 ? -4.354  -10.642 2.793   1.00 39.81  ? 195 LEU A CB  1 
ATOM   1361 C  CG  . LEU A 1 194 ? -3.471  -9.509  3.313   1.00 37.30  ? 195 LEU A CG  1 
ATOM   1362 C  CD1 . LEU A 1 194 ? -2.076  -10.032 3.590   1.00 37.51  ? 195 LEU A CD1 1 
ATOM   1363 C  CD2 . LEU A 1 194 ? -3.417  -8.390  2.284   1.00 36.30  ? 195 LEU A CD2 1 
ATOM   1364 N  N   . LYS A 1 195 ? -6.937  -11.880 3.667   1.00 56.90  ? 196 LYS A N   1 
ATOM   1365 C  CA  . LYS A 1 195 ? -8.269  -11.838 4.257   1.00 65.07  ? 196 LYS A CA  1 
ATOM   1366 C  C   . LYS A 1 195 ? -8.512  -13.108 5.067   1.00 63.96  ? 196 LYS A C   1 
ATOM   1367 O  O   . LYS A 1 195 ? -9.340  -13.131 5.975   1.00 64.85  ? 196 LYS A O   1 
ATOM   1368 C  CB  . LYS A 1 195 ? -9.331  -11.685 3.161   1.00 72.40  ? 196 LYS A CB  1 
ATOM   1369 C  CG  . LYS A 1 195 ? -10.682 -11.178 3.660   1.00 80.73  ? 196 LYS A CG  1 
ATOM   1370 C  CD  . LYS A 1 195 ? -10.541 -9.870  4.452   1.00 85.84  ? 196 LYS A CD  1 
ATOM   1371 C  CE  . LYS A 1 195 ? -10.027 -8.709  3.597   1.00 87.83  ? 196 LYS A CE  1 
ATOM   1372 N  NZ  . LYS A 1 195 ? -11.064 -8.151  2.686   1.00 89.67  ? 196 LYS A NZ  1 
ATOM   1373 N  N   . LYS A 1 196 ? -7.757  -14.152 4.746   1.00 65.83  ? 197 LYS A N   1 
ATOM   1374 C  CA  . LYS A 1 196 ? -7.867  -15.425 5.437   1.00 68.44  ? 197 LYS A CA  1 
ATOM   1375 C  C   . LYS A 1 196 ? -7.216  -15.374 6.819   1.00 68.86  ? 197 LYS A C   1 
ATOM   1376 O  O   . LYS A 1 196 ? -7.862  -15.673 7.820   1.00 74.98  ? 197 LYS A O   1 
ATOM   1377 C  CB  . LYS A 1 196 ? -7.232  -16.537 4.600   1.00 71.13  ? 197 LYS A CB  1 
ATOM   1378 C  CG  . LYS A 1 196 ? -7.360  -17.928 5.199   1.00 74.23  ? 197 LYS A CG  1 
ATOM   1379 C  CD  . LYS A 1 196 ? -6.789  -18.991 4.275   1.00 74.64  ? 197 LYS A CD  1 
ATOM   1380 C  CE  . LYS A 1 196 ? -5.293  -18.820 4.076   1.00 74.40  ? 197 LYS A CE  1 
ATOM   1381 N  NZ  . LYS A 1 196 ? -4.741  -19.936 3.269   1.00 74.25  ? 197 LYS A NZ  1 
ATOM   1382 N  N   . MET A 1 197 ? -5.955  -14.955 6.877   1.00 66.76  ? 198 MET A N   1 
ATOM   1383 C  CA  . MET A 1 197 ? -5.234  -14.895 8.144   1.00 64.86  ? 198 MET A CA  1 
ATOM   1384 C  C   . MET A 1 197 ? -5.490  -13.672 9.018   1.00 61.83  ? 198 MET A C   1 
ATOM   1385 O  O   . MET A 1 197 ? -4.691  -13.362 9.903   1.00 60.54  ? 198 MET A O   1 
ATOM   1386 C  CB  . MET A 1 197 ? -3.735  -15.057 7.915   1.00 70.34  ? 198 MET A CB  1 
ATOM   1387 C  CG  . MET A 1 197 ? -3.337  -16.436 7.440   1.00 76.99  ? 198 MET A CG  1 
ATOM   1388 S  SD  . MET A 1 197 ? -1.559  -16.606 7.390   1.00 86.39  ? 198 MET A SD  1 
ATOM   1389 C  CE  . MET A 1 197 ? -1.172  -15.545 5.990   1.00 89.98  ? 198 MET A CE  1 
ATOM   1390 N  N   . LYS A 1 198 ? -6.608  -12.993 8.782   1.00 58.87  ? 199 LYS A N   1 
ATOM   1391 C  CA  . LYS A 1 198 ? -6.972  -11.818 9.567   1.00 59.63  ? 199 LYS A CA  1 
ATOM   1392 C  C   . LYS A 1 198 ? -5.896  -10.735 9.582   1.00 56.38  ? 199 LYS A C   1 
ATOM   1393 O  O   . LYS A 1 198 ? -5.632  -10.119 10.614  1.00 60.57  ? 199 LYS A O   1 
ATOM   1394 C  CB  . LYS A 1 198 ? -7.335  -12.229 11.002  1.00 63.61  ? 199 LYS A CB  1 
ATOM   1395 C  CG  . LYS A 1 198 ? -8.837  -12.311 11.305  1.00 69.10  ? 199 LYS A CG  1 
ATOM   1396 C  CD  . LYS A 1 198 ? -9.568  -13.351 10.464  1.00 74.33  ? 199 LYS A CD  1 
ATOM   1397 C  CE  . LYS A 1 198 ? -10.139 -12.753 9.182   1.00 77.18  ? 199 LYS A CE  1 
ATOM   1398 N  NZ  . LYS A 1 198 ? -10.649 -13.813 8.268   1.00 80.21  ? 199 LYS A NZ  1 
ATOM   1399 N  N   . LEU A 1 199 ? -5.260  -10.527 8.437   1.00 52.44  ? 200 LEU A N   1 
ATOM   1400 C  CA  . LEU A 1 199 ? -4.229  -9.505  8.302   1.00 47.94  ? 200 LEU A CA  1 
ATOM   1401 C  C   . LEU A 1 199 ? -4.821  -8.418  7.412   1.00 46.96  ? 200 LEU A C   1 
ATOM   1402 O  O   . LEU A 1 199 ? -5.467  -8.721  6.405   1.00 46.57  ? 200 LEU A O   1 
ATOM   1403 C  CB  . LEU A 1 199 ? -2.966  -10.102 7.674   1.00 47.12  ? 200 LEU A CB  1 
ATOM   1404 C  CG  . LEU A 1 199 ? -2.242  -11.173 8.503   1.00 45.99  ? 200 LEU A CG  1 
ATOM   1405 C  CD1 . LEU A 1 199 ? -1.249  -11.932 7.639   1.00 45.96  ? 200 LEU A CD1 1 
ATOM   1406 C  CD2 . LEU A 1 199 ? -1.547  -10.534 9.698   1.00 44.82  ? 200 LEU A CD2 1 
ATOM   1407 N  N   . LYS A 1 200 ? -4.643  -7.158  7.795   1.00 44.22  ? 201 LYS A N   1 
ATOM   1408 C  CA  . LYS A 1 200 ? -5.204  -6.069  7.009   1.00 43.20  ? 201 LYS A CA  1 
ATOM   1409 C  C   . LYS A 1 200 ? -4.284  -5.426  5.982   1.00 37.54  ? 201 LYS A C   1 
ATOM   1410 O  O   . LYS A 1 200 ? -4.761  -4.823  5.024   1.00 35.09  ? 201 LYS A O   1 
ATOM   1411 C  CB  . LYS A 1 200 ? -5.840  -5.014  7.916   1.00 45.41  ? 201 LYS A CB  1 
ATOM   1412 C  CG  . LYS A 1 200 ? -4.894  -4.239  8.810   1.00 49.31  ? 201 LYS A CG  1 
ATOM   1413 C  CD  . LYS A 1 200 ? -5.689  -3.548  9.918   1.00 54.65  ? 201 LYS A CD  1 
ATOM   1414 C  CE  . LYS A 1 200 ? -6.971  -2.930  9.361   1.00 59.38  ? 201 LYS A CE  1 
ATOM   1415 N  NZ  . LYS A 1 200 ? -7.993  -2.563  10.381  1.00 61.98  ? 201 LYS A NZ  1 
ATOM   1416 N  N   . SER A 1 201 ? -2.978  -5.600  6.145   1.00 32.38  ? 202 SER A N   1 
ATOM   1417 C  CA  . SER A 1 201 ? -2.024  -5.026  5.205   1.00 28.22  ? 202 SER A CA  1 
ATOM   1418 C  C   . SER A 1 201 ? -0.805  -5.925  5.037   1.00 30.79  ? 202 SER A C   1 
ATOM   1419 O  O   . SER A 1 201 ? -0.619  -6.885  5.789   1.00 36.56  ? 202 SER A O   1 
ATOM   1420 C  CB  . SER A 1 201 ? -1.581  -3.651  5.690   1.00 25.01  ? 202 SER A CB  1 
ATOM   1421 O  OG  . SER A 1 201 ? -0.878  -3.761  6.911   1.00 27.47  ? 202 SER A OG  1 
ATOM   1422 N  N   . ARG A 1 202 ? 0.027   -5.599  4.053   1.00 30.33  ? 203 ARG A N   1 
ATOM   1423 C  CA  . ARG A 1 202 ? 1.241   -6.357  3.763   1.00 25.51  ? 203 ARG A CA  1 
ATOM   1424 C  C   . ARG A 1 202 ? 2.338   -6.121  4.790   1.00 26.54  ? 203 ARG A C   1 
ATOM   1425 O  O   . ARG A 1 202 ? 3.133   -7.021  5.053   1.00 29.95  ? 203 ARG A O   1 
ATOM   1426 C  CB  . ARG A 1 202 ? 1.775   -6.000  2.384   1.00 25.38  ? 203 ARG A CB  1 
ATOM   1427 C  CG  . ARG A 1 202 ? 0.957   -6.516  1.231   1.00 24.15  ? 203 ARG A CG  1 
ATOM   1428 C  CD  . ARG A 1 202 ? 1.415   -5.838  -0.040  1.00 26.51  ? 203 ARG A CD  1 
ATOM   1429 N  NE  . ARG A 1 202 ? 1.147   -6.666  -1.200  1.00 34.07  ? 203 ARG A NE  1 
ATOM   1430 C  CZ  . ARG A 1 202 ? 2.083   -7.307  -1.888  1.00 34.27  ? 203 ARG A CZ  1 
ATOM   1431 N  NH1 . ARG A 1 202 ? 3.361   -7.204  -1.545  1.00 31.49  ? 203 ARG A NH1 1 
ATOM   1432 N  NH2 . ARG A 1 202 ? 1.730   -8.099  -2.886  1.00 42.90  ? 203 ARG A NH2 1 
ATOM   1433 N  N   . VAL A 1 203 ? 2.427   -4.901  5.319   1.00 26.57  ? 204 VAL A N   1 
ATOM   1434 C  CA  . VAL A 1 203 ? 3.440   -4.601  6.331   1.00 29.84  ? 204 VAL A CA  1 
ATOM   1435 C  C   . VAL A 1 203 ? 3.091   -5.344  7.609   1.00 30.67  ? 204 VAL A C   1 
ATOM   1436 O  O   . VAL A 1 203 ? 3.971   -5.746  8.361   1.00 35.77  ? 204 VAL A O   1 
ATOM   1437 C  CB  . VAL A 1 203 ? 3.568   -3.084  6.644   1.00 28.55  ? 204 VAL A CB  1 
ATOM   1438 C  CG1 . VAL A 1 203 ? 4.249   -2.361  5.483   1.00 30.90  ? 204 VAL A CG1 1 
ATOM   1439 C  CG2 . VAL A 1 203 ? 2.202   -2.478  6.958   1.00 25.17  ? 204 VAL A CG2 1 
ATOM   1440 N  N   . GLU A 1 204 ? 1.796   -5.542  7.831   1.00 33.93  ? 205 GLU A N   1 
ATOM   1441 C  CA  . GLU A 1 204 ? 1.316   -6.251  9.006   1.00 38.77  ? 205 GLU A CA  1 
ATOM   1442 C  C   . GLU A 1 204 ? 1.625   -7.739  8.851   1.00 40.88  ? 205 GLU A C   1 
ATOM   1443 O  O   . GLU A 1 204 ? 1.962   -8.415  9.823   1.00 42.56  ? 205 GLU A O   1 
ATOM   1444 C  CB  . GLU A 1 204 ? -0.185  -6.034  9.164   1.00 40.24  ? 205 GLU A CB  1 
ATOM   1445 C  CG  . GLU A 1 204 ? -0.715  -6.375  10.532  1.00 45.89  ? 205 GLU A CG  1 
ATOM   1446 C  CD  . GLU A 1 204 ? -2.158  -5.963  10.697  1.00 51.14  ? 205 GLU A CD  1 
ATOM   1447 O  OE1 . GLU A 1 204 ? -3.042  -6.710  10.234  1.00 55.79  ? 205 GLU A OE1 1 
ATOM   1448 O  OE2 . GLU A 1 204 ? -2.407  -4.885  11.278  1.00 54.95  ? 205 GLU A OE2 1 
ATOM   1449 N  N   . ALA A 1 205 ? 1.517   -8.234  7.619   1.00 40.34  ? 206 ALA A N   1 
ATOM   1450 C  CA  . ALA A 1 205 ? 1.807   -9.634  7.322   1.00 38.57  ? 206 ALA A CA  1 
ATOM   1451 C  C   . ALA A 1 205 ? 3.296   -9.873  7.538   1.00 37.51  ? 206 ALA A C   1 
ATOM   1452 O  O   . ALA A 1 205 ? 3.691   -10.879 8.123   1.00 40.34  ? 206 ALA A O   1 
ATOM   1453 C  CB  . ALA A 1 205 ? 1.423   -9.966  5.882   1.00 33.64  ? 206 ALA A CB  1 
ATOM   1454 N  N   . ALA A 1 206 ? 4.111   -8.921  7.095   1.00 34.65  ? 207 ALA A N   1 
ATOM   1455 C  CA  . ALA A 1 206 ? 5.559   -9.013  7.232   1.00 38.25  ? 207 ALA A CA  1 
ATOM   1456 C  C   . ALA A 1 206 ? 5.979   -8.973  8.697   1.00 41.72  ? 207 ALA A C   1 
ATOM   1457 O  O   . ALA A 1 206 ? 6.838   -9.746  9.125   1.00 43.05  ? 207 ALA A O   1 
ATOM   1458 C  CB  . ALA A 1 206 ? 6.232   -7.889  6.462   1.00 33.16  ? 207 ALA A CB  1 
ATOM   1459 N  N   . VAL A 1 207 ? 5.370   -8.067  9.457   1.00 45.47  ? 208 VAL A N   1 
ATOM   1460 C  CA  . VAL A 1 207 ? 5.667   -7.918  10.878  1.00 48.01  ? 208 VAL A CA  1 
ATOM   1461 C  C   . VAL A 1 207 ? 5.260   -9.173  11.644  1.00 50.50  ? 208 VAL A C   1 
ATOM   1462 O  O   . VAL A 1 207 ? 5.998   -9.642  12.507  1.00 52.69  ? 208 VAL A O   1 
ATOM   1463 C  CB  . VAL A 1 207 ? 4.970   -6.666  11.475  1.00 47.70  ? 208 VAL A CB  1 
ATOM   1464 C  CG1 . VAL A 1 207 ? 5.021   -6.694  12.994  1.00 51.09  ? 208 VAL A CG1 1 
ATOM   1465 C  CG2 . VAL A 1 207 ? 5.650   -5.404  10.971  1.00 44.92  ? 208 VAL A CG2 1 
ATOM   1466 N  N   . TRP A 1 208 ? 4.098   -9.722  11.305  1.00 52.05  ? 209 TRP A N   1 
ATOM   1467 C  CA  . TRP A 1 208 ? 3.598   -10.930 11.950  1.00 53.21  ? 209 TRP A CA  1 
ATOM   1468 C  C   . TRP A 1 208 ? 4.580   -12.081 11.786  1.00 55.07  ? 209 TRP A C   1 
ATOM   1469 O  O   . TRP A 1 208 ? 4.982   -12.707 12.763  1.00 57.26  ? 209 TRP A O   1 
ATOM   1470 C  CB  . TRP A 1 208 ? 2.249   -11.328 11.359  1.00 51.84  ? 209 TRP A CB  1 
ATOM   1471 C  CG  . TRP A 1 208 ? 1.867   -12.736 11.669  1.00 55.66  ? 209 TRP A CG  1 
ATOM   1472 C  CD1 . TRP A 1 208 ? 1.767   -13.305 12.906  1.00 57.28  ? 209 TRP A CD1 1 
ATOM   1473 C  CD2 . TRP A 1 208 ? 1.543   -13.764 10.726  1.00 57.62  ? 209 TRP A CD2 1 
ATOM   1474 N  NE1 . TRP A 1 208 ? 1.400   -14.624 12.791  1.00 60.30  ? 209 TRP A NE1 1 
ATOM   1475 C  CE2 . TRP A 1 208 ? 1.254   -14.933 11.464  1.00 59.00  ? 209 TRP A CE2 1 
ATOM   1476 C  CE3 . TRP A 1 208 ? 1.468   -13.811 9.328   1.00 58.75  ? 209 TRP A CE3 1 
ATOM   1477 C  CZ2 . TRP A 1 208 ? 0.892   -16.138 10.852  1.00 58.17  ? 209 TRP A CZ2 1 
ATOM   1478 C  CZ3 . TRP A 1 208 ? 1.109   -15.009 8.719   1.00 57.48  ? 209 TRP A CZ3 1 
ATOM   1479 C  CH2 . TRP A 1 208 ? 0.825   -16.155 9.483   1.00 57.58  ? 209 TRP A CH2 1 
ATOM   1480 N  N   . VAL A 1 209 ? 4.945   -12.357 10.538  1.00 58.71  ? 210 VAL A N   1 
ATOM   1481 C  CA  . VAL A 1 209 ? 5.873   -13.431 10.216  1.00 62.03  ? 210 VAL A CA  1 
ATOM   1482 C  C   . VAL A 1 209 ? 7.159   -13.333 11.026  1.00 64.31  ? 210 VAL A C   1 
ATOM   1483 O  O   . VAL A 1 209 ? 7.580   -14.308 11.643  1.00 67.50  ? 210 VAL A O   1 
ATOM   1484 C  CB  . VAL A 1 209 ? 6.206   -13.439 8.703   1.00 62.21  ? 210 VAL A CB  1 
ATOM   1485 C  CG1 . VAL A 1 209 ? 7.380   -14.359 8.414   1.00 63.43  ? 210 VAL A CG1 1 
ATOM   1486 C  CG2 . VAL A 1 209 ? 4.989   -13.887 7.909   1.00 61.30  ? 210 VAL A CG2 1 
ATOM   1487 N  N   . HIS A 1 210 ? 7.760   -12.149 11.043  1.00 69.15  ? 211 HIS A N   1 
ATOM   1488 C  CA  . HIS A 1 210 ? 9.000   -11.935 11.781  1.00 75.65  ? 211 HIS A CA  1 
ATOM   1489 C  C   . HIS A 1 210 ? 8.805   -12.034 13.291  1.00 80.12  ? 211 HIS A C   1 
ATOM   1490 O  O   . HIS A 1 210 ? 9.699   -12.484 14.008  1.00 80.99  ? 211 HIS A O   1 
ATOM   1491 C  CB  . HIS A 1 210 ? 9.611   -10.583 11.410  1.00 75.09  ? 211 HIS A CB  1 
ATOM   1492 C  CG  . HIS A 1 210 ? 10.031  -10.486 9.975   1.00 78.01  ? 211 HIS A CG  1 
ATOM   1493 N  ND1 . HIS A 1 210 ? 9.493   -9.564  9.102   1.00 78.21  ? 211 HIS A ND1 1 
ATOM   1494 C  CD2 . HIS A 1 210 ? 10.931  -11.201 9.259   1.00 77.52  ? 211 HIS A CD2 1 
ATOM   1495 C  CE1 . HIS A 1 210 ? 10.044  -9.713  7.911   1.00 77.43  ? 211 HIS A CE1 1 
ATOM   1496 N  NE2 . HIS A 1 210 ? 10.920  -10.699 7.980   1.00 77.32  ? 211 HIS A NE2 1 
ATOM   1497 N  N   . GLN A 1 211 ? 7.624   -11.640 13.762  1.00 86.02  ? 212 GLN A N   1 
ATOM   1498 C  CA  . GLN A 1 211 ? 7.296   -11.682 15.186  1.00 90.44  ? 212 GLN A CA  1 
ATOM   1499 C  C   . GLN A 1 211 ? 7.313   -13.116 15.696  1.00 92.66  ? 212 GLN A C   1 
ATOM   1500 O  O   . GLN A 1 211 ? 7.886   -13.406 16.749  1.00 95.24  ? 212 GLN A O   1 
ATOM   1501 C  CB  . GLN A 1 211 ? 5.910   -11.074 15.428  1.00 92.19  ? 212 GLN A CB  1 
ATOM   1502 C  CG  . GLN A 1 211 ? 5.435   -11.137 16.872  1.00 92.99  ? 212 GLN A CG  1 
ATOM   1503 C  CD  . GLN A 1 211 ? 3.966   -10.792 17.015  1.00 94.38  ? 212 GLN A CD  1 
ATOM   1504 O  OE1 . GLN A 1 211 ? 3.607   -9.636  17.246  1.00 94.70  ? 212 GLN A OE1 1 
ATOM   1505 N  NE2 . GLN A 1 211 ? 3.106   -11.795 16.874  1.00 94.62  ? 212 GLN A NE2 1 
ATOM   1506 N  N   . GLU A 1 212 ? 6.679   -14.007 14.942  1.00 95.31  ? 213 GLU A N   1 
ATOM   1507 C  CA  . GLU A 1 212 ? 6.614   -15.413 15.310  1.00 99.26  ? 213 GLU A CA  1 
ATOM   1508 C  C   . GLU A 1 212 ? 7.723   -16.248 14.676  1.00 99.98  ? 213 GLU A C   1 
ATOM   1509 O  O   . GLU A 1 212 ? 7.805   -17.454 14.908  1.00 101.60 ? 213 GLU A O   1 
ATOM   1510 C  CB  . GLU A 1 212 ? 5.244   -15.986 14.949  1.00 102.17 ? 213 GLU A CB  1 
ATOM   1511 C  CG  . GLU A 1 212 ? 4.096   -15.320 15.694  1.00 107.99 ? 213 GLU A CG  1 
ATOM   1512 C  CD  . GLU A 1 212 ? 2.741   -15.940 15.394  1.00 112.62 ? 213 GLU A CD  1 
ATOM   1513 O  OE1 . GLU A 1 212 ? 2.679   -16.973 14.689  1.00 114.53 ? 213 GLU A OE1 1 
ATOM   1514 O  OE2 . GLU A 1 212 ? 1.727   -15.383 15.871  1.00 115.20 ? 213 GLU A OE2 1 
ATOM   1515 N  N   . ARG A 1 213 ? 8.580   -15.595 13.893  1.00 100.94 ? 214 ARG A N   1 
ATOM   1516 C  CA  . ARG A 1 213 ? 9.702   -16.254 13.220  1.00 102.08 ? 214 ARG A CA  1 
ATOM   1517 C  C   . ARG A 1 213 ? 9.291   -17.547 12.514  1.00 101.50 ? 214 ARG A C   1 
ATOM   1518 O  O   . ARG A 1 213 ? 9.891   -18.605 12.716  1.00 102.70 ? 214 ARG A O   1 
ATOM   1519 C  CB  . ARG A 1 213 ? 10.836  -16.513 14.216  1.00 103.32 ? 214 ARG A CB  1 
ATOM   1520 C  CG  . ARG A 1 213 ? 11.561  -15.248 14.657  1.00 106.35 ? 214 ARG A CG  1 
ATOM   1521 C  CD  . ARG A 1 213 ? 12.019  -15.345 16.103  1.00 109.56 ? 214 ARG A CD  1 
ATOM   1522 N  NE  . ARG A 1 213 ? 10.882  -15.385 17.020  1.00 113.41 ? 214 ARG A NE  1 
ATOM   1523 C  CZ  . ARG A 1 213 ? 10.936  -15.836 18.271  1.00 114.92 ? 214 ARG A CZ  1 
ATOM   1524 N  NH1 . ARG A 1 213 ? 12.079  -16.293 18.773  1.00 116.31 ? 214 ARG A NH1 1 
ATOM   1525 N  NH2 . ARG A 1 213 ? 9.841   -15.836 19.023  1.00 115.33 ? 214 ARG A NH2 1 
ATOM   1526 N  N   . ILE A 1 214 ? 8.263   -17.438 11.677  1.00 99.88  ? 215 ILE A N   1 
ATOM   1527 C  CA  . ILE A 1 214 ? 7.733   -18.569 10.919  1.00 99.61  ? 215 ILE A CA  1 
ATOM   1528 C  C   . ILE A 1 214 ? 8.758   -19.096 9.911   1.00 98.82  ? 215 ILE A C   1 
ATOM   1529 O  O   . ILE A 1 214 ? 8.696   -20.253 9.483   1.00 98.11  ? 215 ILE A O   1 
ATOM   1530 C  CB  . ILE A 1 214 ? 6.437   -18.162 10.176  1.00 100.40 ? 215 ILE A CB  1 
ATOM   1531 C  CG1 . ILE A 1 214 ? 5.453   -17.525 11.162  1.00 100.37 ? 215 ILE A CG1 1 
ATOM   1532 C  CG2 . ILE A 1 214 ? 5.793   -19.375 9.511   1.00 101.76 ? 215 ILE A CG2 1 
ATOM   1533 C  CD1 . ILE A 1 214 ? 4.224   -16.948 10.509  1.00 100.39 ? 215 ILE A CD1 1 
ATOM   1534 N  N   . PHE A 1 215 ? 9.700   -18.236 9.537   1.00 98.70  ? 216 PHE A N   1 
ATOM   1535 C  CA  . PHE A 1 215 ? 10.748  -18.593 8.589   1.00 98.53  ? 216 PHE A CA  1 
ATOM   1536 C  C   . PHE A 1 215 ? 12.102  -18.171 9.148   1.00 100.60 ? 216 PHE A C   1 
ATOM   1537 O  O   . PHE A 1 215 ? 12.247  -17.065 9.673   1.00 102.81 ? 216 PHE A O   1 
ATOM   1538 C  CB  . PHE A 1 215 ? 10.510  -17.901 7.243   1.00 95.60  ? 216 PHE A CB  1 
ATOM   1539 C  CG  . PHE A 1 215 ? 9.179   -18.215 6.630   1.00 91.59  ? 216 PHE A CG  1 
ATOM   1540 C  CD1 . PHE A 1 215 ? 9.025   -19.317 5.802   1.00 90.71  ? 216 PHE A CD1 1 
ATOM   1541 C  CD2 . PHE A 1 215 ? 8.075   -17.410 6.888   1.00 90.82  ? 216 PHE A CD2 1 
ATOM   1542 C  CE1 . PHE A 1 215 ? 7.790   -19.611 5.240   1.00 90.69  ? 216 PHE A CE1 1 
ATOM   1543 C  CE2 . PHE A 1 215 ? 6.837   -17.697 6.334   1.00 88.95  ? 216 PHE A CE2 1 
ATOM   1544 C  CZ  . PHE A 1 215 ? 6.694   -18.798 5.509   1.00 89.68  ? 216 PHE A CZ  1 
HETATM 1545 PT PT  . PT  B 2 .   ? 12.493  13.702  -12.413 0.18 25.26  ? 301 PT  A PT  1 
HETATM 1546 PT PT  . PT  C 2 .   ? 12.769  13.459  -14.333 0.18 42.12  ? 302 PT  A PT  1 
HETATM 1547 PT PT  . PT  D 2 .   ? 9.889   15.513  -13.007 0.12 52.07  ? 303 PT  A PT  1 
HETATM 1548 PT PT  . PT  E 2 .   ? 12.486  -5.007  -7.434  0.10 35.04  ? 304 PT  A PT  1 
HETATM 1549 PT PT  . PT  F 2 .   ? 12.675  -7.400  -8.278  0.10 53.19  ? 305 PT  A PT  1 
HETATM 1550 PT PT  . PT  G 2 .   ? 11.693  -5.464  -9.470  0.11 33.22  ? 306 PT  A PT  1 
HETATM 1551 C  C1  . GOL H 3 .   ? -5.836  16.803  11.502  1.00 85.52  ? 307 GOL A C1  1 
HETATM 1552 O  O1  . GOL H 3 .   ? -6.917  15.920  11.739  1.00 83.18  ? 307 GOL A O1  1 
HETATM 1553 C  C2  . GOL H 3 .   ? -6.295  18.048  10.748  1.00 88.59  ? 307 GOL A C2  1 
HETATM 1554 O  O2  . GOL H 3 .   ? -7.262  18.739  11.544  1.00 93.10  ? 307 GOL A O2  1 
HETATM 1555 C  C3  . GOL H 3 .   ? -5.127  18.986  10.410  1.00 88.92  ? 307 GOL A C3  1 
HETATM 1556 O  O3  . GOL H 3 .   ? -4.313  19.255  11.538  1.00 89.40  ? 307 GOL A O3  1 
HETATM 1557 C  C1  . GOL I 3 .   ? -5.328  7.521   -15.817 1.00 76.81  ? 308 GOL A C1  1 
HETATM 1558 O  O1  . GOL I 3 .   ? -4.946  6.476   -16.694 1.00 80.58  ? 308 GOL A O1  1 
HETATM 1559 C  C2  . GOL I 3 .   ? -4.705  8.857   -16.227 1.00 76.30  ? 308 GOL A C2  1 
HETATM 1560 O  O2  . GOL I 3 .   ? -5.190  9.867   -15.340 1.00 76.39  ? 308 GOL A O2  1 
HETATM 1561 C  C3  . GOL I 3 .   ? -3.177  8.821   -16.143 1.00 74.37  ? 308 GOL A C3  1 
HETATM 1562 O  O3  . GOL I 3 .   ? -2.629  10.121  -16.286 1.00 70.75  ? 308 GOL A O3  1 
HETATM 1563 C  C1  . GOL J 3 .   ? 1.342   10.233  -15.113 1.00 76.97  ? 309 GOL A C1  1 
HETATM 1564 O  O1  . GOL J 3 .   ? 0.271   11.050  -14.679 1.00 76.98  ? 309 GOL A O1  1 
HETATM 1565 C  C2  . GOL J 3 .   ? 0.890   8.785   -15.314 1.00 78.53  ? 309 GOL A C2  1 
HETATM 1566 O  O2  . GOL J 3 .   ? -0.175  8.745   -16.269 1.00 81.08  ? 309 GOL A O2  1 
HETATM 1567 C  C3  . GOL J 3 .   ? 2.043   7.925   -15.833 1.00 78.19  ? 309 GOL A C3  1 
HETATM 1568 O  O3  . GOL J 3 .   ? 2.558   8.425   -17.056 1.00 77.72  ? 309 GOL A O3  1 
HETATM 1569 O  O   . HOH K 4 .   ? -0.910  -4.032  -11.667 1.00 40.54  ? 310 HOH A O   1 
HETATM 1570 O  O   . HOH K 4 .   ? -2.147  -5.418  -6.356  1.00 27.43  ? 311 HOH A O   1 
HETATM 1571 O  O   . HOH K 4 .   ? -4.798  -3.050  -4.324  1.00 21.23  ? 312 HOH A O   1 
HETATM 1572 O  O   . HOH K 4 .   ? -10.337 -6.743  -5.353  1.00 45.98  ? 313 HOH A O   1 
HETATM 1573 O  O   . HOH K 4 .   ? -7.029  -7.981  1.217   1.00 30.11  ? 314 HOH A O   1 
HETATM 1574 O  O   . HOH K 4 .   ? -1.261  -3.724  1.990   1.00 21.32  ? 315 HOH A O   1 
HETATM 1575 O  O   . HOH K 4 .   ? -3.317  -5.343  0.537   1.00 24.53  ? 316 HOH A O   1 
HETATM 1576 O  O   . HOH K 4 .   ? -7.696  -4.841  1.968   1.00 33.85  ? 317 HOH A O   1 
HETATM 1577 O  O   . HOH K 4 .   ? -8.888  -0.171  9.293   1.00 45.66  ? 318 HOH A O   1 
HETATM 1578 O  O   . HOH K 4 .   ? -7.495  16.223  -0.242  1.00 21.63  ? 319 HOH A O   1 
HETATM 1579 O  O   . HOH K 4 .   ? -7.362  18.749  1.022   1.00 38.99  ? 320 HOH A O   1 
HETATM 1580 O  O   . HOH K 4 .   ? -4.973  23.290  -5.248  1.00 49.33  ? 321 HOH A O   1 
HETATM 1581 O  O   . HOH K 4 .   ? -3.659  10.952  -3.967  1.00 35.67  ? 322 HOH A O   1 
HETATM 1582 O  O   . HOH K 4 .   ? -2.243  12.814  -5.593  1.00 64.36  ? 323 HOH A O   1 
HETATM 1583 O  O   . HOH K 4 .   ? -7.396  16.643  -7.112  1.00 24.79  ? 324 HOH A O   1 
HETATM 1584 O  O   . HOH K 4 .   ? -10.099 17.414  -6.883  1.00 24.35  ? 325 HOH A O   1 
HETATM 1585 O  O   . HOH K 4 .   ? -7.013  17.418  -9.777  1.00 27.93  ? 326 HOH A O   1 
HETATM 1586 O  O   . HOH K 4 .   ? -14.418 15.421  -1.437  1.00 47.66  ? 327 HOH A O   1 
HETATM 1587 O  O   . HOH K 4 .   ? -14.033 19.944  -3.363  1.00 79.33  ? 328 HOH A O   1 
HETATM 1588 O  O   . HOH K 4 .   ? 3.116   -2.582  -5.057  1.00 47.37  ? 329 HOH A O   1 
HETATM 1589 O  O   . HOH K 4 .   ? 5.534   -5.802  0.132   1.00 42.52  ? 330 HOH A O   1 
HETATM 1590 O  O   . HOH K 4 .   ? 11.181  -14.411 5.741   1.00 60.34  ? 331 HOH A O   1 
HETATM 1591 O  O   . HOH K 4 .   ? 13.735  18.169  -5.821  1.00 31.29  ? 332 HOH A O   1 
HETATM 1592 O  O   . HOH K 4 .   ? 17.033  15.152  -2.742  1.00 86.20  ? 333 HOH A O   1 
HETATM 1593 O  O   . HOH K 4 .   ? 9.975   -16.851 -13.573 1.00 40.34  ? 334 HOH A O   1 
HETATM 1594 O  O   . HOH K 4 .   ? 9.653   -17.903 -16.159 1.00 41.71  ? 335 HOH A O   1 
HETATM 1595 O  O   . HOH K 4 .   ? 4.952   7.147   -16.221 1.00 24.07  ? 336 HOH A O   1 
HETATM 1596 O  O   . HOH K 4 .   ? 12.208  15.800  1.010   1.00 38.62  ? 337 HOH A O   1 
HETATM 1597 O  O   . HOH K 4 .   ? 8.463   4.374   0.099   1.00 54.23  ? 338 HOH A O   1 
HETATM 1598 O  O   . HOH K 4 .   ? 6.278   5.050   2.288   1.00 43.15  ? 339 HOH A O   1 
HETATM 1599 O  O   . HOH K 4 .   ? -2.311  11.596  9.521   1.00 47.94  ? 340 HOH A O   1 
HETATM 1600 O  O   . HOH K 4 .   ? 1.316   16.055  4.581   1.00 37.35  ? 341 HOH A O   1 
HETATM 1601 O  O   . HOH K 4 .   ? 1.972   18.173  6.528   1.00 60.28  ? 342 HOH A O   1 
HETATM 1602 O  O   . HOH K 4 .   ? -15.179 6.930   2.512   1.00 36.90  ? 343 HOH A O   1 
HETATM 1603 O  O   . HOH K 4 .   ? -17.048 10.129  0.817   1.00 76.63  ? 344 HOH A O   1 
HETATM 1604 O  O   . HOH K 4 .   ? -18.457 -0.754  -2.844  1.00 66.12  ? 345 HOH A O   1 
HETATM 1605 O  O   . HOH K 4 .   ? -17.604 2.168   -2.419  1.00 71.51  ? 346 HOH A O   1 
HETATM 1606 O  O   . HOH K 4 .   ? -14.024 11.525  0.971   1.00 52.28  ? 347 HOH A O   1 
HETATM 1607 O  O   . HOH K 4 .   ? -3.880  18.586  -13.497 1.00 65.10  ? 348 HOH A O   1 
HETATM 1608 O  O   . HOH K 4 .   ? -0.757  13.183  -16.681 1.00 49.36  ? 349 HOH A O   1 
HETATM 1609 O  O   . HOH K 4 .   ? 13.681  9.422   -13.981 1.00 60.27  ? 350 HOH A O   1 
HETATM 1610 O  O   . HOH K 4 .   ? 4.409   -4.119  -8.377  1.00 47.03  ? 351 HOH A O   1 
HETATM 1611 O  O   . HOH K 4 .   ? 2.628   -5.175  -4.253  1.00 37.12  ? 352 HOH A O   1 
HETATM 1612 O  O   . HOH K 4 .   ? 6.017   -14.782 -14.061 1.00 66.33  ? 353 HOH A O   1 
HETATM 1613 O  O   . HOH K 4 .   ? 4.890   -22.518 -11.122 1.00 43.47  ? 354 HOH A O   1 
HETATM 1614 O  O   . HOH K 4 .   ? -4.318  -2.716  -11.381 1.00 40.37  ? 355 HOH A O   1 
HETATM 1615 O  O   . HOH K 4 .   ? -7.087  -9.185  -8.294  1.00 55.50  ? 356 HOH A O   1 
HETATM 1616 O  O   . HOH K 4 .   ? -9.949  13.504  6.121   1.00 27.19  ? 357 HOH A O   1 
HETATM 1617 O  O   . HOH K 4 .   ? -16.430 17.854  -1.230  1.00 71.80  ? 358 HOH A O   1 
HETATM 1618 O  O   . HOH K 4 .   ? -1.877  17.768  13.160  1.00 57.26  ? 359 HOH A O   1 
HETATM 1619 O  O   . HOH K 4 .   ? -4.243  13.739  -16.493 1.00 47.50  ? 360 HOH A O   1 
HETATM 1620 O  O   . HOH K 4 .   ? 7.093   -1.819  -12.437 1.00 73.75  ? 361 HOH A O   1 
HETATM 1621 O  O   . HOH K 4 .   ? -0.617  -1.418  8.374   1.00 57.10  ? 362 HOH A O   1 
HETATM 1622 O  O   . HOH K 4 .   ? 8.934   -21.131 1.198   1.00 59.11  ? 363 HOH A O   1 
HETATM 1623 O  O   . HOH K 4 .   ? -10.663 -2.270  8.233   1.00 49.34  ? 364 HOH A O   1 
HETATM 1624 O  O   . HOH K 4 .   ? 8.022   -1.034  -17.257 1.00 39.80  ? 365 HOH A O   1 
HETATM 1625 O  O   . HOH K 4 .   ? 8.963   -5.997  8.697   1.00 76.57  ? 366 HOH A O   1 
HETATM 1626 O  O   . HOH K 4 .   ? -0.621  -11.080 -14.933 1.00 57.61  ? 367 HOH A O   1 
HETATM 1627 O  O   . HOH K 4 .   ? 2.799   -11.567 -14.955 1.00 62.48  ? 368 HOH A O   1 
HETATM 1628 O  O   . HOH K 4 .   ? -4.447  15.086  13.388  1.00 52.56  ? 369 HOH A O   1 
HETATM 1629 O  O   . HOH K 4 .   ? 14.626  5.842   -14.849 1.00 74.49  ? 370 HOH A O   1 
HETATM 1630 O  O   . HOH K 4 .   ? 6.678   1.282   -19.619 1.00 69.91  ? 371 HOH A O   1 
HETATM 1631 O  O   . HOH K 4 .   ? -7.149  -6.832  3.870   1.00 60.25  ? 372 HOH A O   1 
HETATM 1632 O  O   . HOH K 4 .   ? 4.197   -3.390  2.115   1.00 64.52  ? 373 HOH A O   1 
HETATM 1633 O  O   . HOH K 4 .   ? 12.215  -17.495 -2.569  1.00 61.48  ? 374 HOH A O   1 
HETATM 1634 O  O   . HOH K 4 .   ? 1.081   4.183   19.935  1.00 74.16  ? 375 HOH A O   1 
HETATM 1635 O  O   . HOH K 4 .   ? -3.384  5.802   17.910  1.00 65.59  ? 376 HOH A O   1 
HETATM 1636 O  O   . HOH K 4 .   ? -5.492  4.102   16.344  1.00 67.83  ? 377 HOH A O   1 
HETATM 1637 O  O   . HOH K 4 .   ? -6.157  -10.988 -10.423 1.00 52.66  ? 378 HOH A O   1 
HETATM 1638 O  O   . HOH K 4 .   ? -13.850 -6.789  -1.949  1.00 52.59  ? 379 HOH A O   1 
# 
